data_5FI2
#
_entry.id   5FI2
#
_cell.length_a   98.054
_cell.length_b   138.618
_cell.length_c   176.313
_cell.angle_alpha   90.00
_cell.angle_beta   90.00
_cell.angle_gamma   90.00
#
_symmetry.space_group_name_H-M   'P 21 21 21'
#
loop_
_entity.id
_entity.type
_entity.pdbx_description
1 polymer 'Glutaminase kidney isoform, mitochondrial'
2 non-polymer 2-phenyl-~{N}-[5-[[(3~{R})-1-[5-(2-phenylethanoylamino)-1,3,4-thiadiazol-2-yl]pyrrolidin-3-yl]amino]-1,3,4-thiadiazol-2-yl]ethanamide
3 water water
#
_entity_poly.entity_id   1
_entity_poly.type   'polypeptide(L)'
_entity_poly.pdbx_seq_one_letter_code
;MRGSHHHHHHGSLSSSPSEILQELGKGSTHPQPGVSPPAAPAAPGPKDGPGETDAFGNSEGKELVASGENKIKQGLLPSL
EDLLFYTIAEGQEKIPVHKFITALKSTGLRTSDPRLKECMDMLRLTLQTTSDGVMLDKDLFKKCVQSNIVLLTQAFRRKF
VIPDFMSFTSHIDELYESAKKQSGGKVADYIPQLAKFSPDLWGVSVCTVDGQRHSTGDTKVPFCLQSCVKPLKYAIAVND
LGTEYVHRYVGKEPSGLRFNKLFLNEDDKPHNPMVNAGAIVVTSLIKQGVNNAEKFDYVMQFLNKMAGNEYVGFSNATFQ
SERESGDRNFAIGYYLKEKKCFPEGTDMVGILDFYFQLCSIEVTCESASVMAATLANGGFCPITGERVLSPEAVRNTLSL
MHSCGMYDFSGQFAFHVGLPAKSGVAGGILLVVPNVMGMMCWSPPLDKMGNSVKGIHFCHDLVSLCNFHNYDNLRHFAKK
LDPRREGGDQRHSFGPLDYESLQQELALKETVWKKVSPESNEDISTTVVYRMESLGEKS
;
_entity_poly.pdbx_strand_id   A,B,C,D
#
loop_
_chem_comp.id
_chem_comp.type
_chem_comp.name
_chem_comp.formula
5XX non-polymer 2-phenyl-~{N}-[5-[[(3~{R})-1-[5-(2-phenylethanoylamino)-1,3,4-thiadiazol-2-yl]pyrrolidin-3-yl]amino]-1,3,4-thiadiazol-2-yl]ethanamide 'C24 H24 N8 O2 S2'
#
# COMPACT_ATOMS: atom_id res chain seq x y z
N PRO A 78 16.29 34.23 26.95
CA PRO A 78 17.06 33.27 27.74
C PRO A 78 17.66 32.21 26.83
N SER A 79 18.83 32.48 26.25
CA SER A 79 19.42 31.60 25.24
C SER A 79 19.80 30.25 25.84
N LEU A 80 20.19 29.31 24.99
CA LEU A 80 20.65 28.02 25.49
C LEU A 80 21.91 28.28 26.32
N GLU A 81 22.92 28.86 25.68
CA GLU A 81 24.23 29.14 26.27
C GLU A 81 24.21 29.67 27.71
N ASP A 82 23.50 30.75 27.97
CA ASP A 82 23.47 31.25 29.34
C ASP A 82 22.70 30.37 30.33
N LEU A 83 21.61 29.74 29.91
CA LEU A 83 20.94 28.82 30.83
C LEU A 83 21.70 27.52 31.11
N LEU A 84 22.49 27.05 30.17
CA LEU A 84 23.36 25.93 30.49
C LEU A 84 24.46 26.43 31.37
N PHE A 85 24.90 27.65 31.11
CA PHE A 85 25.92 28.28 31.92
C PHE A 85 25.59 28.21 33.40
N TYR A 86 24.34 28.47 33.77
CA TYR A 86 23.97 28.46 35.19
C TYR A 86 23.98 27.06 35.77
N THR A 87 23.75 26.06 34.92
CA THR A 87 23.81 24.66 35.34
C THR A 87 25.18 24.32 35.91
N ILE A 88 26.24 24.56 35.14
CA ILE A 88 27.57 24.26 35.62
C ILE A 88 28.06 25.32 36.59
N ALA A 89 27.50 26.53 36.49
CA ALA A 89 27.96 27.65 37.31
C ALA A 89 27.69 27.41 38.79
N GLU A 90 26.70 26.56 39.09
CA GLU A 90 26.36 26.19 40.46
C GLU A 90 25.74 27.36 41.23
N GLY A 91 26.01 28.59 40.78
CA GLY A 91 25.51 29.78 41.44
C GLY A 91 26.61 30.80 41.55
N GLN A 92 27.75 30.45 40.95
CA GLN A 92 28.92 31.33 40.98
C GLN A 92 28.97 32.22 39.75
N GLU A 93 29.86 33.21 39.78
CA GLU A 93 29.96 34.22 38.73
C GLU A 93 30.75 33.76 37.51
N LYS A 94 31.71 32.88 37.78
CA LYS A 94 32.75 32.45 36.83
C LYS A 94 32.91 30.90 36.94
N ILE A 95 33.25 30.22 35.83
CA ILE A 95 33.34 28.72 35.78
C ILE A 95 34.77 28.28 35.57
N PRO A 96 35.25 27.33 36.39
CA PRO A 96 36.60 26.84 36.08
C PRO A 96 36.60 26.12 34.73
N VAL A 97 37.64 26.34 33.95
CA VAL A 97 37.75 25.66 32.67
C VAL A 97 37.80 24.16 32.93
N HIS A 98 38.66 23.73 33.87
CA HIS A 98 38.79 22.31 34.16
C HIS A 98 37.49 21.74 34.72
N LYS A 99 36.71 22.59 35.38
CA LYS A 99 35.43 22.17 35.95
C LYS A 99 34.42 21.95 34.84
N PHE A 100 34.57 22.70 33.76
CA PHE A 100 33.71 22.51 32.61
C PHE A 100 34.10 21.25 31.87
N ILE A 101 35.39 21.07 31.69
CA ILE A 101 35.93 19.94 30.96
C ILE A 101 35.60 18.65 31.69
N THR A 102 35.79 18.66 33.00
CA THR A 102 35.51 17.48 33.80
C THR A 102 34.04 17.10 33.72
N ALA A 103 33.17 18.11 33.66
CA ALA A 103 31.74 17.89 33.60
C ALA A 103 31.36 17.36 32.22
N LEU A 104 32.08 17.85 31.21
CA LEU A 104 31.84 17.44 29.84
C LEU A 104 32.21 15.98 29.63
N LYS A 105 33.38 15.61 30.14
CA LYS A 105 33.89 14.25 30.08
C LYS A 105 32.96 13.28 30.79
N SER A 106 32.44 13.73 31.92
CA SER A 106 31.59 12.92 32.77
C SER A 106 30.34 12.43 32.03
N THR A 107 29.91 13.15 31.01
CA THR A 107 28.79 12.69 30.21
C THR A 107 29.22 11.53 29.30
N GLY A 108 30.51 11.26 29.22
CA GLY A 108 31.01 10.28 28.27
C GLY A 108 31.56 10.82 26.97
N LEU A 109 31.31 12.09 26.65
CA LEU A 109 31.92 12.67 25.46
C LEU A 109 33.41 12.81 25.69
N ARG A 110 34.18 12.58 24.63
CA ARG A 110 35.59 12.91 24.66
C ARG A 110 35.76 14.34 24.23
N THR A 111 36.76 15.01 24.77
CA THR A 111 37.04 16.39 24.39
C THR A 111 37.42 16.48 22.92
N SER A 112 37.99 15.40 22.38
CA SER A 112 38.40 15.33 20.98
C SER A 112 37.28 14.96 20.00
N ASP A 113 36.06 14.80 20.50
CA ASP A 113 34.88 14.59 19.67
C ASP A 113 34.83 15.59 18.51
N PRO A 114 34.77 15.10 17.26
CA PRO A 114 34.66 15.98 16.10
C PRO A 114 33.46 16.95 16.12
N ARG A 115 32.38 16.65 16.85
CA ARG A 115 31.27 17.62 16.92
C ARG A 115 31.55 18.73 17.92
N LEU A 116 32.63 18.62 18.68
CA LEU A 116 32.95 19.60 19.70
C LEU A 116 34.17 20.43 19.36
N LYS A 117 34.59 20.40 18.10
CA LYS A 117 35.89 20.98 17.74
C LYS A 117 35.95 22.49 17.89
N GLU A 118 34.94 23.18 17.37
CA GLU A 118 34.89 24.63 17.44
C GLU A 118 34.97 25.15 18.87
N CYS A 119 34.26 24.49 19.76
CA CYS A 119 34.24 24.84 21.16
C CYS A 119 35.56 24.52 21.86
N MET A 120 36.20 23.43 21.47
CA MET A 120 37.49 23.07 22.05
C MET A 120 38.63 23.96 21.55
N ASP A 121 38.57 24.37 20.29
CA ASP A 121 39.55 25.29 19.73
C ASP A 121 39.42 26.64 20.45
N MET A 122 38.19 27.05 20.66
CA MET A 122 37.91 28.33 21.29
C MET A 122 38.35 28.33 22.75
N LEU A 123 38.26 27.20 23.43
CA LEU A 123 38.72 27.12 24.80
C LEU A 123 40.23 27.16 24.84
N ARG A 124 40.86 26.52 23.86
CA ARG A 124 42.30 26.49 23.80
C ARG A 124 42.82 27.88 23.49
N LEU A 125 42.15 28.55 22.57
CA LEU A 125 42.52 29.86 22.13
C LEU A 125 42.42 30.84 23.29
N THR A 126 41.36 30.68 24.07
CA THR A 126 41.08 31.54 25.21
C THR A 126 42.17 31.39 26.25
N LEU A 127 42.63 30.16 26.45
CA LEU A 127 43.71 29.90 27.40
C LEU A 127 44.98 30.61 26.99
N GLN A 128 45.14 30.83 25.69
CA GLN A 128 46.28 31.54 25.18
C GLN A 128 46.14 33.02 25.47
N THR A 129 45.01 33.57 25.00
CA THR A 129 44.78 35.00 25.00
C THR A 129 44.37 35.52 26.38
N THR A 130 44.10 34.60 27.29
CA THR A 130 43.79 34.97 28.66
C THR A 130 44.48 34.02 29.60
N SER A 131 45.80 34.18 29.76
CA SER A 131 46.51 33.49 30.82
C SER A 131 46.15 34.11 32.18
N ASP A 132 45.47 35.24 32.12
CA ASP A 132 44.82 35.84 33.29
C ASP A 132 43.56 35.07 33.71
N GLY A 133 43.73 33.80 34.11
CA GLY A 133 42.57 33.01 34.49
C GLY A 133 42.89 31.74 35.24
N VAL A 134 42.31 30.63 34.79
CA VAL A 134 41.46 30.60 33.62
C VAL A 134 39.97 30.26 33.99
N MET A 135 39.08 31.26 33.91
CA MET A 135 37.64 31.01 34.16
C MET A 135 36.74 31.82 33.20
N LEU A 136 35.60 31.22 32.86
CA LEU A 136 34.73 31.68 31.78
C LEU A 136 33.58 32.53 32.32
N ASP A 137 33.48 33.75 31.82
CA ASP A 137 32.33 34.60 32.08
C ASP A 137 31.12 34.01 31.37
N LYS A 138 29.94 34.51 31.70
CA LYS A 138 28.74 34.14 30.96
C LYS A 138 28.93 34.37 29.46
N ASP A 139 29.55 35.49 29.11
CA ASP A 139 29.77 35.85 27.73
C ASP A 139 30.96 35.14 27.12
N LEU A 140 31.95 34.81 27.95
CA LEU A 140 33.10 34.07 27.47
C LEU A 140 32.71 32.63 27.20
N PHE A 141 32.05 32.03 28.20
CA PHE A 141 31.47 30.70 28.07
C PHE A 141 30.61 30.65 26.82
N LYS A 142 29.79 31.67 26.63
CA LYS A 142 28.93 31.74 25.47
C LYS A 142 29.74 31.69 24.18
N LYS A 143 30.88 32.39 24.17
CA LYS A 143 31.68 32.50 22.96
C LYS A 143 32.38 31.17 22.62
N CYS A 144 32.63 30.35 23.62
CA CYS A 144 33.24 29.06 23.37
C CYS A 144 32.24 28.00 22.92
N VAL A 145 31.18 27.83 23.71
CA VAL A 145 30.24 26.74 23.52
C VAL A 145 29.15 26.98 22.47
N GLN A 146 29.04 28.20 21.95
CA GLN A 146 27.89 28.58 21.15
C GLN A 146 27.72 27.74 19.88
N SER A 147 28.82 27.46 19.19
CA SER A 147 28.74 26.77 17.91
C SER A 147 28.40 25.29 18.09
N ASN A 148 28.62 24.76 19.30
CA ASN A 148 28.34 23.36 19.60
C ASN A 148 27.29 23.22 20.69
N ILE A 149 26.31 24.12 20.67
CA ILE A 149 25.49 24.35 21.85
C ILE A 149 24.44 23.26 22.02
N VAL A 150 23.87 22.79 20.92
CA VAL A 150 22.81 21.77 20.93
C VAL A 150 23.31 20.46 21.53
N LEU A 151 24.46 20.02 21.08
CA LEU A 151 25.10 18.83 21.60
C LEU A 151 25.43 18.97 23.08
N LEU A 152 25.94 20.13 23.46
CA LEU A 152 26.40 20.35 24.81
C LEU A 152 25.22 20.34 25.79
N THR A 153 24.09 20.86 25.33
CA THR A 153 22.88 20.84 26.13
C THR A 153 22.44 19.40 26.39
N GLN A 154 22.21 18.65 25.32
CA GLN A 154 21.77 17.26 25.43
C GLN A 154 22.68 16.50 26.36
N ALA A 155 23.97 16.77 26.26
CA ALA A 155 24.96 16.14 27.11
C ALA A 155 24.78 16.52 28.58
N PHE A 156 24.47 17.78 28.83
CA PHE A 156 24.39 18.25 30.21
C PHE A 156 22.98 18.13 30.80
N ARG A 157 21.95 18.18 29.97
CA ARG A 157 20.60 17.86 30.41
C ARG A 157 20.29 16.35 30.40
N ARG A 158 21.32 15.51 30.49
CA ARG A 158 21.17 14.07 30.62
C ARG A 158 20.24 13.42 29.58
N LYS A 159 20.21 13.96 28.39
CA LYS A 159 19.29 13.44 27.39
C LYS A 159 19.97 12.47 26.45
N PHE A 160 21.17 12.04 26.81
CA PHE A 160 21.88 11.06 26.01
C PHE A 160 21.29 9.67 26.23
N VAL A 161 21.59 8.74 25.35
CA VAL A 161 20.91 7.45 25.41
C VAL A 161 21.22 6.73 26.72
N ILE A 162 22.43 6.93 27.24
CA ILE A 162 22.76 6.49 28.59
C ILE A 162 23.10 7.67 29.51
N PRO A 163 22.11 8.13 30.30
CA PRO A 163 22.20 9.30 31.19
C PRO A 163 23.35 9.23 32.19
N ASP A 164 23.43 8.14 32.93
CA ASP A 164 24.50 7.93 33.90
C ASP A 164 25.55 7.04 33.29
N PHE A 165 26.38 7.64 32.45
CA PHE A 165 27.37 6.91 31.72
C PHE A 165 28.47 6.44 32.65
N MET A 166 28.67 7.17 33.73
CA MET A 166 29.72 6.80 34.65
C MET A 166 29.41 5.48 35.30
N SER A 167 28.20 5.36 35.80
CA SER A 167 27.79 4.16 36.49
C SER A 167 27.90 2.99 35.53
N PHE A 168 27.36 3.18 34.32
CA PHE A 168 27.46 2.20 33.25
C PHE A 168 28.89 1.73 32.96
N THR A 169 29.84 2.66 32.84
CA THR A 169 31.21 2.26 32.54
C THR A 169 31.85 1.46 33.70
N SER A 170 31.40 1.70 34.92
CA SER A 170 31.90 0.91 36.03
C SER A 170 31.43 -0.53 35.90
N HIS A 171 30.22 -0.71 35.40
CA HIS A 171 29.67 -2.03 35.09
C HIS A 171 30.42 -2.72 33.95
N ILE A 172 30.67 -1.97 32.88
CA ILE A 172 31.49 -2.45 31.77
C ILE A 172 32.84 -2.97 32.27
N ASP A 173 33.48 -2.20 33.15
CA ASP A 173 34.76 -2.59 33.74
C ASP A 173 34.67 -3.87 34.53
N GLU A 174 33.55 -4.08 35.21
CA GLU A 174 33.39 -5.26 36.04
C GLU A 174 33.21 -6.46 35.16
N LEU A 175 32.38 -6.29 34.12
CA LEU A 175 32.22 -7.30 33.08
C LEU A 175 33.56 -7.62 32.46
N TYR A 176 34.35 -6.58 32.20
CA TYR A 176 35.69 -6.74 31.66
C TYR A 176 36.57 -7.60 32.56
N GLU A 177 36.56 -7.29 33.87
CA GLU A 177 37.41 -8.01 34.80
C GLU A 177 37.00 -9.46 34.96
N SER A 178 35.73 -9.74 34.72
CA SER A 178 35.25 -11.09 34.87
C SER A 178 35.69 -11.95 33.70
N ALA A 179 35.51 -11.45 32.50
CA ALA A 179 35.93 -12.15 31.30
C ALA A 179 37.46 -12.28 31.25
N LYS A 180 38.16 -11.35 31.89
CA LYS A 180 39.61 -11.39 31.92
C LYS A 180 40.14 -12.62 32.63
N LYS A 181 39.36 -13.13 33.58
CA LYS A 181 39.74 -14.32 34.33
C LYS A 181 39.52 -15.60 33.55
N GLN A 182 38.82 -15.49 32.42
CA GLN A 182 38.53 -16.61 31.54
C GLN A 182 39.68 -16.82 30.55
N SER A 183 40.59 -17.73 30.89
CA SER A 183 41.90 -17.77 30.24
C SER A 183 42.07 -18.83 29.14
N GLY A 184 41.03 -19.62 28.88
CA GLY A 184 41.12 -20.69 27.89
C GLY A 184 41.00 -20.28 26.42
N GLY A 185 41.11 -21.26 25.53
CA GLY A 185 41.01 -20.99 24.10
C GLY A 185 42.35 -21.01 23.41
N LYS A 186 42.33 -21.02 22.09
CA LYS A 186 43.57 -21.08 21.33
C LYS A 186 43.63 -19.98 20.30
N VAL A 187 44.71 -19.23 20.34
CA VAL A 187 45.00 -18.22 19.35
C VAL A 187 45.10 -18.86 17.96
N ALA A 188 44.53 -18.20 16.96
CA ALA A 188 44.60 -18.68 15.60
C ALA A 188 46.04 -18.70 15.14
N ASP A 189 46.45 -19.75 14.44
CA ASP A 189 47.86 -19.83 14.09
C ASP A 189 48.08 -20.32 12.66
N TYR A 190 47.06 -20.24 11.83
CA TYR A 190 47.17 -20.79 10.49
C TYR A 190 48.00 -19.87 9.59
N ILE A 191 48.19 -18.62 10.01
CA ILE A 191 49.21 -17.77 9.42
C ILE A 191 50.02 -17.12 10.54
N PRO A 192 51.28 -16.79 10.27
CA PRO A 192 52.17 -16.28 11.33
C PRO A 192 51.75 -14.92 11.89
N GLN A 193 50.82 -14.23 11.24
CA GLN A 193 50.42 -12.90 11.68
C GLN A 193 49.30 -12.92 12.72
N LEU A 194 48.92 -14.10 13.19
CA LEU A 194 47.94 -14.19 14.26
C LEU A 194 48.50 -15.03 15.38
N ALA A 195 49.40 -15.94 15.02
CA ALA A 195 50.14 -16.71 16.01
C ALA A 195 50.94 -15.75 16.87
N LYS A 196 51.28 -14.59 16.30
CA LYS A 196 52.12 -13.62 16.97
C LYS A 196 51.42 -12.96 18.17
N PHE A 197 50.11 -12.74 18.06
CA PHE A 197 49.37 -11.99 19.08
C PHE A 197 49.29 -12.71 20.42
N SER A 198 49.69 -12.02 21.48
CA SER A 198 49.58 -12.54 22.84
C SER A 198 48.17 -13.05 23.15
N PRO A 199 48.08 -14.15 23.88
CA PRO A 199 46.79 -14.67 24.34
C PRO A 199 46.16 -13.78 25.41
N ASP A 200 46.93 -12.84 25.94
CA ASP A 200 46.50 -12.08 27.12
C ASP A 200 45.98 -10.70 26.79
N LEU A 201 46.12 -10.29 25.54
CA LEU A 201 45.48 -9.08 25.09
C LEU A 201 43.96 -9.21 25.20
N TRP A 202 43.34 -8.25 25.86
CA TRP A 202 41.91 -8.26 26.04
C TRP A 202 41.44 -6.81 26.10
N GLY A 203 40.62 -6.44 25.13
CA GLY A 203 40.13 -5.08 25.05
C GLY A 203 38.67 -4.91 24.73
N VAL A 204 38.04 -3.92 25.34
CA VAL A 204 36.63 -3.67 25.11
C VAL A 204 36.37 -2.18 24.93
N SER A 205 35.73 -1.82 23.83
CA SER A 205 35.40 -0.44 23.63
C SER A 205 33.93 -0.24 23.37
N VAL A 206 33.43 0.89 23.81
CA VAL A 206 32.04 1.22 23.68
C VAL A 206 31.89 2.55 22.99
N CYS A 207 30.93 2.65 22.09
CA CYS A 207 30.52 3.96 21.62
C CYS A 207 29.00 4.00 21.52
N THR A 208 28.38 4.93 22.22
CA THR A 208 26.94 5.01 22.18
C THR A 208 26.49 5.69 20.91
N VAL A 209 25.19 5.65 20.63
CA VAL A 209 24.69 6.31 19.44
C VAL A 209 24.77 7.83 19.61
N ASP A 210 25.05 8.30 20.83
CA ASP A 210 25.26 9.73 21.05
C ASP A 210 26.73 10.09 21.11
N GLY A 211 27.60 9.14 20.82
CA GLY A 211 29.02 9.38 20.80
C GLY A 211 29.71 9.31 22.14
N GLN A 212 29.06 8.75 23.14
CA GLN A 212 29.72 8.59 24.44
C GLN A 212 30.66 7.41 24.39
N ARG A 213 31.81 7.55 25.03
CA ARG A 213 32.91 6.62 24.81
C ARG A 213 33.46 6.03 26.07
N HIS A 214 33.83 4.76 26.00
CA HIS A 214 34.57 4.14 27.07
C HIS A 214 35.36 2.96 26.55
N SER A 215 36.47 2.69 27.20
CA SER A 215 37.41 1.67 26.78
C SER A 215 38.07 1.11 28.01
N THR A 216 38.32 -0.19 28.00
CA THR A 216 39.08 -0.77 29.09
C THR A 216 39.94 -1.88 28.51
N GLY A 217 41.16 -2.02 29.03
CA GLY A 217 42.09 -3.00 28.48
C GLY A 217 42.83 -2.53 27.25
N ASP A 218 43.19 -3.48 26.39
CA ASP A 218 44.04 -3.22 25.23
C ASP A 218 43.27 -2.73 23.98
N THR A 219 42.82 -1.48 24.03
CA THR A 219 41.85 -1.02 23.06
C THR A 219 42.46 -0.18 21.94
N LYS A 220 43.78 -0.06 21.99
CA LYS A 220 44.50 0.71 20.98
C LYS A 220 45.50 -0.16 20.24
N VAL A 221 45.48 -1.47 20.51
CA VAL A 221 46.30 -2.41 19.75
C VAL A 221 45.56 -2.71 18.47
N PRO A 222 46.24 -2.52 17.33
CA PRO A 222 45.58 -2.83 16.06
C PRO A 222 45.55 -4.35 15.79
N PHE A 223 44.46 -4.81 15.21
CA PHE A 223 44.30 -6.20 14.80
C PHE A 223 43.48 -6.20 13.54
N CYS A 224 43.48 -7.32 12.82
CA CYS A 224 42.72 -7.41 11.58
C CYS A 224 41.25 -7.74 11.83
N LEU A 225 40.39 -7.10 11.06
CA LEU A 225 38.98 -7.33 11.12
C LEU A 225 38.67 -8.78 10.84
N GLN A 226 39.30 -9.31 9.80
CA GLN A 226 39.01 -10.62 9.29
C GLN A 226 37.54 -10.72 8.94
N SER A 227 36.81 -11.66 9.55
CA SER A 227 35.40 -11.82 9.19
C SER A 227 34.50 -10.73 9.73
N CYS A 228 35.00 -9.95 10.69
CA CYS A 228 34.24 -8.82 11.21
C CYS A 228 33.95 -7.82 10.09
N VAL A 229 34.69 -7.91 8.99
CA VAL A 229 34.50 -7.03 7.86
C VAL A 229 33.33 -7.47 6.96
N LYS A 230 32.92 -8.73 7.08
CA LYS A 230 31.84 -9.24 6.24
C LYS A 230 30.54 -8.44 6.29
N PRO A 231 30.03 -8.11 7.50
CA PRO A 231 28.84 -7.26 7.53
C PRO A 231 29.07 -5.83 6.99
N LEU A 232 30.27 -5.32 7.19
CA LEU A 232 30.63 -3.99 6.73
C LEU A 232 30.62 -3.90 5.21
N LYS A 233 31.14 -4.91 4.52
CA LYS A 233 31.16 -4.86 3.06
C LYS A 233 29.82 -5.26 2.49
N TYR A 234 29.08 -6.10 3.22
CA TYR A 234 27.71 -6.37 2.84
C TYR A 234 26.87 -5.10 2.95
N ALA A 235 27.06 -4.34 4.03
CA ALA A 235 26.34 -3.07 4.19
C ALA A 235 26.68 -2.08 3.07
N ILE A 236 27.94 -2.01 2.67
CA ILE A 236 28.32 -1.14 1.56
C ILE A 236 27.60 -1.53 0.26
N ALA A 237 27.61 -2.83 -0.03
CA ALA A 237 26.93 -3.39 -1.18
C ALA A 237 25.44 -3.07 -1.21
N VAL A 238 24.75 -3.26 -0.08
CA VAL A 238 23.31 -3.02 -0.03
C VAL A 238 23.01 -1.54 -0.16
N ASN A 239 23.88 -0.75 0.44
CA ASN A 239 23.85 0.68 0.31
C ASN A 239 23.95 1.17 -1.15
N ASP A 240 24.88 0.60 -1.92
CA ASP A 240 25.12 1.07 -3.28
C ASP A 240 24.15 0.49 -4.30
N LEU A 241 23.62 -0.69 -4.01
CA LEU A 241 22.92 -1.47 -5.00
C LEU A 241 21.51 -1.86 -4.58
N GLY A 242 21.25 -1.85 -3.28
CA GLY A 242 19.93 -2.18 -2.79
C GLY A 242 19.85 -3.65 -2.47
N THR A 243 18.90 -4.00 -1.62
CA THR A 243 18.65 -5.36 -1.16
C THR A 243 18.38 -6.36 -2.28
N GLU A 244 17.46 -5.98 -3.16
CA GLU A 244 16.93 -6.88 -4.17
C GLU A 244 18.06 -7.36 -5.10
N TYR A 245 18.92 -6.44 -5.51
CA TYR A 245 20.02 -6.79 -6.37
C TYR A 245 21.02 -7.70 -5.65
N VAL A 246 21.42 -7.31 -4.46
CA VAL A 246 22.43 -8.03 -3.72
C VAL A 246 21.99 -9.45 -3.51
N HIS A 247 20.72 -9.63 -3.18
CA HIS A 247 20.23 -10.95 -2.81
C HIS A 247 19.74 -11.79 -3.99
N ARG A 248 20.00 -11.31 -5.22
CA ARG A 248 20.04 -12.17 -6.40
C ARG A 248 21.24 -13.07 -6.35
N TYR A 249 22.24 -12.67 -5.58
CA TYR A 249 23.53 -13.34 -5.58
C TYR A 249 23.83 -14.05 -4.27
N VAL A 250 23.14 -13.69 -3.22
CA VAL A 250 23.43 -14.24 -1.91
C VAL A 250 22.15 -14.29 -1.11
N GLY A 251 21.99 -15.33 -0.30
CA GLY A 251 20.76 -15.54 0.44
C GLY A 251 20.73 -14.75 1.73
N LYS A 252 19.69 -14.97 2.52
CA LYS A 252 19.47 -14.19 3.71
C LYS A 252 19.15 -15.01 4.94
N GLU A 253 19.67 -16.24 4.98
CA GLU A 253 19.36 -17.17 6.06
C GLU A 253 20.56 -17.93 6.57
N PRO A 254 20.53 -18.33 7.85
CA PRO A 254 21.57 -19.21 8.33
C PRO A 254 21.51 -20.53 7.58
N SER A 255 22.65 -21.17 7.39
CA SER A 255 22.68 -22.44 6.71
C SER A 255 21.99 -23.52 7.54
N GLY A 256 22.22 -23.46 8.84
CA GLY A 256 21.59 -24.39 9.76
C GLY A 256 22.53 -25.33 10.50
N LEU A 257 23.78 -24.91 10.67
CA LEU A 257 24.75 -25.53 11.57
C LEU A 257 25.30 -26.88 11.08
N ARG A 258 24.64 -27.54 10.13
CA ARG A 258 25.21 -28.76 9.55
C ARG A 258 24.94 -28.79 8.05
N PHE A 259 24.87 -27.60 7.47
CA PHE A 259 25.21 -27.42 6.07
C PHE A 259 26.32 -26.38 6.04
N ASN A 260 27.19 -26.50 7.05
CA ASN A 260 28.45 -25.74 7.21
C ASN A 260 29.35 -25.71 6.00
N LYS A 261 29.48 -26.89 5.40
CA LYS A 261 30.50 -27.17 4.42
C LYS A 261 30.02 -26.85 3.04
N LEU A 262 28.70 -26.77 2.90
CA LEU A 262 28.11 -26.54 1.60
C LEU A 262 28.27 -25.07 1.25
N PHE A 263 28.66 -24.81 0.02
CA PHE A 263 28.93 -23.45 -0.37
C PHE A 263 27.62 -22.80 -0.78
N LEU A 264 26.68 -23.60 -1.29
CA LEU A 264 25.49 -23.03 -1.90
C LEU A 264 24.22 -23.58 -1.32
N ASN A 265 23.20 -22.74 -1.23
CA ASN A 265 21.89 -23.22 -0.88
C ASN A 265 21.28 -23.83 -2.12
N GLU A 266 20.01 -24.21 -2.04
CA GLU A 266 19.41 -24.97 -3.11
C GLU A 266 19.08 -24.11 -4.33
N ASP A 267 19.18 -22.79 -4.19
CA ASP A 267 19.01 -21.90 -5.32
C ASP A 267 20.35 -21.56 -5.96
N ASP A 268 21.38 -22.33 -5.62
CA ASP A 268 22.74 -22.10 -6.08
C ASP A 268 23.28 -20.72 -5.71
N LYS A 269 22.89 -20.26 -4.53
CA LYS A 269 23.42 -19.06 -3.93
C LYS A 269 24.04 -19.40 -2.58
N PRO A 270 25.15 -18.74 -2.23
CA PRO A 270 25.76 -18.85 -0.89
C PRO A 270 24.68 -18.54 0.18
N HIS A 271 24.67 -19.11 1.38
CA HIS A 271 23.36 -19.05 2.04
C HIS A 271 23.11 -17.66 2.63
N ASN A 272 24.18 -16.94 2.94
CA ASN A 272 24.11 -15.63 3.52
C ASN A 272 25.47 -14.95 3.37
N PRO A 273 25.52 -13.63 3.57
CA PRO A 273 26.76 -12.86 3.41
C PRO A 273 27.78 -13.02 4.53
N MET A 274 27.46 -13.73 5.60
CA MET A 274 28.40 -13.86 6.71
C MET A 274 29.22 -15.14 6.64
N VAL A 275 28.94 -16.00 5.66
CA VAL A 275 29.80 -17.15 5.42
C VAL A 275 30.78 -16.77 4.31
N ASN A 276 31.93 -17.44 4.24
CA ASN A 276 33.01 -17.05 3.32
C ASN A 276 32.57 -17.00 1.88
N ALA A 277 31.83 -18.01 1.45
CA ALA A 277 31.31 -18.06 0.09
C ALA A 277 30.39 -16.88 -0.18
N GLY A 278 29.58 -16.53 0.82
CA GLY A 278 28.67 -15.41 0.72
C GLY A 278 29.40 -14.09 0.70
N ALA A 279 30.36 -13.95 1.62
CA ALA A 279 31.25 -12.81 1.62
C ALA A 279 32.02 -12.65 0.31
N ILE A 280 32.53 -13.74 -0.24
CA ILE A 280 33.29 -13.69 -1.50
C ILE A 280 32.40 -13.18 -2.63
N VAL A 281 31.13 -13.59 -2.65
CA VAL A 281 30.21 -13.09 -3.66
C VAL A 281 29.85 -11.61 -3.42
N VAL A 282 29.65 -11.22 -2.17
CA VAL A 282 29.37 -9.81 -1.87
C VAL A 282 30.55 -8.94 -2.33
N THR A 283 31.75 -9.41 -2.03
CA THR A 283 32.97 -8.74 -2.43
C THR A 283 32.97 -8.49 -3.93
N SER A 284 32.38 -9.40 -4.68
CA SER A 284 32.37 -9.34 -6.13
C SER A 284 31.34 -8.35 -6.66
N LEU A 285 30.57 -7.75 -5.77
CA LEU A 285 29.50 -6.87 -6.22
C LEU A 285 29.88 -5.41 -6.06
N ILE A 286 30.78 -5.14 -5.12
CA ILE A 286 31.17 -3.77 -4.75
C ILE A 286 32.02 -3.13 -5.83
N LYS A 287 31.55 -2.00 -6.36
CA LYS A 287 32.36 -1.17 -7.25
C LYS A 287 32.80 -1.92 -8.49
N GLN A 288 31.89 -2.65 -9.10
CA GLN A 288 32.20 -3.42 -10.30
C GLN A 288 32.74 -2.51 -11.38
N GLY A 289 33.76 -2.95 -12.10
CA GLY A 289 34.28 -2.17 -13.21
C GLY A 289 35.61 -1.48 -13.01
N VAL A 290 35.91 -1.03 -11.80
CA VAL A 290 37.19 -0.41 -11.50
C VAL A 290 38.16 -1.47 -11.00
N ASN A 291 39.44 -1.14 -10.89
CA ASN A 291 40.41 -2.15 -10.48
C ASN A 291 40.44 -2.27 -8.97
N ASN A 292 41.18 -3.24 -8.46
CA ASN A 292 41.19 -3.54 -7.04
C ASN A 292 41.74 -2.39 -6.19
N ALA A 293 42.63 -1.60 -6.76
CA ALA A 293 43.25 -0.50 -6.04
C ALA A 293 42.19 0.51 -5.62
N GLU A 294 41.40 0.94 -6.59
CA GLU A 294 40.32 1.86 -6.34
C GLU A 294 39.23 1.21 -5.52
N LYS A 295 38.96 -0.06 -5.83
CA LYS A 295 37.98 -0.84 -5.10
C LYS A 295 38.32 -0.82 -3.62
N PHE A 296 39.58 -1.06 -3.31
CA PHE A 296 40.04 -1.04 -1.94
C PHE A 296 39.94 0.36 -1.34
N ASP A 297 40.30 1.37 -2.13
CA ASP A 297 40.24 2.76 -1.69
C ASP A 297 38.81 3.15 -1.37
N TYR A 298 37.91 2.73 -2.25
CA TYR A 298 36.49 2.96 -2.05
C TYR A 298 35.98 2.32 -0.75
N VAL A 299 36.38 1.08 -0.46
CA VAL A 299 35.94 0.46 0.76
C VAL A 299 36.62 1.12 1.97
N MET A 300 37.86 1.58 1.79
CA MET A 300 38.59 2.23 2.87
C MET A 300 38.05 3.61 3.28
N GLN A 301 37.86 4.55 2.35
CA GLN A 301 36.96 5.67 2.58
C GLN A 301 35.70 5.40 3.40
N PHE A 302 35.10 4.25 3.14
CA PHE A 302 33.76 4.04 3.61
C PHE A 302 33.90 3.60 5.05
N LEU A 303 34.93 2.83 5.32
CA LEU A 303 35.21 2.42 6.69
C LEU A 303 35.69 3.59 7.52
N ASN A 304 36.43 4.52 6.90
CA ASN A 304 36.84 5.74 7.56
C ASN A 304 35.65 6.50 8.11
N LYS A 305 34.62 6.67 7.28
CA LYS A 305 33.41 7.34 7.72
C LYS A 305 32.66 6.58 8.82
N MET A 306 32.58 5.25 8.70
CA MET A 306 31.85 4.47 9.70
C MET A 306 32.54 4.59 11.05
N ALA A 307 33.85 4.82 11.00
CA ALA A 307 34.68 4.89 12.19
C ALA A 307 34.93 6.32 12.66
N GLY A 308 34.23 7.28 12.06
CA GLY A 308 34.42 8.70 12.36
C GLY A 308 35.87 9.11 12.21
N ASN A 309 36.51 8.59 11.17
CA ASN A 309 37.92 8.79 10.86
C ASN A 309 38.91 8.42 11.94
N GLU A 310 38.54 7.49 12.80
CA GLU A 310 39.53 6.90 13.68
C GLU A 310 40.18 5.74 12.93
N TYR A 311 41.07 5.01 13.60
CA TYR A 311 42.00 4.13 12.93
C TYR A 311 41.41 3.02 12.08
N VAL A 312 41.64 3.12 10.78
CA VAL A 312 41.42 2.02 9.87
C VAL A 312 42.72 1.80 9.11
N GLY A 313 43.37 0.68 9.37
CA GLY A 313 44.65 0.41 8.74
C GLY A 313 44.62 -0.76 7.79
N PHE A 314 45.78 -1.36 7.59
CA PHE A 314 45.92 -2.47 6.70
C PHE A 314 47.13 -3.27 7.07
N SER A 315 46.98 -4.58 7.10
CA SER A 315 48.12 -5.45 7.33
C SER A 315 48.46 -6.14 6.04
N ASN A 316 49.59 -5.76 5.47
CA ASN A 316 50.08 -6.40 4.26
C ASN A 316 50.61 -7.78 4.59
N ALA A 317 51.28 -7.89 5.73
CA ALA A 317 51.80 -9.17 6.20
C ALA A 317 50.70 -10.22 6.33
N THR A 318 49.54 -9.81 6.80
CA THR A 318 48.41 -10.72 6.99
C THR A 318 47.80 -11.06 5.64
N PHE A 319 47.81 -10.09 4.74
CA PHE A 319 47.28 -10.28 3.40
C PHE A 319 48.10 -11.29 2.61
N GLN A 320 49.42 -11.11 2.61
CA GLN A 320 50.31 -12.01 1.91
C GLN A 320 50.16 -13.42 2.44
N SER A 321 50.05 -13.55 3.75
CA SER A 321 49.89 -14.85 4.35
C SER A 321 48.52 -15.44 4.03
N GLU A 322 47.49 -14.61 4.08
CA GLU A 322 46.15 -15.08 3.85
C GLU A 322 45.98 -15.58 2.42
N ARG A 323 46.65 -14.95 1.47
CA ARG A 323 46.50 -15.32 0.06
C ARG A 323 47.34 -16.55 -0.31
N GLU A 324 48.45 -16.75 0.41
CA GLU A 324 49.34 -17.86 0.12
C GLU A 324 48.88 -19.15 0.78
N SER A 325 47.93 -19.03 1.70
CA SER A 325 47.41 -20.21 2.38
C SER A 325 45.88 -20.26 2.35
N GLY A 326 45.28 -19.72 1.29
CA GLY A 326 43.85 -19.72 1.18
C GLY A 326 43.32 -20.72 0.17
N ASP A 327 43.65 -22.00 0.35
CA ASP A 327 43.24 -23.04 -0.59
C ASP A 327 41.74 -23.21 -0.63
N ARG A 328 41.11 -23.20 0.54
CA ARG A 328 39.68 -23.42 0.62
C ARG A 328 38.94 -22.25 0.02
N ASN A 329 39.47 -21.04 0.21
CA ASN A 329 38.88 -19.85 -0.42
C ASN A 329 38.98 -19.92 -1.94
N PHE A 330 40.10 -20.41 -2.45
CA PHE A 330 40.18 -20.69 -3.89
C PHE A 330 39.25 -21.83 -4.33
N ALA A 331 39.13 -22.85 -3.48
CA ALA A 331 38.17 -23.94 -3.70
C ALA A 331 36.76 -23.38 -3.84
N ILE A 332 36.41 -22.48 -2.93
CA ILE A 332 35.14 -21.75 -3.01
C ILE A 332 35.05 -20.90 -4.27
N GLY A 333 36.12 -20.17 -4.59
CA GLY A 333 36.17 -19.34 -5.77
C GLY A 333 35.88 -20.06 -7.06
N TYR A 334 36.48 -21.23 -7.24
CA TYR A 334 36.26 -21.99 -8.45
C TYR A 334 34.86 -22.57 -8.48
N TYR A 335 34.42 -23.11 -7.35
CA TYR A 335 33.05 -23.60 -7.25
C TYR A 335 31.98 -22.58 -7.64
N LEU A 336 32.12 -21.36 -7.14
CA LEU A 336 31.16 -20.28 -7.39
C LEU A 336 31.15 -19.86 -8.86
N LYS A 337 32.35 -19.70 -9.41
CA LYS A 337 32.52 -19.41 -10.82
C LYS A 337 31.86 -20.45 -11.72
N GLU A 338 32.13 -21.72 -11.44
CA GLU A 338 31.54 -22.80 -12.18
C GLU A 338 30.02 -22.81 -12.08
N LYS A 339 29.51 -22.53 -10.88
CA LYS A 339 28.06 -22.47 -10.67
C LYS A 339 27.48 -21.11 -11.07
N LYS A 340 28.32 -20.28 -11.67
CA LYS A 340 27.93 -18.98 -12.20
C LYS A 340 27.28 -18.06 -11.16
N CYS A 341 27.96 -17.91 -10.04
CA CYS A 341 27.41 -17.21 -8.91
C CYS A 341 27.74 -15.73 -8.94
N PHE A 342 28.68 -15.38 -9.80
CA PHE A 342 29.21 -14.04 -9.89
C PHE A 342 28.50 -13.23 -10.96
N PRO A 343 28.60 -11.90 -10.88
CA PRO A 343 28.10 -11.07 -11.98
C PRO A 343 28.93 -11.31 -13.23
N GLU A 344 28.31 -11.21 -14.40
CA GLU A 344 29.07 -11.34 -15.64
C GLU A 344 30.23 -10.35 -15.64
N GLY A 345 31.37 -10.77 -16.16
CA GLY A 345 32.53 -9.91 -16.20
C GLY A 345 33.34 -9.90 -14.92
N THR A 346 33.05 -10.84 -14.03
CA THR A 346 33.83 -10.97 -12.81
C THR A 346 35.16 -11.67 -13.09
N ASP A 347 36.24 -11.07 -12.62
CA ASP A 347 37.53 -11.74 -12.59
C ASP A 347 37.68 -12.37 -11.22
N MET A 348 37.37 -13.67 -11.14
CA MET A 348 37.23 -14.36 -9.86
C MET A 348 38.49 -14.37 -9.01
N VAL A 349 39.62 -14.63 -9.63
CA VAL A 349 40.89 -14.73 -8.93
C VAL A 349 41.25 -13.35 -8.38
N GLY A 350 40.92 -12.31 -9.14
CA GLY A 350 41.03 -10.95 -8.67
C GLY A 350 40.15 -10.62 -7.47
N ILE A 351 38.88 -11.02 -7.52
CA ILE A 351 37.95 -10.90 -6.40
C ILE A 351 38.45 -11.62 -5.15
N LEU A 352 39.07 -12.77 -5.33
CA LEU A 352 39.68 -13.47 -4.20
C LEU A 352 40.78 -12.63 -3.58
N ASP A 353 41.54 -11.96 -4.42
CA ASP A 353 42.65 -11.14 -3.95
C ASP A 353 42.14 -9.92 -3.20
N PHE A 354 41.12 -9.27 -3.76
CA PHE A 354 40.39 -8.20 -3.11
C PHE A 354 39.81 -8.66 -1.76
N TYR A 355 39.19 -9.85 -1.75
CA TYR A 355 38.67 -10.48 -0.54
C TYR A 355 39.72 -10.63 0.57
N PHE A 356 40.92 -11.10 0.25
CA PHE A 356 42.00 -11.21 1.24
C PHE A 356 42.42 -9.85 1.77
N GLN A 357 42.45 -8.85 0.91
CA GLN A 357 42.74 -7.50 1.35
C GLN A 357 41.73 -6.98 2.37
N LEU A 358 40.45 -7.15 2.10
CA LEU A 358 39.41 -6.71 3.03
C LEU A 358 39.48 -7.42 4.36
N CYS A 359 39.94 -8.68 4.37
CA CYS A 359 40.14 -9.43 5.60
C CYS A 359 41.32 -8.91 6.40
N SER A 360 42.24 -8.26 5.72
CA SER A 360 43.49 -7.81 6.34
C SER A 360 43.44 -6.33 6.79
N ILE A 361 42.31 -5.67 6.57
CA ILE A 361 42.08 -4.32 7.05
C ILE A 361 42.08 -4.21 8.59
N GLU A 362 42.87 -3.29 9.14
CA GLU A 362 43.06 -3.22 10.60
C GLU A 362 42.22 -2.16 11.31
N VAL A 363 41.89 -2.44 12.58
CA VAL A 363 41.22 -1.51 13.46
C VAL A 363 41.82 -1.59 14.84
N THR A 364 41.43 -0.68 15.72
CA THR A 364 41.58 -0.93 17.14
C THR A 364 40.18 -1.23 17.69
N CYS A 365 40.09 -1.64 18.94
CA CYS A 365 38.81 -1.75 19.62
C CYS A 365 38.05 -0.46 19.54
N GLU A 366 38.75 0.64 19.81
CA GLU A 366 38.14 1.96 19.81
C GLU A 366 37.50 2.35 18.49
N SER A 367 38.26 2.27 17.40
CA SER A 367 37.74 2.74 16.13
C SER A 367 36.66 1.79 15.62
N ALA A 368 36.82 0.50 15.90
CA ALA A 368 35.82 -0.47 15.50
C ALA A 368 34.51 -0.29 16.29
N SER A 369 34.62 0.07 17.56
CA SER A 369 33.42 0.31 18.37
C SER A 369 32.58 1.44 17.76
N VAL A 370 33.24 2.39 17.10
CA VAL A 370 32.56 3.49 16.44
C VAL A 370 31.88 2.99 15.16
N MET A 371 32.50 2.04 14.47
CA MET A 371 31.87 1.44 13.29
C MET A 371 30.57 0.75 13.69
N ALA A 372 30.63 0.01 14.80
CA ALA A 372 29.51 -0.72 15.34
C ALA A 372 28.39 0.21 15.78
N ALA A 373 28.79 1.34 16.37
CA ALA A 373 27.85 2.38 16.78
C ALA A 373 27.10 3.00 15.60
N THR A 374 27.76 3.12 14.45
CA THR A 374 27.12 3.65 13.26
C THR A 374 26.00 2.74 12.81
N LEU A 375 26.22 1.42 12.95
CA LEU A 375 25.17 0.42 12.71
C LEU A 375 24.09 0.47 13.82
N ALA A 376 24.50 0.75 15.05
CA ALA A 376 23.54 0.91 16.15
C ALA A 376 22.67 2.14 15.95
N ASN A 377 23.23 3.12 15.23
CA ASN A 377 22.62 4.43 15.05
C ASN A 377 21.96 4.61 13.66
N GLY A 378 21.47 3.52 13.07
CA GLY A 378 20.74 3.57 11.81
C GLY A 378 21.50 4.10 10.61
N GLY A 379 22.82 4.11 10.67
CA GLY A 379 23.64 4.54 9.54
C GLY A 379 24.35 5.87 9.70
N PHE A 380 24.06 6.58 10.77
CA PHE A 380 24.75 7.83 11.05
C PHE A 380 25.90 7.55 11.98
N CYS A 381 27.08 8.07 11.64
CA CYS A 381 28.20 7.94 12.54
C CYS A 381 27.96 8.82 13.75
N PRO A 382 28.01 8.23 14.94
CA PRO A 382 27.55 9.02 16.08
C PRO A 382 28.52 10.13 16.51
N ILE A 383 29.79 10.07 16.13
CA ILE A 383 30.74 11.10 16.56
C ILE A 383 30.97 12.16 15.47
N THR A 384 30.38 12.00 14.31
CA THR A 384 30.50 13.04 13.29
C THR A 384 29.14 13.52 12.84
N GLY A 385 28.09 12.76 13.14
CA GLY A 385 26.76 13.07 12.68
C GLY A 385 26.58 12.82 11.19
N GLU A 386 27.56 12.17 10.58
CA GLU A 386 27.53 11.96 9.15
C GLU A 386 26.76 10.71 8.77
N ARG A 387 25.87 10.84 7.78
CA ARG A 387 25.15 9.69 7.27
C ARG A 387 26.12 8.84 6.47
N VAL A 388 26.28 7.60 6.88
CA VAL A 388 27.26 6.74 6.25
C VAL A 388 26.58 5.66 5.43
N LEU A 389 25.59 5.00 6.01
CA LEU A 389 24.85 3.94 5.34
C LEU A 389 23.35 4.21 5.34
N SER A 390 22.64 3.69 4.35
CA SER A 390 21.18 3.74 4.35
C SER A 390 20.59 2.89 5.49
N PRO A 391 19.41 3.28 6.01
CA PRO A 391 18.68 2.45 6.98
C PRO A 391 18.44 1.00 6.51
N GLU A 392 18.18 0.86 5.21
CA GLU A 392 17.99 -0.42 4.58
C GLU A 392 19.27 -1.28 4.66
N ALA A 393 20.41 -0.66 4.38
CA ALA A 393 21.69 -1.32 4.47
C ALA A 393 21.99 -1.80 5.89
N VAL A 394 21.72 -0.97 6.88
CA VAL A 394 22.03 -1.24 8.28
C VAL A 394 21.09 -2.29 8.90
N ARG A 395 19.79 -2.17 8.62
CA ARG A 395 18.82 -3.18 9.02
C ARG A 395 19.13 -4.59 8.49
N ASN A 396 19.36 -4.72 7.18
CA ASN A 396 19.73 -6.00 6.59
C ASN A 396 20.94 -6.57 7.26
N THR A 397 21.92 -5.71 7.51
CA THR A 397 23.18 -6.15 8.09
C THR A 397 22.94 -6.65 9.51
N LEU A 398 22.14 -5.92 10.27
CA LEU A 398 21.87 -6.25 11.65
C LEU A 398 21.02 -7.51 11.75
N SER A 399 20.13 -7.69 10.79
CA SER A 399 19.36 -8.93 10.70
C SER A 399 20.22 -10.16 10.59
N LEU A 400 21.28 -10.06 9.78
CA LEU A 400 22.07 -11.22 9.41
C LEU A 400 23.17 -11.47 10.41
N MET A 401 23.54 -10.45 11.17
CA MET A 401 24.54 -10.64 12.21
C MET A 401 23.87 -11.34 13.37
N HIS A 402 22.62 -10.96 13.63
CA HIS A 402 21.75 -11.69 14.54
C HIS A 402 21.77 -13.20 14.28
N SER A 403 21.47 -13.61 13.05
CA SER A 403 21.28 -15.02 12.76
C SER A 403 22.52 -15.76 12.23
N CYS A 404 23.48 -15.03 11.66
CA CYS A 404 24.56 -15.71 10.95
C CYS A 404 25.96 -15.26 11.33
N GLY A 405 26.09 -14.44 12.36
CA GLY A 405 27.35 -13.74 12.56
C GLY A 405 28.37 -14.39 13.46
N MET A 406 28.03 -15.49 14.09
CA MET A 406 28.90 -16.06 15.12
C MET A 406 29.25 -17.49 14.81
N TYR A 407 29.28 -17.79 13.52
CA TYR A 407 29.59 -19.13 12.99
C TYR A 407 28.62 -20.16 13.53
N ASP A 408 29.14 -21.30 13.98
CA ASP A 408 28.28 -22.37 14.43
C ASP A 408 27.62 -22.05 15.77
N PHE A 409 28.04 -20.98 16.41
CA PHE A 409 27.46 -20.57 17.66
C PHE A 409 26.35 -19.56 17.45
N SER A 410 26.02 -19.30 16.18
CA SER A 410 25.04 -18.30 15.83
C SER A 410 23.68 -18.47 16.49
N GLY A 411 23.13 -19.68 16.50
CA GLY A 411 21.82 -19.92 17.07
C GLY A 411 21.83 -19.79 18.57
N GLN A 412 22.84 -20.40 19.19
CA GLN A 412 23.09 -20.26 20.62
C GLN A 412 23.17 -18.81 21.07
N PHE A 413 23.89 -18.03 20.28
CA PHE A 413 24.19 -16.65 20.57
C PHE A 413 22.95 -15.81 20.44
N ALA A 414 22.21 -16.02 19.36
CA ALA A 414 20.98 -15.27 19.16
C ALA A 414 20.01 -15.56 20.28
N PHE A 415 19.93 -16.84 20.68
CA PHE A 415 19.08 -17.24 21.78
C PHE A 415 19.51 -16.56 23.09
N HIS A 416 20.76 -16.72 23.48
CA HIS A 416 21.14 -16.26 24.82
C HIS A 416 21.53 -14.76 24.92
N VAL A 417 22.08 -14.20 23.86
CA VAL A 417 22.59 -12.84 23.89
C VAL A 417 21.64 -11.91 23.15
N GLY A 418 21.12 -12.40 22.04
CA GLY A 418 20.09 -11.69 21.32
C GLY A 418 20.55 -10.36 20.82
N LEU A 419 21.81 -10.30 20.38
CA LEU A 419 22.38 -9.10 19.79
C LEU A 419 23.02 -9.39 18.44
N PRO A 420 22.87 -8.48 17.48
CA PRO A 420 23.64 -8.59 16.23
C PRO A 420 25.13 -8.49 16.49
N ALA A 421 25.88 -9.47 16.03
CA ALA A 421 27.31 -9.52 16.30
C ALA A 421 28.05 -10.26 15.19
N LYS A 422 29.33 -9.93 15.03
CA LYS A 422 30.16 -10.66 14.09
C LYS A 422 31.53 -10.93 14.71
N SER A 423 31.99 -12.18 14.62
CA SER A 423 33.31 -12.51 15.10
C SER A 423 34.31 -12.65 13.96
N GLY A 424 35.58 -12.67 14.32
CA GLY A 424 36.68 -12.77 13.38
C GLY A 424 37.76 -13.63 13.99
N VAL A 425 38.63 -14.17 13.15
CA VAL A 425 39.60 -15.17 13.59
C VAL A 425 40.75 -14.52 14.37
N ALA A 426 40.84 -13.19 14.29
CA ALA A 426 41.82 -12.45 15.09
C ALA A 426 41.38 -12.25 16.55
N GLY A 427 40.12 -12.54 16.86
CA GLY A 427 39.62 -12.42 18.21
C GLY A 427 38.67 -11.25 18.45
N GLY A 428 38.24 -10.59 17.37
CA GLY A 428 37.31 -9.49 17.47
C GLY A 428 35.87 -9.97 17.49
N ILE A 429 35.04 -9.33 18.29
CA ILE A 429 33.60 -9.48 18.11
C ILE A 429 32.99 -8.10 17.96
N LEU A 430 32.61 -7.77 16.73
CA LEU A 430 31.87 -6.58 16.45
C LEU A 430 30.44 -6.72 16.98
N LEU A 431 30.02 -5.84 17.87
CA LEU A 431 28.76 -6.03 18.57
C LEU A 431 27.87 -4.79 18.51
N VAL A 432 26.59 -4.99 18.22
CA VAL A 432 25.67 -3.89 18.11
C VAL A 432 24.51 -4.01 19.08
N VAL A 433 24.29 -2.97 19.87
CA VAL A 433 23.05 -2.88 20.64
C VAL A 433 22.22 -1.77 20.04
N PRO A 434 21.32 -2.12 19.13
CA PRO A 434 20.51 -1.18 18.37
C PRO A 434 19.90 -0.09 19.25
N ASN A 435 20.05 1.14 18.79
CA ASN A 435 19.51 2.34 19.45
C ASN A 435 20.24 2.70 20.74
N VAL A 436 21.21 1.89 21.14
CA VAL A 436 22.01 2.20 22.30
C VAL A 436 23.49 2.40 21.95
N MET A 437 24.17 1.36 21.53
CA MET A 437 25.61 1.47 21.37
C MET A 437 26.22 0.43 20.47
N GLY A 438 27.48 0.65 20.12
CA GLY A 438 28.25 -0.31 19.38
C GLY A 438 29.42 -0.69 20.24
N MET A 439 29.93 -1.90 20.05
CA MET A 439 31.13 -2.35 20.77
C MET A 439 32.06 -3.15 19.89
N MET A 440 33.33 -3.19 20.30
CA MET A 440 34.24 -4.15 19.77
C MET A 440 34.94 -4.74 20.92
N CYS A 441 34.81 -6.05 21.04
CA CYS A 441 35.53 -6.79 22.07
C CYS A 441 36.62 -7.55 21.35
N TRP A 442 37.86 -7.45 21.85
CA TRP A 442 38.95 -8.17 21.27
C TRP A 442 39.85 -8.93 22.28
N SER A 443 40.08 -10.20 21.95
CA SER A 443 40.92 -11.12 22.69
C SER A 443 41.24 -12.30 21.74
N PRO A 444 42.51 -12.49 21.36
CA PRO A 444 42.91 -13.48 20.35
C PRO A 444 42.50 -14.95 20.59
N PRO A 445 42.50 -15.45 21.84
CA PRO A 445 42.14 -16.87 21.96
C PRO A 445 40.70 -17.19 21.54
N LEU A 446 40.56 -18.20 20.69
CA LEU A 446 39.28 -18.61 20.16
C LEU A 446 38.83 -19.93 20.76
N ASP A 447 37.53 -20.17 20.80
CA ASP A 447 37.00 -21.46 21.22
C ASP A 447 36.92 -22.41 20.03
N LYS A 448 36.38 -23.60 20.25
CA LYS A 448 36.30 -24.62 19.20
C LYS A 448 35.51 -24.16 17.98
N MET A 449 34.67 -23.16 18.17
CA MET A 449 33.85 -22.68 17.07
C MET A 449 34.49 -21.48 16.38
N GLY A 450 35.54 -20.95 16.97
CA GLY A 450 36.27 -19.85 16.37
C GLY A 450 35.97 -18.46 16.92
N ASN A 451 35.17 -18.39 17.98
CA ASN A 451 34.83 -17.12 18.62
C ASN A 451 35.75 -16.82 19.82
N SER A 452 36.10 -15.56 19.99
CA SER A 452 36.90 -15.16 21.15
C SER A 452 36.25 -15.59 22.46
N VAL A 453 37.00 -16.32 23.26
CA VAL A 453 36.52 -16.86 24.50
C VAL A 453 36.02 -15.77 25.43
N LYS A 454 36.87 -14.78 25.67
CA LYS A 454 36.53 -13.67 26.56
C LYS A 454 35.46 -12.78 25.94
N GLY A 455 35.40 -12.71 24.63
CA GLY A 455 34.37 -11.94 23.98
C GLY A 455 32.99 -12.54 24.22
N ILE A 456 32.90 -13.86 24.07
CA ILE A 456 31.66 -14.60 24.22
C ILE A 456 31.19 -14.52 25.66
N HIS A 457 32.13 -14.69 26.57
CA HIS A 457 31.85 -14.63 27.98
C HIS A 457 31.32 -13.25 28.38
N PHE A 458 31.98 -12.22 27.86
CA PHE A 458 31.58 -10.84 28.08
C PHE A 458 30.19 -10.56 27.55
N CYS A 459 29.87 -11.12 26.40
CA CYS A 459 28.60 -10.83 25.75
C CYS A 459 27.44 -11.45 26.51
N HIS A 460 27.64 -12.64 27.02
CA HIS A 460 26.64 -13.30 27.85
C HIS A 460 26.40 -12.50 29.12
N ASP A 461 27.48 -12.18 29.82
CA ASP A 461 27.41 -11.36 31.03
C ASP A 461 26.71 -10.04 30.82
N LEU A 462 26.98 -9.40 29.70
CA LEU A 462 26.44 -8.09 29.44
C LEU A 462 24.92 -8.14 29.34
N VAL A 463 24.39 -9.22 28.80
CA VAL A 463 22.96 -9.27 28.59
C VAL A 463 22.28 -9.85 29.84
N SER A 464 23.05 -10.62 30.62
CA SER A 464 22.62 -11.01 31.96
C SER A 464 22.39 -9.80 32.85
N LEU A 465 23.27 -8.82 32.74
CA LEU A 465 23.22 -7.62 33.56
C LEU A 465 22.15 -6.63 33.09
N CYS A 466 22.18 -6.35 31.80
CA CYS A 466 21.36 -5.30 31.21
C CYS A 466 20.29 -5.82 30.28
N ASN A 467 19.15 -5.14 30.23
CA ASN A 467 18.05 -5.60 29.40
C ASN A 467 18.25 -5.24 27.92
N PHE A 468 19.38 -5.70 27.38
CA PHE A 468 19.77 -5.40 26.01
C PHE A 468 19.42 -6.46 25.00
N HIS A 469 19.02 -7.64 25.48
CA HIS A 469 18.55 -8.71 24.61
C HIS A 469 17.44 -8.19 23.73
N ASN A 470 17.54 -8.49 22.44
CA ASN A 470 16.51 -8.13 21.46
C ASN A 470 15.09 -8.35 21.95
N TYR A 471 14.89 -9.40 22.71
CA TYR A 471 13.55 -9.73 23.12
C TYR A 471 13.41 -9.61 24.61
N ASP A 472 14.33 -8.87 25.24
CA ASP A 472 14.02 -8.30 26.55
C ASP A 472 12.92 -7.25 26.37
N ASN A 473 12.16 -7.02 27.44
CA ASN A 473 11.12 -6.01 27.43
C ASN A 473 11.64 -4.74 28.10
N LEU A 474 11.25 -3.59 27.58
CA LEU A 474 11.76 -2.30 28.05
C LEU A 474 11.02 -1.76 29.26
N ARG A 475 9.94 -2.42 29.64
CA ARG A 475 9.14 -1.99 30.77
C ARG A 475 9.16 -3.05 31.87
N HIS A 476 9.15 -4.33 31.47
CA HIS A 476 9.19 -5.44 32.41
C HIS A 476 10.40 -6.35 32.20
N PHE A 477 11.43 -6.18 33.02
CA PHE A 477 12.71 -6.86 32.82
C PHE A 477 13.35 -7.33 34.12
N ALA A 478 12.52 -7.77 35.04
CA ALA A 478 12.97 -8.43 36.27
C ALA A 478 14.05 -7.66 37.01
N LYS A 479 15.17 -8.34 37.24
CA LYS A 479 16.28 -7.77 37.99
C LYS A 479 17.35 -7.20 37.07
N LYS A 480 17.11 -7.26 35.77
CA LYS A 480 18.06 -6.67 34.85
C LYS A 480 18.11 -5.17 35.06
N LEU A 481 19.29 -4.61 34.85
CA LEU A 481 19.50 -3.18 34.93
C LEU A 481 19.27 -2.57 33.55
N ASP A 482 18.70 -1.37 33.49
CA ASP A 482 18.48 -0.66 32.25
C ASP A 482 19.27 0.65 32.29
N PRO A 483 20.35 0.73 31.51
CA PRO A 483 21.20 1.93 31.47
C PRO A 483 20.57 3.11 30.72
N ARG A 484 19.39 2.92 30.14
CA ARG A 484 18.66 4.00 29.50
C ARG A 484 17.84 4.84 30.47
N ARG A 485 17.79 4.45 31.74
CA ARG A 485 17.02 5.20 32.73
C ARG A 485 17.86 5.63 33.93
N GLU A 486 17.19 5.96 35.01
CA GLU A 486 17.86 6.46 36.20
C GLU A 486 17.21 5.95 37.48
N GLY A 487 16.59 6.88 38.22
CA GLY A 487 15.89 6.59 39.45
C GLY A 487 14.51 6.01 39.15
N PRO B 78 -14.62 47.58 -9.53
CA PRO B 78 -13.20 47.48 -9.18
C PRO B 78 -12.47 46.51 -10.11
N SER B 79 -11.16 46.64 -10.19
CA SER B 79 -10.41 45.82 -11.11
C SER B 79 -9.99 44.54 -10.40
N LEU B 80 -9.94 43.44 -11.14
CA LEU B 80 -9.51 42.17 -10.59
C LEU B 80 -8.16 42.33 -9.87
N GLU B 81 -7.17 42.89 -10.57
CA GLU B 81 -5.84 43.17 -10.00
C GLU B 81 -5.89 43.72 -8.58
N ASP B 82 -6.86 44.58 -8.31
CA ASP B 82 -7.02 45.17 -6.98
C ASP B 82 -7.60 44.18 -6.00
N LEU B 83 -8.72 43.56 -6.38
CA LEU B 83 -9.37 42.57 -5.53
C LEU B 83 -8.38 41.48 -5.13
N LEU B 84 -7.58 41.02 -6.08
CA LEU B 84 -6.60 40.00 -5.79
C LEU B 84 -5.52 40.57 -4.91
N PHE B 85 -5.19 41.83 -5.13
CA PHE B 85 -4.15 42.48 -4.34
C PHE B 85 -4.44 42.38 -2.85
N TYR B 86 -5.67 42.69 -2.46
CA TYR B 86 -6.03 42.71 -1.05
C TYR B 86 -6.04 41.32 -0.42
N THR B 87 -6.28 40.30 -1.24
CA THR B 87 -6.19 38.92 -0.79
C THR B 87 -4.83 38.65 -0.16
N ILE B 88 -3.80 38.83 -0.98
CA ILE B 88 -2.45 38.50 -0.57
C ILE B 88 -1.89 39.61 0.32
N ALA B 89 -2.45 40.80 0.17
CA ALA B 89 -2.03 41.95 0.96
C ALA B 89 -2.23 41.71 2.44
N GLU B 90 -3.14 40.78 2.77
CA GLU B 90 -3.36 40.34 4.15
C GLU B 90 -4.00 41.43 5.02
N GLY B 91 -3.65 42.68 4.73
CA GLY B 91 -4.12 43.82 5.48
C GLY B 91 -3.10 44.92 5.40
N GLN B 92 -1.94 44.58 4.85
CA GLN B 92 -0.85 45.54 4.73
C GLN B 92 -1.02 46.44 3.51
N GLU B 93 -0.14 47.41 3.38
CA GLU B 93 -0.20 48.37 2.28
C GLU B 93 0.60 47.88 1.08
N LYS B 94 1.61 47.07 1.35
CA LYS B 94 2.45 46.51 0.30
C LYS B 94 2.61 45.00 0.45
N ILE B 95 2.85 44.32 -0.66
CA ILE B 95 3.13 42.89 -0.66
C ILE B 95 4.60 42.61 -0.95
N PRO B 96 5.30 41.93 -0.02
CA PRO B 96 6.66 41.50 -0.31
C PRO B 96 6.65 40.57 -1.52
N VAL B 97 7.62 40.73 -2.40
CA VAL B 97 7.65 39.96 -3.65
C VAL B 97 7.71 38.46 -3.35
N HIS B 98 8.59 38.05 -2.46
CA HIS B 98 8.78 36.64 -2.15
C HIS B 98 7.49 36.02 -1.63
N LYS B 99 6.69 36.84 -0.96
CA LYS B 99 5.43 36.40 -0.42
C LYS B 99 4.41 36.17 -1.53
N PHE B 100 4.50 36.96 -2.59
CA PHE B 100 3.64 36.74 -3.75
C PHE B 100 4.07 35.48 -4.49
N ILE B 101 5.39 35.30 -4.62
CA ILE B 101 5.96 34.15 -5.29
C ILE B 101 5.59 32.85 -4.57
N THR B 102 5.73 32.89 -3.25
CA THR B 102 5.41 31.74 -2.42
C THR B 102 3.95 31.37 -2.52
N ALA B 103 3.09 32.39 -2.54
CA ALA B 103 1.65 32.17 -2.64
C ALA B 103 1.30 31.60 -4.00
N LEU B 104 1.97 32.07 -5.03
CA LEU B 104 1.76 31.62 -6.39
C LEU B 104 2.13 30.15 -6.57
N LYS B 105 3.33 29.80 -6.11
CA LYS B 105 3.81 28.44 -6.26
C LYS B 105 2.98 27.43 -5.47
N SER B 106 2.36 27.88 -4.39
CA SER B 106 1.60 26.99 -3.53
C SER B 106 0.29 26.59 -4.19
N THR B 107 -0.10 27.33 -5.22
CA THR B 107 -1.19 26.89 -6.07
C THR B 107 -0.77 25.71 -6.96
N GLY B 108 0.53 25.43 -6.99
CA GLY B 108 1.06 24.42 -7.90
C GLY B 108 1.58 24.95 -9.23
N LEU B 109 1.26 26.19 -9.57
CA LEU B 109 1.84 26.82 -10.74
C LEU B 109 3.34 26.96 -10.55
N ARG B 110 4.08 26.75 -11.63
CA ARG B 110 5.49 27.08 -11.63
C ARG B 110 5.66 28.54 -12.03
N THR B 111 6.66 29.18 -11.47
CA THR B 111 6.97 30.54 -11.87
C THR B 111 7.43 30.58 -13.33
N SER B 112 7.99 29.49 -13.80
CA SER B 112 8.41 29.37 -15.18
C SER B 112 7.31 29.02 -16.15
N ASP B 113 6.07 28.94 -15.67
CA ASP B 113 4.91 28.71 -16.52
C ASP B 113 4.93 29.68 -17.71
N PRO B 114 4.79 29.16 -18.93
CA PRO B 114 4.76 30.01 -20.11
C PRO B 114 3.59 31.00 -20.14
N ARG B 115 2.51 30.74 -19.41
CA ARG B 115 1.40 31.67 -19.36
C ARG B 115 1.68 32.84 -18.40
N LEU B 116 2.68 32.68 -17.54
CA LEU B 116 3.04 33.71 -16.56
C LEU B 116 4.30 34.50 -16.95
N LYS B 117 4.74 34.37 -18.20
CA LYS B 117 5.97 35.03 -18.65
C LYS B 117 5.95 36.56 -18.49
N GLU B 118 4.90 37.22 -18.98
CA GLU B 118 4.77 38.67 -18.89
C GLU B 118 4.86 39.18 -17.45
N CYS B 119 4.15 38.52 -16.56
CA CYS B 119 4.19 38.84 -15.14
C CYS B 119 5.56 38.63 -14.49
N MET B 120 6.23 37.54 -14.84
CA MET B 120 7.54 37.25 -14.27
C MET B 120 8.63 38.12 -14.84
N ASP B 121 8.47 38.55 -16.09
CA ASP B 121 9.42 39.47 -16.70
C ASP B 121 9.33 40.82 -16.02
N MET B 122 8.11 41.27 -15.82
CA MET B 122 7.85 42.53 -15.16
C MET B 122 8.34 42.54 -13.72
N LEU B 123 8.20 41.41 -13.03
CA LEU B 123 8.70 41.29 -11.67
C LEU B 123 10.21 41.31 -11.64
N ARG B 124 10.83 40.67 -12.62
CA ARG B 124 12.28 40.63 -12.66
C ARG B 124 12.81 42.03 -12.98
N LEU B 125 12.13 42.71 -13.90
CA LEU B 125 12.47 44.06 -14.29
C LEU B 125 12.35 45.01 -13.11
N THR B 126 11.23 44.93 -12.42
CA THR B 126 10.99 45.72 -11.22
C THR B 126 12.10 45.52 -10.19
N LEU B 127 12.49 44.28 -9.96
CA LEU B 127 13.59 44.01 -9.03
C LEU B 127 14.87 44.68 -9.46
N GLN B 128 15.00 44.97 -10.75
CA GLN B 128 16.14 45.70 -11.28
C GLN B 128 15.98 47.20 -11.06
N THR B 129 14.85 47.73 -11.49
CA THR B 129 14.61 49.16 -11.53
C THR B 129 14.27 49.72 -10.17
N THR B 130 14.35 48.87 -9.15
CA THR B 130 14.19 49.28 -7.76
C THR B 130 15.04 48.37 -6.90
N SER B 131 16.15 48.88 -6.39
CA SER B 131 16.92 48.13 -5.40
C SER B 131 16.25 48.19 -4.03
N ASP B 132 15.17 48.97 -3.96
CA ASP B 132 14.47 49.19 -2.70
C ASP B 132 13.68 47.96 -2.25
N GLY B 133 12.51 48.23 -1.67
CA GLY B 133 11.57 47.22 -1.21
C GLY B 133 12.19 45.92 -0.71
N VAL B 134 11.99 44.85 -1.47
CA VAL B 134 11.27 44.91 -2.74
C VAL B 134 9.77 44.60 -2.57
N MET B 135 8.95 45.65 -2.41
CA MET B 135 7.54 45.43 -2.12
C MET B 135 6.62 46.12 -3.11
N LEU B 136 5.54 45.43 -3.46
CA LEU B 136 4.65 45.89 -4.51
C LEU B 136 3.55 46.80 -3.98
N ASP B 137 3.50 48.02 -4.49
CA ASP B 137 2.33 48.86 -4.33
C ASP B 137 1.18 48.18 -5.03
N LYS B 138 -0.04 48.52 -4.65
CA LYS B 138 -1.20 48.01 -5.37
C LYS B 138 -1.10 48.42 -6.84
N ASP B 139 -0.55 49.59 -7.07
CA ASP B 139 -0.30 50.08 -8.42
C ASP B 139 0.84 49.33 -9.11
N LEU B 140 1.88 49.02 -8.34
CA LEU B 140 3.03 48.30 -8.86
C LEU B 140 2.66 46.85 -9.16
N PHE B 141 2.02 46.22 -8.19
CA PHE B 141 1.48 44.89 -8.31
C PHE B 141 0.57 44.80 -9.52
N LYS B 142 -0.23 45.83 -9.76
CA LYS B 142 -1.14 45.83 -10.88
C LYS B 142 -0.37 45.81 -12.19
N LYS B 143 0.74 46.53 -12.21
CA LYS B 143 1.59 46.64 -13.39
C LYS B 143 2.20 45.30 -13.76
N CYS B 144 2.56 44.52 -12.75
CA CYS B 144 3.18 43.22 -12.97
C CYS B 144 2.19 42.16 -13.46
N VAL B 145 1.06 42.05 -12.78
CA VAL B 145 0.16 40.94 -12.94
C VAL B 145 -1.02 41.20 -13.88
N GLN B 146 -1.06 42.37 -14.50
CA GLN B 146 -2.22 42.75 -15.29
C GLN B 146 -2.41 41.88 -16.53
N SER B 147 -1.31 41.55 -17.19
CA SER B 147 -1.39 40.82 -18.45
C SER B 147 -1.69 39.34 -18.26
N ASN B 148 -1.48 38.84 -17.05
CA ASN B 148 -1.79 37.45 -16.72
C ASN B 148 -2.84 37.34 -15.62
N ILE B 149 -3.79 38.26 -15.63
CA ILE B 149 -4.60 38.49 -14.45
C ILE B 149 -5.64 37.39 -14.25
N VAL B 150 -6.23 36.93 -15.35
CA VAL B 150 -7.26 35.89 -15.33
C VAL B 150 -6.75 34.60 -14.68
N LEU B 151 -5.60 34.13 -15.15
CA LEU B 151 -5.03 32.90 -14.66
C LEU B 151 -4.63 33.04 -13.19
N LEU B 152 -4.08 34.19 -12.84
CA LEU B 152 -3.63 34.45 -11.48
C LEU B 152 -4.82 34.52 -10.52
N THR B 153 -5.95 34.98 -11.05
CA THR B 153 -7.17 35.01 -10.29
C THR B 153 -7.64 33.59 -10.00
N GLN B 154 -7.85 32.84 -11.07
CA GLN B 154 -8.20 31.43 -10.98
C GLN B 154 -7.29 30.70 -10.00
N ALA B 155 -5.99 30.95 -10.10
CA ALA B 155 -5.01 30.32 -9.20
C ALA B 155 -5.19 30.72 -7.74
N PHE B 156 -5.53 31.97 -7.47
CA PHE B 156 -5.55 32.44 -6.09
C PHE B 156 -6.92 32.31 -5.44
N ARG B 157 -7.95 32.36 -6.28
CA ARG B 157 -9.31 32.09 -5.83
C ARG B 157 -9.63 30.60 -5.79
N ARG B 158 -8.58 29.78 -5.78
CA ARG B 158 -8.70 28.34 -5.56
C ARG B 158 -9.71 27.66 -6.51
N LYS B 159 -9.64 28.04 -7.77
CA LYS B 159 -10.57 27.55 -8.78
C LYS B 159 -9.92 26.56 -9.75
N PHE B 160 -8.75 26.06 -9.39
CA PHE B 160 -8.08 25.07 -10.23
C PHE B 160 -8.69 23.71 -9.95
N VAL B 161 -8.53 22.79 -10.90
CA VAL B 161 -9.18 21.49 -10.82
C VAL B 161 -8.86 20.80 -9.49
N ILE B 162 -7.64 20.93 -9.00
CA ILE B 162 -7.33 20.46 -7.65
C ILE B 162 -6.95 21.67 -6.76
N PRO B 163 -7.93 22.15 -5.97
CA PRO B 163 -7.83 23.37 -5.15
C PRO B 163 -6.69 23.33 -4.15
N ASP B 164 -6.67 22.28 -3.33
CA ASP B 164 -5.62 22.12 -2.34
C ASP B 164 -4.53 21.24 -2.94
N PHE B 165 -3.72 21.84 -3.79
CA PHE B 165 -2.69 21.10 -4.49
C PHE B 165 -1.60 20.63 -3.55
N MET B 166 -1.31 21.42 -2.54
CA MET B 166 -0.29 21.05 -1.57
C MET B 166 -0.64 19.75 -0.88
N SER B 167 -1.90 19.60 -0.51
CA SER B 167 -2.32 18.39 0.19
C SER B 167 -2.23 17.20 -0.72
N PHE B 168 -2.70 17.38 -1.95
CA PHE B 168 -2.58 16.36 -2.98
C PHE B 168 -1.13 15.90 -3.26
N THR B 169 -0.19 16.83 -3.46
CA THR B 169 1.21 16.47 -3.73
C THR B 169 1.77 15.67 -2.56
N SER B 170 1.33 15.98 -1.35
CA SER B 170 1.78 15.21 -0.21
C SER B 170 1.30 13.77 -0.32
N HIS B 171 0.11 13.59 -0.90
CA HIS B 171 -0.43 12.25 -1.15
C HIS B 171 0.23 11.54 -2.34
N ILE B 172 0.63 12.31 -3.33
CA ILE B 172 1.41 11.75 -4.43
C ILE B 172 2.72 11.18 -3.90
N ASP B 173 3.36 11.94 -3.02
CA ASP B 173 4.63 11.57 -2.43
C ASP B 173 4.50 10.29 -1.62
N GLU B 174 3.37 10.08 -1.00
CA GLU B 174 3.24 8.90 -0.17
C GLU B 174 3.02 7.68 -1.03
N LEU B 175 2.27 7.83 -2.12
CA LEU B 175 2.08 6.76 -3.07
C LEU B 175 3.43 6.43 -3.71
N TYR B 176 4.20 7.48 -3.99
CA TYR B 176 5.53 7.33 -4.55
C TYR B 176 6.41 6.46 -3.65
N GLU B 177 6.48 6.83 -2.37
CA GLU B 177 7.27 6.09 -1.39
C GLU B 177 6.80 4.66 -1.21
N SER B 178 5.52 4.42 -1.46
CA SER B 178 4.97 3.09 -1.31
C SER B 178 5.35 2.22 -2.50
N ALA B 179 5.31 2.77 -3.71
CA ALA B 179 5.72 2.01 -4.88
C ALA B 179 7.23 1.83 -4.89
N LYS B 180 7.91 2.70 -4.17
CA LYS B 180 9.37 2.72 -4.13
C LYS B 180 9.93 1.50 -3.44
N LYS B 181 9.15 0.88 -2.57
CA LYS B 181 9.63 -0.30 -1.88
C LYS B 181 9.31 -1.58 -2.65
N GLN B 182 8.84 -1.42 -3.88
CA GLN B 182 8.51 -2.56 -4.74
C GLN B 182 9.64 -2.84 -5.75
N SER B 183 10.66 -3.57 -5.32
CA SER B 183 11.88 -3.64 -6.12
C SER B 183 11.98 -4.88 -7.01
N GLY B 184 10.86 -5.55 -7.27
CA GLY B 184 10.87 -6.68 -8.18
C GLY B 184 10.86 -6.26 -9.64
N GLY B 185 10.83 -7.23 -10.55
CA GLY B 185 10.84 -6.95 -11.98
C GLY B 185 12.22 -6.95 -12.59
N LYS B 186 12.28 -6.96 -13.91
CA LYS B 186 13.57 -7.00 -14.61
C LYS B 186 13.65 -5.97 -15.71
N VAL B 187 14.73 -5.22 -15.70
CA VAL B 187 14.99 -4.22 -16.72
C VAL B 187 15.05 -4.87 -18.10
N ALA B 188 14.43 -4.24 -19.08
CA ALA B 188 14.32 -4.79 -20.43
C ALA B 188 15.66 -5.02 -21.10
N ASP B 189 16.17 -6.25 -21.03
CA ASP B 189 17.56 -6.53 -21.39
C ASP B 189 17.83 -6.45 -22.89
N TYR B 190 16.75 -6.39 -23.67
CA TYR B 190 16.80 -6.50 -25.13
C TYR B 190 17.93 -5.66 -25.64
N ILE B 191 18.78 -6.30 -26.44
CA ILE B 191 20.02 -5.72 -26.95
C ILE B 191 20.66 -4.72 -25.98
N PRO B 192 21.60 -5.22 -25.16
CA PRO B 192 22.04 -4.39 -24.03
C PRO B 192 22.41 -2.96 -24.40
N GLN B 193 21.42 -2.05 -24.37
CA GLN B 193 21.84 -0.77 -23.85
C GLN B 193 20.75 0.06 -23.15
N LEU B 194 19.47 -0.33 -23.13
CA LEU B 194 18.58 0.30 -22.14
C LEU B 194 19.02 -0.18 -20.73
N ALA B 195 19.84 -1.23 -20.69
CA ALA B 195 20.32 -1.82 -19.43
C ALA B 195 21.33 -0.92 -18.77
N LYS B 196 21.59 0.20 -19.40
CA LYS B 196 22.66 1.05 -18.95
C LYS B 196 22.19 1.86 -17.76
N PHE B 197 20.92 2.25 -17.71
CA PHE B 197 20.43 2.92 -16.51
C PHE B 197 19.61 1.97 -15.60
N SER B 198 19.79 2.17 -14.29
CA SER B 198 19.57 1.16 -13.27
C SER B 198 18.11 0.82 -12.94
N PRO B 199 17.91 -0.30 -12.21
CA PRO B 199 16.59 -0.63 -11.68
C PRO B 199 16.16 0.23 -10.50
N ASP B 200 16.96 1.23 -10.11
CA ASP B 200 16.62 2.02 -8.95
C ASP B 200 15.95 3.33 -9.30
N LEU B 201 16.04 3.72 -10.56
CA LEU B 201 15.41 4.96 -11.01
C LEU B 201 13.90 4.87 -10.95
N TRP B 202 13.29 5.86 -10.30
CA TRP B 202 11.86 5.86 -10.09
C TRP B 202 11.38 7.28 -9.91
N GLY B 203 10.50 7.70 -10.80
CA GLY B 203 10.02 9.07 -10.76
C GLY B 203 8.60 9.22 -11.23
N VAL B 204 7.93 10.22 -10.69
CA VAL B 204 6.54 10.46 -10.98
C VAL B 204 6.28 11.93 -11.15
N SER B 205 5.71 12.32 -12.29
CA SER B 205 5.43 13.73 -12.52
C SER B 205 3.97 13.95 -12.78
N VAL B 206 3.46 15.06 -12.27
CA VAL B 206 2.07 15.41 -12.43
C VAL B 206 1.93 16.74 -13.14
N CYS B 207 1.02 16.79 -14.10
CA CYS B 207 0.59 18.06 -14.65
C CYS B 207 -0.92 18.05 -14.74
N THR B 208 -1.57 18.99 -14.04
CA THR B 208 -3.03 19.05 -14.07
C THR B 208 -3.48 19.71 -15.36
N VAL B 209 -4.79 19.67 -15.60
CA VAL B 209 -5.33 20.33 -16.78
C VAL B 209 -5.27 21.84 -16.61
N ASP B 210 -4.90 22.31 -15.41
CA ASP B 210 -4.72 23.74 -15.19
C ASP B 210 -3.24 24.16 -15.12
N GLY B 211 -2.35 23.20 -15.29
CA GLY B 211 -0.92 23.48 -15.35
C GLY B 211 -0.21 23.35 -14.03
N GLN B 212 -0.86 22.81 -13.03
CA GLN B 212 -0.23 22.62 -11.73
C GLN B 212 0.75 21.47 -11.83
N ARG B 213 1.92 21.64 -11.25
CA ARG B 213 3.00 20.71 -11.46
C ARG B 213 3.46 20.11 -10.15
N HIS B 214 3.78 18.82 -10.20
CA HIS B 214 4.51 18.21 -9.10
C HIS B 214 5.33 17.03 -9.57
N SER B 215 6.53 16.91 -9.02
CA SER B 215 7.43 15.82 -9.34
C SER B 215 8.02 15.25 -8.07
N THR B 216 8.32 13.96 -8.10
CA THR B 216 9.00 13.32 -6.99
C THR B 216 9.83 12.17 -7.53
N GLY B 217 11.09 12.10 -7.09
CA GLY B 217 12.01 11.10 -7.61
C GLY B 217 12.71 11.51 -8.89
N ASP B 218 13.07 10.52 -9.68
CA ASP B 218 13.97 10.75 -10.79
C ASP B 218 13.25 11.23 -12.04
N THR B 219 12.78 12.47 -12.00
CA THR B 219 11.85 12.98 -12.98
C THR B 219 12.45 13.85 -14.07
N LYS B 220 13.73 14.13 -13.98
CA LYS B 220 14.38 14.84 -15.06
C LYS B 220 15.44 13.98 -15.75
N VAL B 221 15.33 12.68 -15.59
CA VAL B 221 16.17 11.74 -16.33
C VAL B 221 15.51 11.39 -17.64
N PRO B 222 16.21 11.55 -18.75
CA PRO B 222 15.62 11.24 -20.04
C PRO B 222 15.55 9.73 -20.31
N PHE B 223 14.46 9.28 -20.92
CA PHE B 223 14.25 7.90 -21.28
C PHE B 223 13.39 7.85 -22.54
N CYS B 224 13.45 6.76 -23.28
CA CYS B 224 12.71 6.70 -24.54
C CYS B 224 11.25 6.37 -24.32
N LEU B 225 10.39 7.04 -25.07
CA LEU B 225 8.98 6.77 -25.02
C LEU B 225 8.69 5.31 -25.28
N GLN B 226 9.34 4.77 -26.30
CA GLN B 226 9.07 3.42 -26.77
C GLN B 226 7.60 3.33 -27.13
N SER B 227 6.86 2.38 -26.55
CA SER B 227 5.46 2.18 -26.91
C SER B 227 4.55 3.25 -26.33
N CYS B 228 5.07 4.05 -25.42
CA CYS B 228 4.34 5.19 -24.89
C CYS B 228 4.04 6.20 -25.99
N VAL B 229 4.81 6.14 -27.08
CA VAL B 229 4.60 7.06 -28.21
C VAL B 229 3.45 6.63 -29.11
N LYS B 230 3.01 5.39 -29.00
CA LYS B 230 1.92 4.87 -29.83
C LYS B 230 0.62 5.70 -29.72
N PRO B 231 0.12 5.96 -28.51
CA PRO B 231 -1.07 6.83 -28.48
C PRO B 231 -0.83 8.25 -29.04
N LEU B 232 0.37 8.77 -28.87
CA LEU B 232 0.74 10.12 -29.32
C LEU B 232 0.75 10.22 -30.83
N LYS B 233 1.31 9.23 -31.50
CA LYS B 233 1.36 9.29 -32.96
C LYS B 233 0.02 8.87 -33.57
N TYR B 234 -0.71 8.00 -32.89
CA TYR B 234 -2.10 7.73 -33.29
C TYR B 234 -2.95 9.02 -33.17
N ALA B 235 -2.78 9.76 -32.08
CA ALA B 235 -3.54 11.01 -31.93
C ALA B 235 -3.22 12.01 -33.03
N ILE B 236 -1.96 12.02 -33.47
CA ILE B 236 -1.49 12.88 -34.54
C ILE B 236 -2.16 12.49 -35.86
N ALA B 237 -2.14 11.20 -36.16
CA ALA B 237 -2.79 10.65 -37.33
C ALA B 237 -4.27 11.01 -37.40
N VAL B 238 -5.01 10.78 -36.34
CA VAL B 238 -6.44 11.07 -36.33
C VAL B 238 -6.69 12.58 -36.45
N ASN B 239 -5.88 13.36 -35.75
CA ASN B 239 -5.95 14.80 -35.84
C ASN B 239 -5.83 15.28 -37.28
N ASP B 240 -4.88 14.74 -38.03
CA ASP B 240 -4.62 15.20 -39.40
C ASP B 240 -5.55 14.60 -40.44
N LEU B 241 -6.04 13.40 -40.16
CA LEU B 241 -6.66 12.58 -41.19
C LEU B 241 -8.12 12.26 -40.90
N GLY B 242 -8.50 12.29 -39.63
CA GLY B 242 -9.84 11.91 -39.23
C GLY B 242 -9.91 10.46 -38.77
N THR B 243 -10.97 10.12 -38.07
CA THR B 243 -11.18 8.77 -37.56
C THR B 243 -11.50 7.78 -38.67
N GLU B 244 -12.24 8.24 -39.67
CA GLU B 244 -12.69 7.37 -40.73
C GLU B 244 -11.52 6.84 -41.55
N TYR B 245 -10.61 7.72 -41.93
CA TYR B 245 -9.43 7.34 -42.69
C TYR B 245 -8.57 6.40 -41.91
N VAL B 246 -8.17 6.83 -40.72
CA VAL B 246 -7.24 6.04 -39.92
C VAL B 246 -7.77 4.62 -39.72
N HIS B 247 -9.07 4.48 -39.52
CA HIS B 247 -9.64 3.19 -39.21
C HIS B 247 -10.10 2.39 -40.43
N ARG B 248 -9.73 2.84 -41.62
CA ARG B 248 -9.65 1.93 -42.76
C ARG B 248 -8.44 1.05 -42.62
N TYR B 249 -7.49 1.48 -41.80
CA TYR B 249 -6.19 0.86 -41.78
C TYR B 249 -5.89 0.16 -40.48
N VAL B 250 -6.58 0.54 -39.43
CA VAL B 250 -6.35 -0.08 -38.14
C VAL B 250 -7.69 -0.21 -37.41
N GLY B 251 -7.82 -1.23 -36.57
CA GLY B 251 -9.03 -1.44 -35.80
C GLY B 251 -9.17 -0.61 -34.54
N LYS B 252 -10.28 -0.82 -33.83
CA LYS B 252 -10.69 -0.05 -32.67
C LYS B 252 -10.78 -0.88 -31.39
N GLU B 253 -10.38 -2.15 -31.45
CA GLU B 253 -10.69 -3.06 -30.34
C GLU B 253 -9.48 -3.77 -29.78
N PRO B 254 -9.53 -4.12 -28.49
CA PRO B 254 -8.47 -4.97 -27.95
C PRO B 254 -8.45 -6.29 -28.71
N SER B 255 -7.28 -6.89 -28.87
CA SER B 255 -7.16 -8.13 -29.62
C SER B 255 -7.98 -9.24 -28.95
N GLY B 256 -8.35 -8.99 -27.71
CA GLY B 256 -9.34 -9.78 -27.02
C GLY B 256 -8.71 -10.95 -26.26
N LEU B 257 -9.24 -11.23 -25.07
CA LEU B 257 -8.55 -12.01 -24.02
C LEU B 257 -7.05 -11.69 -23.95
N ARG B 258 -6.32 -12.05 -25.02
CA ARG B 258 -5.03 -11.42 -25.43
C ARG B 258 -4.18 -12.16 -26.47
N PHE B 259 -4.73 -12.43 -27.64
CA PHE B 259 -3.82 -12.92 -28.69
C PHE B 259 -3.14 -11.73 -29.34
N ASN B 260 -1.89 -11.51 -29.00
CA ASN B 260 -1.17 -10.71 -29.96
C ASN B 260 -0.04 -11.59 -30.42
N LYS B 261 -0.40 -12.85 -30.55
CA LYS B 261 0.22 -13.72 -31.50
C LYS B 261 -0.12 -13.17 -32.87
N LEU B 262 -1.40 -12.85 -33.10
CA LEU B 262 -1.82 -12.42 -34.43
C LEU B 262 -1.58 -10.92 -34.70
N PHE B 263 -1.30 -10.60 -35.96
CA PHE B 263 -1.03 -9.24 -36.39
C PHE B 263 -2.33 -8.62 -36.89
N LEU B 264 -3.19 -9.45 -37.47
CA LEU B 264 -4.40 -8.95 -38.09
C LEU B 264 -5.65 -9.52 -37.43
N ASN B 265 -6.72 -8.75 -37.46
CA ASN B 265 -8.02 -9.26 -37.09
C ASN B 265 -8.67 -9.84 -38.33
N GLU B 266 -9.96 -10.15 -38.27
CA GLU B 266 -10.58 -10.86 -39.38
C GLU B 266 -10.85 -9.98 -40.60
N ASP B 267 -10.69 -8.68 -40.45
CA ASP B 267 -10.82 -7.78 -41.59
C ASP B 267 -9.46 -7.46 -42.20
N ASP B 268 -8.44 -8.19 -41.77
CA ASP B 268 -7.06 -8.02 -42.21
C ASP B 268 -6.52 -6.63 -41.88
N LYS B 269 -6.90 -6.16 -40.70
CA LYS B 269 -6.42 -4.92 -40.18
C LYS B 269 -5.81 -5.23 -38.84
N PRO B 270 -4.71 -4.58 -38.50
CA PRO B 270 -4.22 -4.76 -37.12
C PRO B 270 -5.32 -4.40 -36.11
N HIS B 271 -5.24 -4.94 -34.91
CA HIS B 271 -6.41 -4.92 -34.03
C HIS B 271 -6.80 -3.54 -33.53
N ASN B 272 -5.79 -2.74 -33.26
CA ASN B 272 -5.92 -1.43 -32.67
C ASN B 272 -4.54 -0.77 -32.83
N PRO B 273 -4.44 0.53 -32.57
CA PRO B 273 -3.18 1.29 -32.68
C PRO B 273 -2.18 1.06 -31.54
N MET B 274 -2.53 0.33 -30.51
CA MET B 274 -1.60 0.18 -29.42
C MET B 274 -0.80 -1.11 -29.52
N VAL B 275 -1.09 -1.95 -30.52
CA VAL B 275 -0.22 -3.09 -30.74
C VAL B 275 0.82 -2.73 -31.82
N ASN B 276 1.95 -3.42 -31.82
CA ASN B 276 3.04 -3.08 -32.72
C ASN B 276 2.63 -3.04 -34.20
N ALA B 277 1.84 -3.99 -34.67
CA ALA B 277 1.41 -3.97 -36.06
C ALA B 277 0.45 -2.80 -36.31
N GLY B 278 -0.33 -2.44 -35.30
CA GLY B 278 -1.19 -1.28 -35.39
C GLY B 278 -0.42 0.02 -35.36
N ALA B 279 0.61 0.06 -34.52
CA ALA B 279 1.47 1.23 -34.43
C ALA B 279 2.28 1.47 -35.72
N ILE B 280 2.77 0.38 -36.32
CA ILE B 280 3.51 0.42 -37.56
C ILE B 280 2.62 0.92 -38.72
N VAL B 281 1.38 0.48 -38.75
CA VAL B 281 0.45 0.92 -39.77
C VAL B 281 0.06 2.38 -39.54
N VAL B 282 -0.08 2.80 -38.28
CA VAL B 282 -0.40 4.20 -37.99
C VAL B 282 0.78 5.10 -38.42
N THR B 283 1.99 4.63 -38.18
CA THR B 283 3.19 5.33 -38.60
C THR B 283 3.20 5.59 -40.11
N SER B 284 2.69 4.64 -40.87
CA SER B 284 2.71 4.77 -42.32
C SER B 284 1.72 5.80 -42.81
N LEU B 285 0.86 6.27 -41.92
CA LEU B 285 -0.22 7.19 -42.30
C LEU B 285 0.21 8.64 -42.19
N ILE B 286 1.17 8.91 -41.30
CA ILE B 286 1.51 10.26 -40.93
C ILE B 286 2.45 10.92 -41.93
N LYS B 287 1.98 12.03 -42.47
CA LYS B 287 2.79 12.91 -43.31
C LYS B 287 3.29 12.18 -44.55
N GLN B 288 2.36 11.52 -45.23
CA GLN B 288 2.72 10.77 -46.42
C GLN B 288 3.21 11.72 -47.51
N GLY B 289 4.23 11.30 -48.26
CA GLY B 289 4.74 12.10 -49.34
C GLY B 289 6.12 12.69 -49.13
N VAL B 290 6.45 13.04 -47.90
CA VAL B 290 7.76 13.59 -47.57
C VAL B 290 8.65 12.48 -47.06
N ASN B 291 9.94 12.74 -46.95
CA ASN B 291 10.87 11.70 -46.52
C ASN B 291 10.86 11.58 -45.02
N ASN B 292 11.65 10.67 -44.47
CA ASN B 292 11.55 10.37 -43.05
C ASN B 292 12.03 11.47 -42.10
N ALA B 293 13.01 12.27 -42.53
CA ALA B 293 13.52 13.35 -41.70
C ALA B 293 12.47 14.43 -41.51
N GLU B 294 11.73 14.75 -42.56
CA GLU B 294 10.62 15.68 -42.47
C GLU B 294 9.48 15.12 -41.63
N LYS B 295 9.15 13.85 -41.86
CA LYS B 295 8.17 13.13 -41.07
C LYS B 295 8.51 13.17 -39.60
N PHE B 296 9.76 12.89 -39.30
CA PHE B 296 10.23 12.88 -37.93
C PHE B 296 10.19 14.28 -37.32
N ASP B 297 10.62 15.28 -38.08
CA ASP B 297 10.54 16.67 -37.63
C ASP B 297 9.11 17.06 -37.37
N TYR B 298 8.22 16.64 -38.25
CA TYR B 298 6.80 16.94 -38.11
C TYR B 298 6.22 16.38 -36.82
N VAL B 299 6.52 15.13 -36.48
CA VAL B 299 6.02 14.52 -35.27
C VAL B 299 6.70 15.15 -34.06
N MET B 300 7.98 15.47 -34.19
CA MET B 300 8.72 16.10 -33.08
C MET B 300 8.19 17.48 -32.71
N GLN B 301 7.77 18.26 -33.71
CA GLN B 301 7.23 19.58 -33.41
C GLN B 301 5.87 19.43 -32.73
N PHE B 302 5.19 18.35 -33.09
CA PHE B 302 3.88 18.04 -32.54
C PHE B 302 4.03 17.64 -31.08
N LEU B 303 4.98 16.76 -30.83
CA LEU B 303 5.36 16.38 -29.48
C LEU B 303 5.83 17.57 -28.63
N ASN B 304 6.49 18.53 -29.26
CA ASN B 304 6.91 19.75 -28.59
C ASN B 304 5.72 20.57 -28.08
N LYS B 305 4.68 20.67 -28.89
CA LYS B 305 3.46 21.34 -28.48
C LYS B 305 2.70 20.63 -27.34
N MET B 306 2.54 19.31 -27.43
CA MET B 306 1.90 18.53 -26.36
C MET B 306 2.61 18.65 -25.03
N ALA B 307 3.93 18.85 -25.11
CA ALA B 307 4.76 18.95 -23.93
C ALA B 307 4.99 20.40 -23.50
N GLY B 308 4.30 21.34 -24.11
CA GLY B 308 4.46 22.75 -23.79
C GLY B 308 5.90 23.20 -23.90
N ASN B 309 6.59 22.63 -24.89
CA ASN B 309 8.00 22.89 -25.23
C ASN B 309 8.99 22.49 -24.14
N GLU B 310 8.58 21.58 -23.28
CA GLU B 310 9.55 20.94 -22.40
C GLU B 310 10.21 19.79 -23.16
N TYR B 311 11.16 19.13 -22.51
CA TYR B 311 12.09 18.24 -23.20
C TYR B 311 11.45 17.15 -24.08
N VAL B 312 11.77 17.22 -25.36
CA VAL B 312 11.57 16.13 -26.28
C VAL B 312 12.89 15.94 -27.02
N GLY B 313 13.51 14.78 -26.82
CA GLY B 313 14.74 14.51 -27.50
C GLY B 313 14.69 13.23 -28.28
N PHE B 314 15.87 12.71 -28.59
CA PHE B 314 16.02 11.57 -29.44
C PHE B 314 17.23 10.75 -29.02
N SER B 315 17.09 9.44 -28.98
CA SER B 315 18.23 8.60 -28.65
C SER B 315 18.63 7.82 -29.89
N ASN B 316 19.75 8.22 -30.49
CA ASN B 316 20.27 7.51 -31.64
C ASN B 316 20.76 6.14 -31.23
N ALA B 317 21.33 6.05 -30.04
CA ALA B 317 21.82 4.79 -29.50
C ALA B 317 20.71 3.76 -29.47
N THR B 318 19.58 4.13 -28.89
CA THR B 318 18.44 3.25 -28.81
C THR B 318 17.92 2.96 -30.20
N PHE B 319 18.01 3.93 -31.09
CA PHE B 319 17.54 3.74 -32.45
C PHE B 319 18.35 2.70 -33.24
N GLN B 320 19.67 2.85 -33.30
CA GLN B 320 20.50 1.92 -34.08
C GLN B 320 20.27 0.49 -33.65
N SER B 321 20.31 0.35 -32.33
CA SER B 321 19.97 -0.84 -31.62
C SER B 321 18.60 -1.49 -31.90
N GLU B 322 17.54 -0.71 -31.69
CA GLU B 322 16.20 -1.12 -32.07
C GLU B 322 16.15 -1.56 -33.53
N ARG B 323 16.94 -0.89 -34.35
CA ARG B 323 17.00 -1.12 -35.79
C ARG B 323 17.69 -2.43 -36.17
N GLU B 324 18.63 -2.88 -35.35
CA GLU B 324 19.35 -4.10 -35.63
C GLU B 324 18.77 -5.28 -34.86
N SER B 325 17.72 -5.02 -34.10
CA SER B 325 17.11 -6.03 -33.26
C SER B 325 15.61 -6.16 -33.52
N GLY B 326 15.18 -5.75 -34.70
CA GLY B 326 13.76 -5.70 -34.97
C GLY B 326 13.26 -6.75 -35.92
N ASP B 327 13.66 -8.00 -35.70
CA ASP B 327 13.26 -9.08 -36.59
C ASP B 327 11.74 -9.23 -36.58
N ARG B 328 11.16 -9.20 -35.38
CA ARG B 328 9.72 -9.32 -35.25
C ARG B 328 8.99 -8.23 -35.99
N ASN B 329 9.50 -7.00 -35.91
CA ASN B 329 8.90 -5.86 -36.61
C ASN B 329 9.05 -5.94 -38.11
N PHE B 330 10.18 -6.46 -38.57
CA PHE B 330 10.33 -6.76 -39.99
C PHE B 330 9.40 -7.88 -40.42
N ALA B 331 9.25 -8.89 -39.56
CA ALA B 331 8.25 -9.94 -39.79
C ALA B 331 6.82 -9.35 -39.89
N ILE B 332 6.50 -8.36 -39.06
CA ILE B 332 5.19 -7.71 -39.12
C ILE B 332 5.09 -6.85 -40.38
N GLY B 333 6.12 -6.07 -40.64
CA GLY B 333 6.18 -5.27 -41.84
C GLY B 333 5.92 -6.03 -43.12
N TYR B 334 6.56 -7.19 -43.27
CA TYR B 334 6.34 -7.97 -44.48
C TYR B 334 4.95 -8.59 -44.51
N TYR B 335 4.48 -9.03 -43.35
CA TYR B 335 3.13 -9.57 -43.27
C TYR B 335 2.10 -8.53 -43.71
N LEU B 336 2.26 -7.29 -43.24
CA LEU B 336 1.33 -6.21 -43.55
C LEU B 336 1.39 -5.82 -45.00
N LYS B 337 2.60 -5.74 -45.54
CA LYS B 337 2.79 -5.45 -46.95
C LYS B 337 2.05 -6.44 -47.85
N GLU B 338 2.25 -7.72 -47.57
CA GLU B 338 1.68 -8.80 -48.36
C GLU B 338 0.17 -8.82 -48.30
N LYS B 339 -0.35 -8.52 -47.13
CA LYS B 339 -1.79 -8.47 -46.92
C LYS B 339 -2.37 -7.11 -47.23
N LYS B 340 -1.54 -6.21 -47.77
CA LYS B 340 -1.97 -4.93 -48.29
C LYS B 340 -2.61 -4.01 -47.24
N CYS B 341 -1.90 -3.86 -46.14
CA CYS B 341 -2.36 -3.10 -44.99
C CYS B 341 -1.94 -1.61 -45.01
N PHE B 342 -1.00 -1.29 -45.86
CA PHE B 342 -0.44 0.05 -45.93
C PHE B 342 -1.19 0.88 -46.95
N PRO B 343 -1.02 2.21 -46.89
CA PRO B 343 -1.58 3.02 -47.97
C PRO B 343 -0.76 2.87 -49.22
N GLU B 344 -1.42 2.88 -50.38
CA GLU B 344 -0.74 2.82 -51.66
C GLU B 344 0.43 3.80 -51.71
N GLY B 345 1.56 3.36 -52.23
CA GLY B 345 2.72 4.22 -52.34
C GLY B 345 3.59 4.22 -51.09
N THR B 346 3.40 3.21 -50.25
CA THR B 346 4.15 3.08 -49.01
C THR B 346 5.44 2.29 -49.20
N ASP B 347 6.53 2.86 -48.74
CA ASP B 347 7.79 2.15 -48.67
C ASP B 347 7.91 1.56 -47.28
N MET B 348 7.64 0.27 -47.17
CA MET B 348 7.46 -0.41 -45.89
C MET B 348 8.74 -0.46 -45.07
N VAL B 349 9.85 -0.77 -45.70
CA VAL B 349 11.11 -0.87 -44.99
C VAL B 349 11.47 0.50 -44.44
N GLY B 350 11.21 1.54 -45.23
CA GLY B 350 11.33 2.90 -44.77
C GLY B 350 10.46 3.24 -43.58
N ILE B 351 9.20 2.83 -43.63
CA ILE B 351 8.26 3.07 -42.55
C ILE B 351 8.73 2.42 -41.25
N LEU B 352 9.37 1.26 -41.37
CA LEU B 352 9.85 0.54 -40.20
C LEU B 352 10.93 1.33 -39.52
N ASP B 353 11.73 2.02 -40.33
CA ASP B 353 12.83 2.83 -39.87
C ASP B 353 12.33 4.09 -39.18
N PHE B 354 11.32 4.71 -39.77
CA PHE B 354 10.59 5.80 -39.14
C PHE B 354 10.02 5.31 -37.80
N TYR B 355 9.33 4.17 -37.82
CA TYR B 355 8.81 3.55 -36.61
C TYR B 355 9.87 3.35 -35.51
N PHE B 356 11.03 2.83 -35.87
CA PHE B 356 12.13 2.70 -34.91
C PHE B 356 12.56 4.05 -34.30
N GLN B 357 12.54 5.09 -35.12
CA GLN B 357 12.90 6.42 -34.67
C GLN B 357 11.91 6.94 -33.65
N LEU B 358 10.63 6.69 -33.88
CA LEU B 358 9.59 7.21 -33.01
C LEU B 358 9.65 6.54 -31.64
N CYS B 359 10.05 5.29 -31.59
CA CYS B 359 10.25 4.57 -30.33
C CYS B 359 11.44 5.10 -29.55
N SER B 360 12.38 5.67 -30.26
CA SER B 360 13.61 6.15 -29.65
C SER B 360 13.54 7.62 -29.23
N ILE B 361 12.38 8.24 -29.39
CA ILE B 361 12.17 9.63 -28.98
C ILE B 361 12.21 9.70 -27.45
N GLU B 362 12.82 10.75 -26.92
CA GLU B 362 13.12 10.84 -25.49
C GLU B 362 12.32 11.93 -24.80
N VAL B 363 11.88 11.61 -23.58
CA VAL B 363 11.22 12.55 -22.71
C VAL B 363 11.80 12.42 -21.32
N THR B 364 11.36 13.29 -20.42
CA THR B 364 11.57 13.08 -18.98
C THR B 364 10.21 12.80 -18.41
N CYS B 365 10.16 12.42 -17.15
CA CYS B 365 8.88 12.29 -16.47
C CYS B 365 8.08 13.57 -16.54
N GLU B 366 8.77 14.69 -16.39
CA GLU B 366 8.15 16.00 -16.35
C GLU B 366 7.53 16.42 -17.67
N SER B 367 8.30 16.40 -18.75
CA SER B 367 7.77 16.83 -20.03
C SER B 367 6.69 15.84 -20.54
N ALA B 368 6.83 14.56 -20.21
CA ALA B 368 5.85 13.58 -20.64
C ALA B 368 4.53 13.78 -19.91
N SER B 369 4.60 14.21 -18.65
CA SER B 369 3.38 14.44 -17.87
C SER B 369 2.53 15.52 -18.52
N VAL B 370 3.19 16.48 -19.18
CA VAL B 370 2.51 17.57 -19.84
C VAL B 370 1.81 17.06 -21.10
N MET B 371 2.44 16.08 -21.74
CA MET B 371 1.86 15.44 -22.92
C MET B 371 0.56 14.74 -22.55
N ALA B 372 0.62 13.96 -21.47
CA ALA B 372 -0.52 13.27 -20.91
C ALA B 372 -1.61 14.23 -20.43
N ALA B 373 -1.18 15.36 -19.86
CA ALA B 373 -2.10 16.41 -19.42
C ALA B 373 -2.86 17.07 -20.58
N THR B 374 -2.20 17.22 -21.72
CA THR B 374 -2.83 17.68 -22.96
C THR B 374 -3.95 16.74 -23.40
N LEU B 375 -3.69 15.43 -23.28
CA LEU B 375 -4.70 14.41 -23.51
C LEU B 375 -5.80 14.50 -22.46
N ALA B 376 -5.43 14.78 -21.21
CA ALA B 376 -6.42 14.99 -20.14
C ALA B 376 -7.24 16.29 -20.32
N ASN B 377 -6.76 17.20 -21.15
CA ASN B 377 -7.36 18.51 -21.27
C ASN B 377 -7.99 18.73 -22.64
N GLY B 378 -8.55 17.67 -23.21
CA GLY B 378 -9.25 17.74 -24.49
C GLY B 378 -8.44 18.24 -25.66
N GLY B 379 -7.11 18.14 -25.58
CA GLY B 379 -6.26 18.53 -26.68
C GLY B 379 -5.62 19.91 -26.56
N PHE B 380 -5.85 20.59 -25.45
CA PHE B 380 -5.14 21.84 -25.22
C PHE B 380 -3.99 21.57 -24.29
N CYS B 381 -2.78 22.02 -24.65
CA CYS B 381 -1.69 21.95 -23.73
C CYS B 381 -1.97 22.86 -22.53
N PRO B 382 -1.92 22.29 -21.32
CA PRO B 382 -2.26 23.01 -20.09
C PRO B 382 -1.32 24.15 -19.74
N ILE B 383 -0.05 24.07 -20.12
CA ILE B 383 0.88 25.11 -19.70
C ILE B 383 1.15 26.14 -20.79
N THR B 384 0.51 26.00 -21.95
CA THR B 384 0.59 27.07 -22.94
C THR B 384 -0.78 27.55 -23.40
N GLY B 385 -1.82 26.80 -23.10
CA GLY B 385 -3.17 27.16 -23.53
C GLY B 385 -3.37 26.93 -25.01
N GLU B 386 -2.44 26.20 -25.63
CA GLU B 386 -2.44 26.02 -27.08
C GLU B 386 -3.18 24.76 -27.52
N ARG B 387 -3.97 24.86 -28.58
CA ARG B 387 -4.68 23.70 -29.09
C ARG B 387 -3.75 22.80 -29.90
N VAL B 388 -3.49 21.61 -29.38
CA VAL B 388 -2.58 20.71 -30.04
C VAL B 388 -3.29 19.63 -30.83
N LEU B 389 -4.34 19.05 -30.27
CA LEU B 389 -5.06 17.97 -30.93
C LEU B 389 -6.55 18.23 -30.95
N SER B 390 -7.24 17.73 -31.96
CA SER B 390 -8.69 17.82 -32.01
C SER B 390 -9.33 16.98 -30.89
N PRO B 391 -10.56 17.36 -30.47
CA PRO B 391 -11.26 16.56 -29.47
C PRO B 391 -11.48 15.10 -29.89
N GLU B 392 -11.74 14.89 -31.16
CA GLU B 392 -11.87 13.57 -31.77
C GLU B 392 -10.60 12.72 -31.66
N ALA B 393 -9.47 13.32 -31.97
CA ALA B 393 -8.18 12.69 -31.79
C ALA B 393 -7.92 12.27 -30.35
N VAL B 394 -8.22 13.14 -29.39
CA VAL B 394 -7.91 12.89 -27.99
C VAL B 394 -8.85 11.84 -27.37
N ARG B 395 -10.12 11.91 -27.73
CA ARG B 395 -11.12 10.93 -27.31
C ARG B 395 -10.80 9.52 -27.81
N ASN B 396 -10.54 9.40 -29.11
CA ASN B 396 -10.16 8.16 -29.74
C ASN B 396 -8.95 7.53 -29.05
N THR B 397 -8.00 8.38 -28.69
CA THR B 397 -6.76 7.93 -28.07
C THR B 397 -6.99 7.45 -26.66
N LEU B 398 -7.77 8.21 -25.89
CA LEU B 398 -8.11 7.83 -24.53
C LEU B 398 -8.98 6.55 -24.49
N SER B 399 -9.89 6.41 -25.43
CA SER B 399 -10.71 5.19 -25.54
C SER B 399 -9.86 3.93 -25.73
N LEU B 400 -8.78 4.05 -26.51
CA LEU B 400 -7.96 2.91 -26.90
C LEU B 400 -6.85 2.67 -25.90
N MET B 401 -6.48 3.71 -25.16
CA MET B 401 -5.57 3.50 -24.05
C MET B 401 -6.26 2.75 -22.93
N HIS B 402 -7.54 3.06 -22.72
CA HIS B 402 -8.38 2.32 -21.79
C HIS B 402 -8.28 0.80 -21.98
N SER B 403 -8.60 0.33 -23.18
CA SER B 403 -8.74 -1.09 -23.46
C SER B 403 -7.50 -1.82 -23.98
N CYS B 404 -6.54 -1.09 -24.55
CA CYS B 404 -5.44 -1.72 -25.25
C CYS B 404 -4.09 -1.17 -24.83
N GLY B 405 -3.98 -0.51 -23.69
CA GLY B 405 -2.78 0.25 -23.42
C GLY B 405 -1.68 -0.41 -22.62
N MET B 406 -2.02 -1.47 -21.91
CA MET B 406 -1.09 -2.01 -20.94
C MET B 406 -0.71 -3.44 -21.26
N TYR B 407 -0.62 -3.74 -22.54
CA TYR B 407 -0.25 -5.08 -22.98
C TYR B 407 -1.27 -6.14 -22.56
N ASP B 408 -0.79 -7.14 -21.86
CA ASP B 408 -1.64 -8.23 -21.40
C ASP B 408 -2.46 -7.88 -20.18
N PHE B 409 -2.05 -6.79 -19.53
CA PHE B 409 -2.68 -6.35 -18.31
C PHE B 409 -3.79 -5.40 -18.62
N SER B 410 -3.98 -5.11 -19.90
CA SER B 410 -5.01 -4.17 -20.35
C SER B 410 -6.40 -4.40 -19.78
N GLY B 411 -6.88 -5.64 -19.74
CA GLY B 411 -8.22 -5.89 -19.25
C GLY B 411 -8.26 -5.72 -17.75
N GLN B 412 -7.22 -6.23 -17.10
CA GLN B 412 -7.07 -6.20 -15.66
C GLN B 412 -6.89 -4.78 -15.13
N PHE B 413 -6.12 -4.00 -15.86
CA PHE B 413 -5.85 -2.63 -15.54
C PHE B 413 -7.11 -1.80 -15.74
N ALA B 414 -7.86 -2.07 -16.80
CA ALA B 414 -9.04 -1.28 -17.08
C ALA B 414 -10.08 -1.51 -16.00
N PHE B 415 -10.18 -2.76 -15.56
CA PHE B 415 -11.04 -3.14 -14.48
C PHE B 415 -10.62 -2.48 -13.18
N HIS B 416 -9.36 -2.66 -12.77
CA HIS B 416 -8.95 -2.24 -11.41
C HIS B 416 -8.54 -0.78 -11.25
N VAL B 417 -8.07 -0.16 -12.32
CA VAL B 417 -7.58 1.20 -12.28
C VAL B 417 -8.55 2.16 -12.97
N GLY B 418 -9.04 1.76 -14.14
CA GLY B 418 -10.03 2.53 -14.84
C GLY B 418 -9.52 3.84 -15.39
N LEU B 419 -8.25 3.89 -15.77
CA LEU B 419 -7.69 5.08 -16.38
C LEU B 419 -7.03 4.74 -17.71
N PRO B 420 -7.13 5.65 -18.68
CA PRO B 420 -6.35 5.48 -19.89
C PRO B 420 -4.87 5.53 -19.56
N ALA B 421 -4.11 4.51 -19.94
CA ALA B 421 -2.69 4.53 -19.71
C ALA B 421 -1.96 3.78 -20.79
N LYS B 422 -0.67 4.07 -20.94
CA LYS B 422 0.15 3.36 -21.92
C LYS B 422 1.54 3.11 -21.37
N SER B 423 1.99 1.87 -21.44
CA SER B 423 3.32 1.54 -20.96
C SER B 423 4.29 1.40 -22.10
N GLY B 424 5.58 1.46 -21.75
CA GLY B 424 6.66 1.31 -22.68
C GLY B 424 7.72 0.46 -22.02
N VAL B 425 8.64 -0.06 -22.82
CA VAL B 425 9.59 -1.07 -22.39
C VAL B 425 10.79 -0.43 -21.67
N ALA B 426 10.90 0.90 -21.73
CA ALA B 426 11.90 1.61 -20.92
C ALA B 426 11.48 1.72 -19.45
N GLY B 427 10.22 1.46 -19.16
CA GLY B 427 9.69 1.54 -17.81
C GLY B 427 8.73 2.69 -17.57
N GLY B 428 8.33 3.38 -18.63
CA GLY B 428 7.40 4.48 -18.51
C GLY B 428 5.96 4.07 -18.57
N ILE B 429 5.11 4.79 -17.85
CA ILE B 429 3.68 4.62 -18.01
C ILE B 429 3.04 5.98 -18.15
N LEU B 430 2.55 6.23 -19.34
CA LEU B 430 1.83 7.44 -19.63
C LEU B 430 0.40 7.32 -19.13
N LEU B 431 0.01 8.19 -18.22
CA LEU B 431 -1.26 8.03 -17.52
C LEU B 431 -2.13 9.28 -17.64
N VAL B 432 -3.38 9.10 -18.03
CA VAL B 432 -4.28 10.23 -18.14
C VAL B 432 -5.43 10.11 -17.18
N VAL B 433 -5.63 11.12 -16.36
CA VAL B 433 -6.88 11.20 -15.62
C VAL B 433 -7.72 12.25 -16.29
N PRO B 434 -8.69 11.83 -17.11
CA PRO B 434 -9.50 12.75 -17.89
C PRO B 434 -10.10 13.85 -17.05
N ASN B 435 -9.94 15.09 -17.54
CA ASN B 435 -10.44 16.31 -16.92
C ASN B 435 -9.72 16.71 -15.63
N VAL B 436 -8.76 15.93 -15.18
CA VAL B 436 -8.02 16.28 -13.97
C VAL B 436 -6.54 16.49 -14.26
N MET B 437 -5.83 15.47 -14.70
CA MET B 437 -4.38 15.61 -14.84
C MET B 437 -3.72 14.58 -15.78
N GLY B 438 -2.46 14.82 -16.09
CA GLY B 438 -1.67 13.91 -16.89
C GLY B 438 -0.53 13.48 -16.03
N MET B 439 -0.06 12.26 -16.21
CA MET B 439 1.09 11.80 -15.43
C MET B 439 2.03 10.95 -16.25
N MET B 440 3.29 10.98 -15.85
CA MET B 440 4.21 10.00 -16.35
C MET B 440 4.92 9.36 -15.18
N CYS B 441 4.79 8.05 -15.08
CA CYS B 441 5.53 7.31 -14.06
C CYS B 441 6.67 6.61 -14.74
N TRP B 442 7.82 6.53 -14.10
CA TRP B 442 8.87 5.83 -14.78
C TRP B 442 9.78 5.02 -13.87
N SER B 443 9.83 3.73 -14.15
CA SER B 443 10.75 2.84 -13.45
C SER B 443 11.12 1.68 -14.39
N PRO B 444 12.40 1.56 -14.72
CA PRO B 444 12.81 0.58 -15.74
C PRO B 444 12.39 -0.90 -15.51
N PRO B 445 12.53 -1.46 -14.30
CA PRO B 445 12.14 -2.88 -14.15
C PRO B 445 10.69 -3.16 -14.51
N LEU B 446 10.51 -4.09 -15.45
CA LEU B 446 9.19 -4.46 -15.94
C LEU B 446 8.78 -5.76 -15.30
N ASP B 447 7.48 -6.05 -15.33
CA ASP B 447 7.00 -7.32 -14.84
C ASP B 447 6.93 -8.29 -16.02
N LYS B 448 6.52 -9.52 -15.77
CA LYS B 448 6.47 -10.55 -16.81
C LYS B 448 5.61 -10.14 -18.00
N MET B 449 4.70 -9.22 -17.78
CA MET B 449 3.88 -8.72 -18.86
C MET B 449 4.51 -7.52 -19.58
N GLY B 450 5.62 -7.02 -19.05
CA GLY B 450 6.33 -5.92 -19.69
C GLY B 450 5.98 -4.52 -19.22
N ASN B 451 5.20 -4.42 -18.15
CA ASN B 451 4.88 -3.15 -17.52
C ASN B 451 5.75 -2.85 -16.30
N SER B 452 6.20 -1.61 -16.17
CA SER B 452 6.93 -1.21 -14.97
C SER B 452 6.22 -1.63 -13.68
N VAL B 453 6.93 -2.45 -12.91
CA VAL B 453 6.47 -2.91 -11.62
C VAL B 453 5.99 -1.77 -10.74
N LYS B 454 6.85 -0.78 -10.50
CA LYS B 454 6.51 0.35 -9.64
C LYS B 454 5.35 1.21 -10.19
N GLY B 455 5.35 1.45 -11.49
CA GLY B 455 4.29 2.21 -12.09
C GLY B 455 2.92 1.62 -11.86
N ILE B 456 2.83 0.31 -11.99
CA ILE B 456 1.58 -0.44 -11.90
C ILE B 456 1.09 -0.40 -10.48
N HIS B 457 2.03 -0.55 -9.57
CA HIS B 457 1.73 -0.52 -8.15
C HIS B 457 1.19 0.86 -7.76
N PHE B 458 1.83 1.89 -8.29
CA PHE B 458 1.43 3.27 -8.06
C PHE B 458 0.05 3.55 -8.62
N CYS B 459 -0.22 3.07 -9.82
CA CYS B 459 -1.51 3.31 -10.49
C CYS B 459 -2.66 2.67 -9.74
N HIS B 460 -2.45 1.46 -9.24
CA HIS B 460 -3.40 0.79 -8.37
C HIS B 460 -3.67 1.57 -7.07
N ASP B 461 -2.60 2.03 -6.44
CA ASP B 461 -2.67 2.75 -5.18
C ASP B 461 -3.36 4.08 -5.33
N LEU B 462 -3.14 4.72 -6.47
CA LEU B 462 -3.73 6.01 -6.75
C LEU B 462 -5.24 5.91 -6.86
N VAL B 463 -5.73 4.83 -7.43
CA VAL B 463 -7.14 4.75 -7.67
C VAL B 463 -7.86 4.21 -6.41
N SER B 464 -7.12 3.45 -5.61
CA SER B 464 -7.56 3.06 -4.28
C SER B 464 -7.77 4.29 -3.40
N LEU B 465 -6.83 5.23 -3.48
CA LEU B 465 -6.90 6.45 -2.68
C LEU B 465 -7.94 7.45 -3.17
N CYS B 466 -7.87 7.80 -4.44
CA CYS B 466 -8.71 8.85 -4.98
C CYS B 466 -9.81 8.27 -5.84
N ASN B 467 -10.90 9.01 -6.00
CA ASN B 467 -12.00 8.54 -6.81
C ASN B 467 -11.81 8.92 -8.28
N PHE B 468 -10.71 8.49 -8.85
CA PHE B 468 -10.38 8.81 -10.24
C PHE B 468 -10.72 7.71 -11.25
N HIS B 469 -11.05 6.51 -10.78
CA HIS B 469 -11.44 5.40 -11.65
C HIS B 469 -12.54 5.89 -12.57
N ASN B 470 -12.50 5.48 -13.84
CA ASN B 470 -13.56 5.87 -14.77
C ASN B 470 -14.96 5.80 -14.20
N TYR B 471 -15.15 4.78 -13.40
CA TYR B 471 -16.45 4.36 -12.98
C TYR B 471 -16.62 4.44 -11.46
N ASP B 472 -15.74 5.19 -10.83
CA ASP B 472 -16.06 5.76 -9.53
C ASP B 472 -17.16 6.77 -9.77
N ASN B 473 -17.95 7.03 -8.74
CA ASN B 473 -18.99 8.01 -8.81
C ASN B 473 -18.45 9.29 -8.16
N LEU B 474 -18.82 10.44 -8.70
CA LEU B 474 -18.28 11.70 -8.22
C LEU B 474 -19.00 12.24 -6.98
N ARG B 475 -20.14 11.67 -6.66
CA ARG B 475 -20.92 12.13 -5.53
C ARG B 475 -20.88 11.11 -4.40
N HIS B 476 -20.98 9.83 -4.74
CA HIS B 476 -20.91 8.75 -3.76
C HIS B 476 -19.68 7.87 -3.99
N PHE B 477 -18.68 8.00 -3.14
CA PHE B 477 -17.42 7.31 -3.40
C PHE B 477 -16.75 6.76 -2.14
N ALA B 478 -17.57 6.36 -1.18
CA ALA B 478 -17.10 5.66 0.00
C ALA B 478 -15.97 6.40 0.72
N LYS B 479 -14.90 5.67 1.01
CA LYS B 479 -13.79 6.22 1.79
C LYS B 479 -12.71 6.83 0.91
N LYS B 480 -12.92 6.81 -0.39
CA LYS B 480 -11.95 7.45 -1.28
C LYS B 480 -11.96 8.95 -1.05
N LEU B 481 -10.82 9.57 -1.31
CA LEU B 481 -10.65 11.01 -1.24
C LEU B 481 -10.92 11.58 -2.63
N ASP B 482 -11.52 12.77 -2.70
CA ASP B 482 -11.68 13.46 -3.97
C ASP B 482 -10.93 14.77 -3.94
N PRO B 483 -9.81 14.85 -4.66
CA PRO B 483 -8.94 16.03 -4.65
C PRO B 483 -9.48 17.20 -5.46
N ARG B 484 -10.64 17.02 -6.08
CA ARG B 484 -11.30 18.11 -6.80
C ARG B 484 -12.12 18.95 -5.84
N ARG B 485 -12.17 18.53 -4.59
CA ARG B 485 -13.01 19.18 -3.60
C ARG B 485 -12.17 19.61 -2.41
N GLU B 486 -12.80 20.33 -1.50
CA GLU B 486 -12.12 20.83 -0.31
C GLU B 486 -12.70 20.29 0.99
N GLY B 487 -13.74 20.95 1.47
CA GLY B 487 -14.41 20.57 2.71
C GLY B 487 -15.19 19.27 2.53
N PRO C 78 -34.80 35.64 6.06
CA PRO C 78 -35.98 34.76 5.98
C PRO C 78 -35.60 33.30 6.15
N SER C 79 -36.54 32.40 5.91
CA SER C 79 -36.26 30.97 5.91
C SER C 79 -36.41 30.41 4.51
N LEU C 80 -35.91 29.19 4.31
CA LEU C 80 -35.86 28.60 2.97
C LEU C 80 -37.25 28.39 2.38
N GLU C 81 -38.21 28.00 3.22
CA GLU C 81 -39.57 27.79 2.77
C GLU C 81 -40.19 29.07 2.23
N ASP C 82 -39.85 30.18 2.88
CA ASP C 82 -40.36 31.49 2.50
C ASP C 82 -39.58 32.03 1.32
N LEU C 83 -38.27 31.83 1.37
CA LEU C 83 -37.42 32.14 0.23
C LEU C 83 -37.93 31.43 -1.01
N LEU C 84 -38.29 30.16 -0.84
CA LEU C 84 -38.83 29.38 -1.94
C LEU C 84 -40.20 29.89 -2.35
N PHE C 85 -41.00 30.25 -1.36
CA PHE C 85 -42.34 30.77 -1.59
C PHE C 85 -42.28 31.97 -2.53
N TYR C 86 -41.53 32.98 -2.13
CA TYR C 86 -41.40 34.21 -2.90
C TYR C 86 -40.98 33.92 -4.34
N THR C 87 -40.06 32.99 -4.50
CA THR C 87 -39.64 32.53 -5.81
C THR C 87 -40.84 32.09 -6.63
N ILE C 88 -41.61 31.16 -6.08
CA ILE C 88 -42.71 30.58 -6.83
C ILE C 88 -43.92 31.53 -6.82
N ALA C 89 -43.91 32.50 -5.91
CA ALA C 89 -45.05 33.40 -5.75
C ALA C 89 -44.94 34.70 -6.55
N GLU C 90 -43.83 34.91 -7.24
CA GLU C 90 -43.58 36.13 -8.02
C GLU C 90 -44.12 37.42 -7.41
N GLY C 91 -43.78 37.71 -6.16
CA GLY C 91 -44.25 38.93 -5.53
C GLY C 91 -45.74 38.95 -5.21
N GLN C 92 -46.50 38.11 -5.90
CA GLN C 92 -47.94 37.92 -5.64
C GLN C 92 -48.09 37.44 -4.20
N GLU C 93 -49.28 37.59 -3.66
CA GLU C 93 -49.52 37.34 -2.25
C GLU C 93 -49.73 35.85 -1.96
N LYS C 94 -50.10 35.09 -3.00
CA LYS C 94 -50.45 33.67 -2.81
C LYS C 94 -50.15 32.77 -4.03
N ILE C 95 -49.85 31.50 -3.75
CA ILE C 95 -49.55 30.51 -4.79
C ILE C 95 -50.68 29.53 -5.03
N PRO C 96 -51.25 29.53 -6.24
CA PRO C 96 -52.19 28.47 -6.59
C PRO C 96 -51.50 27.10 -6.56
N VAL C 97 -52.21 26.05 -6.18
CA VAL C 97 -51.60 24.73 -6.06
C VAL C 97 -51.09 24.27 -7.42
N HIS C 98 -51.93 24.40 -8.45
CA HIS C 98 -51.59 23.91 -9.78
C HIS C 98 -50.35 24.61 -10.30
N LYS C 99 -50.21 25.88 -9.96
CA LYS C 99 -49.05 26.66 -10.37
C LYS C 99 -47.79 26.12 -9.74
N PHE C 100 -47.90 25.65 -8.50
CA PHE C 100 -46.77 25.04 -7.83
C PHE C 100 -46.48 23.68 -8.44
N ILE C 101 -47.52 22.98 -8.85
CA ILE C 101 -47.37 21.67 -9.46
C ILE C 101 -46.73 21.77 -10.84
N THR C 102 -47.16 22.75 -11.61
CA THR C 102 -46.58 22.98 -12.92
C THR C 102 -45.11 23.40 -12.80
N ALA C 103 -44.81 24.20 -11.79
CA ALA C 103 -43.46 24.66 -11.57
C ALA C 103 -42.56 23.49 -11.18
N LEU C 104 -43.12 22.54 -10.46
CA LEU C 104 -42.37 21.41 -9.96
C LEU C 104 -42.06 20.42 -11.08
N LYS C 105 -43.06 20.16 -11.91
CA LYS C 105 -42.90 19.24 -13.02
C LYS C 105 -41.80 19.70 -13.95
N SER C 106 -41.67 21.01 -14.10
CA SER C 106 -40.73 21.62 -15.03
C SER C 106 -39.29 21.41 -14.60
N THR C 107 -39.07 21.10 -13.33
CA THR C 107 -37.73 20.76 -12.87
C THR C 107 -37.33 19.37 -13.33
N GLY C 108 -38.31 18.58 -13.73
CA GLY C 108 -38.07 17.20 -14.10
C GLY C 108 -38.55 16.20 -13.07
N LEU C 109 -38.86 16.68 -11.87
CA LEU C 109 -39.38 15.80 -10.84
C LEU C 109 -40.83 15.47 -11.15
N ARG C 110 -41.22 14.26 -10.77
CA ARG C 110 -42.59 13.81 -10.88
C ARG C 110 -43.24 14.00 -9.53
N THR C 111 -44.55 14.28 -9.52
CA THR C 111 -45.25 14.49 -8.25
C THR C 111 -45.31 13.20 -7.43
N SER C 112 -45.18 12.07 -8.10
CA SER C 112 -45.21 10.77 -7.44
C SER C 112 -43.84 10.36 -6.89
N ASP C 113 -42.87 11.26 -6.96
CA ASP C 113 -41.54 11.03 -6.41
C ASP C 113 -41.63 10.65 -4.93
N PRO C 114 -41.16 9.46 -4.55
CA PRO C 114 -41.08 8.99 -3.17
C PRO C 114 -40.47 9.96 -2.16
N ARG C 115 -39.52 10.79 -2.56
CA ARG C 115 -38.90 11.71 -1.61
C ARG C 115 -39.81 12.89 -1.36
N LEU C 116 -40.82 13.04 -2.21
CA LEU C 116 -41.76 14.14 -2.11
C LEU C 116 -43.14 13.68 -1.57
N LYS C 117 -43.18 12.55 -0.88
CA LYS C 117 -44.45 12.01 -0.38
C LYS C 117 -45.03 12.86 0.75
N GLU C 118 -44.20 13.21 1.72
CA GLU C 118 -44.62 14.03 2.84
C GLU C 118 -45.25 15.33 2.37
N CYS C 119 -44.67 15.91 1.33
CA CYS C 119 -45.19 17.16 0.78
C CYS C 119 -46.47 16.93 0.02
N MET C 120 -46.57 15.82 -0.72
CA MET C 120 -47.77 15.56 -1.49
C MET C 120 -48.91 15.09 -0.59
N ASP C 121 -48.58 14.32 0.45
CA ASP C 121 -49.56 13.94 1.47
C ASP C 121 -50.21 15.18 2.07
N MET C 122 -49.39 16.22 2.23
CA MET C 122 -49.83 17.43 2.91
C MET C 122 -50.62 18.33 1.97
N LEU C 123 -50.37 18.24 0.66
CA LEU C 123 -51.17 18.94 -0.32
C LEU C 123 -52.51 18.25 -0.54
N ARG C 124 -52.53 16.95 -0.31
CA ARG C 124 -53.75 16.17 -0.45
C ARG C 124 -54.71 16.52 0.70
N LEU C 125 -54.16 16.47 1.91
CA LEU C 125 -54.86 16.90 3.12
C LEU C 125 -55.38 18.34 3.00
N THR C 126 -54.53 19.24 2.54
CA THR C 126 -54.89 20.64 2.38
C THR C 126 -55.95 20.84 1.29
N LEU C 127 -55.98 19.95 0.33
CA LEU C 127 -56.97 20.02 -0.74
C LEU C 127 -58.26 19.31 -0.34
N GLN C 128 -58.26 18.78 0.87
CA GLN C 128 -59.47 18.21 1.47
C GLN C 128 -60.14 19.19 2.42
N THR C 129 -59.36 20.12 2.98
CA THR C 129 -59.90 21.15 3.87
C THR C 129 -61.02 21.94 3.21
N THR C 130 -60.97 22.04 1.89
CA THR C 130 -61.98 22.78 1.15
C THR C 130 -62.30 22.15 -0.19
N SER C 131 -63.59 21.97 -0.43
CA SER C 131 -64.14 21.57 -1.72
C SER C 131 -63.40 22.17 -2.91
N ASP C 132 -63.18 23.49 -2.85
CA ASP C 132 -62.42 24.21 -3.86
C ASP C 132 -61.12 24.72 -3.24
N GLY C 133 -60.98 26.04 -3.12
CA GLY C 133 -59.76 26.63 -2.58
C GLY C 133 -59.08 27.51 -3.61
N VAL C 134 -57.83 27.21 -3.95
CA VAL C 134 -57.04 26.18 -3.28
C VAL C 134 -55.73 26.79 -2.79
N MET C 135 -55.66 28.12 -2.89
CA MET C 135 -54.44 28.90 -2.70
C MET C 135 -53.62 28.56 -1.48
N LEU C 136 -52.31 28.77 -1.58
CA LEU C 136 -51.40 28.57 -0.46
C LEU C 136 -50.68 29.87 -0.14
N ASP C 137 -50.94 30.42 1.02
CA ASP C 137 -50.13 31.55 1.47
C ASP C 137 -48.85 30.97 2.04
N LYS C 138 -47.96 31.84 2.49
CA LYS C 138 -46.65 31.42 2.94
C LYS C 138 -46.68 30.36 4.04
N ASP C 139 -47.57 30.50 5.01
CA ASP C 139 -47.56 29.57 6.13
C ASP C 139 -48.16 28.23 5.71
N LEU C 140 -49.02 28.24 4.70
CA LEU C 140 -49.63 27.02 4.20
C LEU C 140 -48.68 26.28 3.28
N PHE C 141 -48.11 27.01 2.33
CA PHE C 141 -47.03 26.52 1.50
C PHE C 141 -45.97 25.87 2.37
N LYS C 142 -45.50 26.64 3.36
CA LYS C 142 -44.51 26.16 4.32
C LYS C 142 -44.94 24.86 4.98
N LYS C 143 -46.23 24.76 5.27
CA LYS C 143 -46.78 23.58 5.91
C LYS C 143 -46.58 22.35 5.04
N CYS C 144 -46.87 22.49 3.76
CA CYS C 144 -46.74 21.37 2.83
C CYS C 144 -45.28 21.00 2.54
N VAL C 145 -44.43 22.00 2.36
CA VAL C 145 -43.11 21.80 1.79
C VAL C 145 -41.97 21.72 2.79
N GLN C 146 -42.25 21.86 4.08
CA GLN C 146 -41.15 21.95 5.03
C GLN C 146 -40.46 20.60 5.22
N SER C 147 -41.22 19.52 5.03
CA SER C 147 -40.70 18.17 5.19
C SER C 147 -39.70 17.81 4.09
N ASN C 148 -39.86 18.43 2.93
CA ASN C 148 -39.02 18.14 1.80
C ASN C 148 -38.36 19.39 1.18
N ILE C 149 -37.98 20.35 2.02
CA ILE C 149 -37.53 21.65 1.52
C ILE C 149 -36.15 21.60 0.84
N VAL C 150 -35.25 20.79 1.35
CA VAL C 150 -33.92 20.71 0.79
C VAL C 150 -33.99 20.25 -0.67
N LEU C 151 -34.79 19.23 -0.92
CA LEU C 151 -34.94 18.69 -2.27
C LEU C 151 -35.71 19.63 -3.19
N LEU C 152 -36.69 20.34 -2.64
CA LEU C 152 -37.48 21.29 -3.43
C LEU C 152 -36.69 22.53 -3.79
N THR C 153 -35.82 22.94 -2.89
CA THR C 153 -34.98 24.10 -3.14
C THR C 153 -34.00 23.75 -4.24
N GLN C 154 -33.39 22.58 -4.11
CA GLN C 154 -32.46 22.07 -5.09
C GLN C 154 -33.09 22.06 -6.47
N ALA C 155 -34.31 21.53 -6.54
CA ALA C 155 -35.06 21.48 -7.78
C ALA C 155 -35.33 22.87 -8.33
N PHE C 156 -35.73 23.80 -7.46
CA PHE C 156 -36.19 25.09 -7.95
C PHE C 156 -35.07 26.09 -8.17
N ARG C 157 -33.97 25.95 -7.44
CA ARG C 157 -32.83 26.82 -7.64
C ARG C 157 -31.82 26.20 -8.63
N ARG C 158 -32.31 25.27 -9.44
CA ARG C 158 -31.57 24.71 -10.57
C ARG C 158 -30.25 24.04 -10.21
N LYS C 159 -30.25 23.28 -9.13
CA LYS C 159 -29.06 22.58 -8.67
C LYS C 159 -28.98 21.15 -9.22
N PHE C 160 -29.99 20.75 -9.98
CA PHE C 160 -30.04 19.38 -10.47
C PHE C 160 -29.00 19.17 -11.55
N VAL C 161 -28.59 17.93 -11.74
CA VAL C 161 -27.45 17.61 -12.56
C VAL C 161 -27.66 18.13 -13.98
N ILE C 162 -28.91 18.15 -14.43
CA ILE C 162 -29.28 18.82 -15.67
C ILE C 162 -30.25 19.96 -15.32
N PRO C 163 -29.72 21.18 -15.21
CA PRO C 163 -30.46 22.38 -14.79
C PRO C 163 -31.67 22.66 -15.65
N ASP C 164 -31.44 22.85 -16.93
CA ASP C 164 -32.50 23.13 -17.88
C ASP C 164 -33.04 21.82 -18.45
N PHE C 165 -33.76 21.09 -17.62
CA PHE C 165 -34.20 19.75 -17.97
C PHE C 165 -35.25 19.75 -19.06
N MET C 166 -36.08 20.79 -19.11
CA MET C 166 -37.11 20.89 -20.13
C MET C 166 -36.48 20.99 -21.52
N SER C 167 -35.35 21.68 -21.59
CA SER C 167 -34.64 21.79 -22.84
C SER C 167 -34.06 20.43 -23.25
N PHE C 168 -33.51 19.72 -22.28
CA PHE C 168 -32.93 18.41 -22.51
C PHE C 168 -33.94 17.37 -23.02
N THR C 169 -35.14 17.34 -22.44
CA THR C 169 -36.12 16.32 -22.85
C THR C 169 -36.57 16.58 -24.27
N SER C 170 -36.66 17.84 -24.64
CA SER C 170 -36.88 18.18 -26.02
C SER C 170 -35.75 17.63 -26.88
N HIS C 171 -34.48 17.57 -26.45
CA HIS C 171 -33.58 17.00 -27.39
C HIS C 171 -33.59 15.44 -27.29
N ILE C 172 -34.04 14.84 -26.17
CA ILE C 172 -34.33 13.40 -26.13
C ILE C 172 -35.43 13.02 -27.12
N ASP C 173 -36.41 13.89 -27.29
CA ASP C 173 -37.52 13.63 -28.19
C ASP C 173 -37.09 13.67 -29.64
N GLU C 174 -36.17 14.57 -29.98
CA GLU C 174 -35.70 14.62 -31.35
C GLU C 174 -34.89 13.38 -31.64
N LEU C 175 -34.06 12.98 -30.67
CA LEU C 175 -33.28 11.78 -30.78
C LEU C 175 -34.20 10.59 -30.96
N TYR C 176 -35.29 10.57 -30.20
CA TYR C 176 -36.25 9.49 -30.25
C TYR C 176 -36.86 9.35 -31.65
N GLU C 177 -37.44 10.44 -32.16
CA GLU C 177 -38.11 10.46 -33.46
C GLU C 177 -37.17 10.08 -34.59
N SER C 178 -35.89 10.37 -34.39
CA SER C 178 -34.90 10.07 -35.41
C SER C 178 -34.59 8.58 -35.44
N ALA C 179 -34.50 7.95 -34.27
CA ALA C 179 -34.33 6.52 -34.21
C ALA C 179 -35.63 5.78 -34.59
N LYS C 180 -36.76 6.45 -34.42
CA LYS C 180 -38.06 5.88 -34.75
C LYS C 180 -38.15 5.55 -36.23
N LYS C 181 -37.36 6.24 -37.04
CA LYS C 181 -37.38 6.00 -38.47
C LYS C 181 -36.46 4.86 -38.92
N GLN C 182 -35.73 4.27 -37.97
CA GLN C 182 -34.93 3.08 -38.27
C GLN C 182 -35.74 1.79 -38.09
N SER C 183 -36.46 1.42 -39.14
CA SER C 183 -37.41 0.33 -39.05
C SER C 183 -36.80 -1.02 -39.36
N GLY C 184 -35.52 -1.04 -39.72
CA GLY C 184 -34.85 -2.28 -40.04
C GLY C 184 -34.70 -3.23 -38.86
N GLY C 185 -34.21 -4.42 -39.12
CA GLY C 185 -33.92 -5.36 -38.05
C GLY C 185 -34.99 -6.40 -37.85
N LYS C 186 -34.75 -7.31 -36.93
CA LYS C 186 -35.68 -8.42 -36.79
C LYS C 186 -35.84 -8.84 -35.35
N VAL C 187 -37.10 -9.05 -34.96
CA VAL C 187 -37.42 -9.47 -33.61
C VAL C 187 -36.92 -10.88 -33.38
N ALA C 188 -36.59 -11.20 -32.14
CA ALA C 188 -36.17 -12.55 -31.82
C ALA C 188 -37.29 -13.55 -32.06
N ASP C 189 -37.22 -14.32 -33.14
CA ASP C 189 -38.23 -15.37 -33.34
C ASP C 189 -37.85 -16.47 -32.39
N TYR C 190 -36.54 -16.55 -32.15
CA TYR C 190 -35.88 -17.41 -31.17
C TYR C 190 -36.83 -18.13 -30.19
N ILE C 191 -37.53 -17.40 -29.32
CA ILE C 191 -38.55 -18.07 -28.49
C ILE C 191 -40.01 -17.68 -28.80
N PRO C 192 -40.95 -18.62 -28.55
CA PRO C 192 -42.40 -18.43 -28.71
C PRO C 192 -43.00 -17.20 -28.00
N GLN C 193 -42.28 -16.42 -27.19
CA GLN C 193 -42.91 -15.27 -26.53
C GLN C 193 -42.47 -13.94 -27.16
N LEU C 194 -41.25 -13.90 -27.68
CA LEU C 194 -40.74 -12.66 -28.29
C LEU C 194 -41.16 -12.46 -29.73
N ALA C 195 -41.61 -13.52 -30.38
CA ALA C 195 -42.03 -13.41 -31.78
C ALA C 195 -43.28 -12.54 -31.97
N LYS C 196 -44.16 -12.51 -30.96
CA LYS C 196 -45.40 -11.73 -31.05
C LYS C 196 -45.17 -10.26 -30.71
N PHE C 197 -44.01 -9.96 -30.16
CA PHE C 197 -43.74 -8.59 -29.76
C PHE C 197 -43.37 -7.84 -31.00
N SER C 198 -44.03 -6.71 -31.16
CA SER C 198 -44.11 -6.10 -32.47
C SER C 198 -43.07 -5.02 -32.68
N PRO C 199 -42.48 -5.03 -33.89
CA PRO C 199 -41.44 -4.12 -34.35
C PRO C 199 -41.85 -2.64 -34.48
N ASP C 200 -43.00 -2.23 -33.92
CA ASP C 200 -43.33 -0.81 -33.95
C ASP C 200 -43.14 -0.22 -32.56
N LEU C 201 -43.05 -1.07 -31.55
CA LEU C 201 -42.81 -0.59 -30.19
C LEU C 201 -41.43 0.02 -30.06
N TRP C 202 -41.39 1.16 -29.39
CA TRP C 202 -40.17 1.94 -29.25
C TRP C 202 -40.35 3.00 -28.17
N GLY C 203 -39.65 2.82 -27.05
CA GLY C 203 -39.73 3.77 -25.95
C GLY C 203 -38.38 4.09 -25.35
N VAL C 204 -38.22 5.34 -24.91
CA VAL C 204 -37.01 5.78 -24.24
C VAL C 204 -37.35 6.52 -22.95
N SER C 205 -36.85 6.03 -21.84
CA SER C 205 -37.03 6.70 -20.57
C SER C 205 -35.72 7.15 -20.00
N VAL C 206 -35.76 8.33 -19.37
CA VAL C 206 -34.62 8.92 -18.72
C VAL C 206 -34.88 9.12 -17.21
N CYS C 207 -33.93 8.76 -16.39
CA CYS C 207 -33.95 9.09 -14.99
C CYS C 207 -32.56 9.56 -14.60
N THR C 208 -32.44 10.83 -14.22
CA THR C 208 -31.15 11.37 -13.85
C THR C 208 -30.76 10.96 -12.45
N VAL C 209 -29.56 11.33 -12.04
CA VAL C 209 -29.09 10.97 -10.71
C VAL C 209 -29.78 11.82 -9.63
N ASP C 210 -30.64 12.74 -10.06
CA ASP C 210 -31.39 13.57 -9.13
C ASP C 210 -32.88 13.28 -9.21
N GLY C 211 -33.25 12.28 -9.98
CA GLY C 211 -34.62 11.81 -10.01
C GLY C 211 -35.48 12.50 -11.04
N GLN C 212 -34.89 13.30 -11.90
CA GLN C 212 -35.62 13.97 -12.95
C GLN C 212 -36.01 12.97 -14.02
N ARG C 213 -37.26 12.99 -14.45
CA ARG C 213 -37.76 11.90 -15.28
C ARG C 213 -38.31 12.38 -16.58
N HIS C 214 -38.05 11.63 -17.64
CA HIS C 214 -38.67 11.88 -18.91
C HIS C 214 -38.86 10.58 -19.70
N SER C 215 -39.94 10.54 -20.46
CA SER C 215 -40.26 9.38 -21.24
C SER C 215 -40.84 9.81 -22.56
N THR C 216 -40.59 9.00 -23.58
CA THR C 216 -41.23 9.21 -24.86
C THR C 216 -41.44 7.84 -25.54
N GLY C 217 -42.61 7.63 -26.10
CA GLY C 217 -42.95 6.37 -26.72
C GLY C 217 -43.51 5.33 -25.76
N ASP C 218 -43.32 4.08 -26.12
CA ASP C 218 -43.91 2.96 -25.42
C ASP C 218 -43.16 2.58 -24.17
N THR C 219 -43.26 3.42 -23.15
CA THR C 219 -42.40 3.30 -21.98
C THR C 219 -43.05 2.61 -20.77
N LYS C 220 -44.35 2.32 -20.86
CA LYS C 220 -45.02 1.60 -19.78
C LYS C 220 -45.41 0.18 -20.18
N VAL C 221 -44.83 -0.32 -21.27
CA VAL C 221 -45.09 -1.67 -21.74
C VAL C 221 -44.10 -2.63 -21.13
N PRO C 222 -44.59 -3.62 -20.39
CA PRO C 222 -43.64 -4.56 -19.80
C PRO C 222 -42.94 -5.43 -20.85
N PHE C 223 -41.66 -5.70 -20.63
CA PHE C 223 -40.86 -6.57 -21.46
C PHE C 223 -39.79 -7.19 -20.58
N CYS C 224 -39.28 -8.35 -20.97
CA CYS C 224 -38.27 -9.03 -20.17
C CYS C 224 -36.88 -8.44 -20.31
N LEU C 225 -36.14 -8.43 -19.23
CA LEU C 225 -34.79 -7.89 -19.24
C LEU C 225 -33.90 -8.71 -20.14
N GLN C 226 -34.13 -10.02 -20.09
CA GLN C 226 -33.27 -10.98 -20.73
C GLN C 226 -31.86 -10.66 -20.29
N SER C 227 -30.93 -10.42 -21.20
CA SER C 227 -29.54 -10.24 -20.80
C SER C 227 -29.23 -8.88 -20.13
N CYS C 228 -30.15 -7.93 -20.20
CA CYS C 228 -30.02 -6.69 -19.44
C CYS C 228 -29.96 -6.97 -17.92
N VAL C 229 -30.39 -8.17 -17.50
CA VAL C 229 -30.37 -8.54 -16.08
C VAL C 229 -28.97 -8.90 -15.61
N LYS C 230 -28.08 -9.19 -16.54
CA LYS C 230 -26.75 -9.67 -16.19
C LYS C 230 -25.92 -8.68 -15.34
N PRO C 231 -25.87 -7.40 -15.71
CA PRO C 231 -25.15 -6.50 -14.82
C PRO C 231 -25.84 -6.34 -13.46
N LEU C 232 -27.16 -6.41 -13.44
CA LEU C 232 -27.92 -6.26 -12.21
C LEU C 232 -27.61 -7.42 -11.24
N LYS C 233 -27.70 -8.66 -11.71
CA LYS C 233 -27.38 -9.78 -10.85
C LYS C 233 -25.89 -9.87 -10.53
N TYR C 234 -25.02 -9.48 -11.46
CA TYR C 234 -23.59 -9.37 -11.14
C TYR C 234 -23.35 -8.33 -10.04
N ALA C 235 -24.04 -7.20 -10.09
CA ALA C 235 -23.90 -6.18 -9.05
C ALA C 235 -24.35 -6.68 -7.69
N ILE C 236 -25.47 -7.40 -7.65
CA ILE C 236 -25.95 -8.01 -6.42
C ILE C 236 -24.88 -8.92 -5.81
N ALA C 237 -24.27 -9.73 -6.67
CA ALA C 237 -23.30 -10.71 -6.21
C ALA C 237 -22.07 -10.03 -5.64
N VAL C 238 -21.60 -8.99 -6.33
CA VAL C 238 -20.42 -8.28 -5.86
C VAL C 238 -20.77 -7.52 -4.61
N ASN C 239 -21.99 -7.01 -4.55
CA ASN C 239 -22.48 -6.35 -3.35
C ASN C 239 -22.54 -7.29 -2.12
N ASP C 240 -23.07 -8.49 -2.27
CA ASP C 240 -23.20 -9.42 -1.14
C ASP C 240 -21.93 -10.18 -0.81
N LEU C 241 -21.12 -10.44 -1.81
CA LEU C 241 -20.01 -11.39 -1.66
C LEU C 241 -18.65 -10.73 -1.83
N GLY C 242 -18.62 -9.58 -2.46
CA GLY C 242 -17.37 -8.89 -2.72
C GLY C 242 -16.78 -9.28 -4.07
N THR C 243 -15.84 -8.48 -4.53
CA THR C 243 -15.19 -8.63 -5.82
C THR C 243 -14.31 -9.88 -5.94
N GLU C 244 -13.56 -10.17 -4.89
CA GLU C 244 -12.51 -11.16 -4.94
C GLU C 244 -13.09 -12.56 -4.94
N TYR C 245 -14.20 -12.76 -4.23
CA TYR C 245 -14.92 -14.02 -4.29
C TYR C 245 -15.59 -14.22 -5.64
N VAL C 246 -16.36 -13.23 -6.07
CA VAL C 246 -17.10 -13.32 -7.31
C VAL C 246 -16.16 -13.59 -8.49
N HIS C 247 -14.95 -13.04 -8.41
CA HIS C 247 -14.05 -13.20 -9.51
C HIS C 247 -13.08 -14.36 -9.34
N ARG C 248 -13.34 -15.21 -8.38
CA ARG C 248 -12.72 -16.53 -8.37
C ARG C 248 -13.45 -17.39 -9.36
N TYR C 249 -14.70 -17.04 -9.63
CA TYR C 249 -15.57 -17.88 -10.40
C TYR C 249 -15.77 -17.37 -11.82
N VAL C 250 -15.65 -16.06 -12.00
CA VAL C 250 -15.87 -15.45 -13.29
C VAL C 250 -14.74 -14.46 -13.57
N GLY C 251 -14.40 -14.23 -14.83
CA GLY C 251 -13.36 -13.29 -15.19
C GLY C 251 -13.80 -11.83 -15.27
N LYS C 252 -12.90 -10.95 -15.68
CA LYS C 252 -13.25 -9.53 -15.79
C LYS C 252 -12.81 -8.86 -17.10
N GLU C 253 -12.69 -9.62 -18.16
CA GLU C 253 -12.27 -9.10 -19.45
C GLU C 253 -13.18 -9.58 -20.56
N PRO C 254 -13.20 -8.86 -21.67
CA PRO C 254 -13.80 -9.49 -22.84
C PRO C 254 -12.80 -10.43 -23.50
N SER C 255 -13.30 -11.47 -24.13
CA SER C 255 -12.45 -12.36 -24.89
C SER C 255 -12.27 -11.81 -26.29
N GLY C 256 -11.67 -12.61 -27.15
CA GLY C 256 -11.64 -12.29 -28.56
C GLY C 256 -13.04 -12.26 -29.15
N LEU C 257 -13.25 -11.32 -30.05
CA LEU C 257 -14.46 -11.21 -30.86
C LEU C 257 -14.63 -12.47 -31.73
N ARG C 258 -13.68 -13.37 -31.53
CA ARG C 258 -13.38 -14.54 -32.31
C ARG C 258 -13.41 -15.70 -31.35
N PHE C 259 -13.34 -15.34 -30.08
CA PHE C 259 -13.37 -16.29 -28.99
C PHE C 259 -14.63 -16.00 -28.19
N ASN C 260 -15.58 -15.36 -28.87
CA ASN C 260 -16.93 -15.15 -28.37
C ASN C 260 -17.78 -16.41 -28.44
N LYS C 261 -17.11 -17.54 -28.71
CA LYS C 261 -17.76 -18.83 -28.83
C LYS C 261 -17.28 -19.77 -27.73
N LEU C 262 -16.12 -19.47 -27.16
CA LEU C 262 -15.61 -20.25 -26.05
C LEU C 262 -16.34 -19.89 -24.78
N PHE C 263 -16.50 -20.88 -23.90
CA PHE C 263 -17.22 -20.68 -22.66
C PHE C 263 -16.28 -20.17 -21.58
N LEU C 264 -15.04 -20.64 -21.63
CA LEU C 264 -14.09 -20.38 -20.59
C LEU C 264 -12.86 -19.74 -21.15
N ASN C 265 -12.22 -18.88 -20.36
CA ASN C 265 -10.88 -18.41 -20.66
C ASN C 265 -9.86 -19.47 -20.27
N GLU C 266 -8.59 -19.08 -20.26
CA GLU C 266 -7.50 -20.03 -20.02
C GLU C 266 -7.35 -20.40 -18.54
N ASP C 267 -8.01 -19.67 -17.66
CA ASP C 267 -8.00 -19.99 -16.25
C ASP C 267 -9.22 -20.83 -15.89
N ASP C 268 -9.95 -21.24 -16.93
CA ASP C 268 -11.16 -22.05 -16.82
C ASP C 268 -12.26 -21.34 -16.03
N LYS C 269 -12.29 -20.02 -16.13
CA LYS C 269 -13.39 -19.23 -15.63
C LYS C 269 -14.06 -18.66 -16.83
N PRO C 270 -15.38 -18.49 -16.77
CA PRO C 270 -16.00 -17.69 -17.84
C PRO C 270 -15.32 -16.32 -17.94
N HIS C 271 -15.45 -15.72 -19.11
CA HIS C 271 -14.66 -14.57 -19.54
C HIS C 271 -14.95 -13.34 -18.67
N ASN C 272 -16.24 -13.14 -18.42
CA ASN C 272 -16.75 -11.98 -17.74
C ASN C 272 -18.22 -12.27 -17.39
N PRO C 273 -18.86 -11.40 -16.61
CA PRO C 273 -20.26 -11.61 -16.21
C PRO C 273 -21.29 -11.37 -17.32
N MET C 274 -20.89 -10.74 -18.41
CA MET C 274 -21.87 -10.33 -19.39
C MET C 274 -22.12 -11.37 -20.44
N VAL C 275 -21.41 -12.49 -20.40
CA VAL C 275 -21.71 -13.58 -21.32
C VAL C 275 -22.52 -14.62 -20.58
N ASN C 276 -23.22 -15.46 -21.34
CA ASN C 276 -24.12 -16.46 -20.78
C ASN C 276 -23.40 -17.37 -19.79
N ALA C 277 -22.21 -17.81 -20.13
CA ALA C 277 -21.48 -18.70 -19.28
C ALA C 277 -21.10 -17.99 -18.00
N GLY C 278 -20.76 -16.71 -18.12
CA GLY C 278 -20.43 -15.89 -16.97
C GLY C 278 -21.63 -15.59 -16.11
N ALA C 279 -22.73 -15.25 -16.77
CA ALA C 279 -23.98 -14.95 -16.11
C ALA C 279 -24.55 -16.16 -15.38
N ILE C 280 -24.42 -17.33 -15.98
CA ILE C 280 -24.87 -18.56 -15.35
C ILE C 280 -24.06 -18.82 -14.10
N VAL C 281 -22.76 -18.56 -14.14
CA VAL C 281 -21.95 -18.78 -12.98
C VAL C 281 -22.25 -17.72 -11.91
N VAL C 282 -22.56 -16.50 -12.32
CA VAL C 282 -22.88 -15.45 -11.36
C VAL C 282 -24.20 -15.77 -10.68
N THR C 283 -25.14 -16.28 -11.46
CA THR C 283 -26.41 -16.76 -10.94
C THR C 283 -26.25 -17.81 -9.83
N SER C 284 -25.23 -18.65 -9.92
CA SER C 284 -24.98 -19.67 -8.91
C SER C 284 -24.37 -19.13 -7.61
N LEU C 285 -23.93 -17.87 -7.62
CA LEU C 285 -23.28 -17.29 -6.46
C LEU C 285 -24.28 -16.67 -5.48
N ILE C 286 -25.46 -16.31 -6.00
CA ILE C 286 -26.41 -15.49 -5.27
C ILE C 286 -27.32 -16.28 -4.33
N LYS C 287 -27.23 -15.93 -3.05
CA LYS C 287 -28.07 -16.51 -2.01
C LYS C 287 -27.98 -18.04 -1.94
N GLN C 288 -26.76 -18.56 -1.91
CA GLN C 288 -26.55 -19.98 -1.77
C GLN C 288 -27.20 -20.52 -0.49
N GLY C 289 -27.55 -21.79 -0.47
CA GLY C 289 -28.11 -22.38 0.75
C GLY C 289 -29.61 -22.22 1.00
N VAL C 290 -30.29 -21.41 0.20
CA VAL C 290 -31.75 -21.38 0.23
C VAL C 290 -32.27 -21.87 -1.11
N ASN C 291 -33.52 -22.29 -1.17
CA ASN C 291 -34.06 -22.74 -2.44
C ASN C 291 -34.17 -21.60 -3.43
N ASN C 292 -34.40 -21.93 -4.69
CA ASN C 292 -34.43 -20.93 -5.73
C ASN C 292 -35.68 -20.06 -5.74
N ALA C 293 -36.69 -20.42 -4.97
CA ALA C 293 -37.87 -19.58 -4.89
C ALA C 293 -37.60 -18.43 -3.91
N GLU C 294 -36.74 -18.70 -2.94
CA GLU C 294 -36.28 -17.68 -2.01
C GLU C 294 -35.25 -16.80 -2.70
N LYS C 295 -34.36 -17.43 -3.46
CA LYS C 295 -33.37 -16.73 -4.27
C LYS C 295 -34.03 -15.79 -5.26
N PHE C 296 -35.09 -16.24 -5.91
CA PHE C 296 -35.78 -15.41 -6.88
C PHE C 296 -36.41 -14.19 -6.18
N ASP C 297 -37.16 -14.44 -5.09
CA ASP C 297 -37.74 -13.39 -4.25
C ASP C 297 -36.70 -12.35 -3.85
N TYR C 298 -35.54 -12.83 -3.42
CA TYR C 298 -34.46 -11.98 -2.97
C TYR C 298 -33.88 -11.07 -4.08
N VAL C 299 -33.83 -11.57 -5.30
CA VAL C 299 -33.37 -10.79 -6.42
C VAL C 299 -34.44 -9.77 -6.80
N MET C 300 -35.69 -10.19 -6.74
CA MET C 300 -36.82 -9.31 -6.98
C MET C 300 -36.86 -8.15 -5.97
N GLN C 301 -36.58 -8.46 -4.71
CA GLN C 301 -36.52 -7.44 -3.69
C GLN C 301 -35.41 -6.44 -3.97
N PHE C 302 -34.27 -6.97 -4.38
CA PHE C 302 -33.10 -6.17 -4.70
C PHE C 302 -33.41 -5.35 -5.95
N LEU C 303 -34.08 -5.95 -6.92
CA LEU C 303 -34.47 -5.23 -8.12
C LEU C 303 -35.55 -4.15 -7.86
N ASN C 304 -36.40 -4.37 -6.85
CA ASN C 304 -37.35 -3.34 -6.40
C ASN C 304 -36.68 -2.08 -5.84
N LYS C 305 -35.69 -2.27 -4.96
CA LYS C 305 -34.90 -1.15 -4.47
C LYS C 305 -34.24 -0.37 -5.61
N MET C 306 -33.65 -1.08 -6.57
CA MET C 306 -33.00 -0.49 -7.74
C MET C 306 -33.91 0.37 -8.59
N ALA C 307 -35.15 -0.06 -8.75
CA ALA C 307 -36.13 0.70 -9.53
C ALA C 307 -36.95 1.70 -8.68
N GLY C 308 -36.55 1.94 -7.43
CA GLY C 308 -37.32 2.79 -6.55
C GLY C 308 -38.77 2.35 -6.43
N ASN C 309 -38.95 1.04 -6.36
CA ASN C 309 -40.24 0.36 -6.23
C ASN C 309 -41.17 0.58 -7.41
N GLU C 310 -40.62 0.86 -8.57
CA GLU C 310 -41.43 0.88 -9.79
C GLU C 310 -41.50 -0.52 -10.38
N TYR C 311 -42.11 -0.64 -11.54
CA TYR C 311 -42.49 -1.93 -12.08
C TYR C 311 -41.38 -2.97 -12.28
N VAL C 312 -41.49 -4.06 -11.55
CA VAL C 312 -40.68 -5.23 -11.83
C VAL C 312 -41.61 -6.42 -11.83
N GLY C 313 -41.64 -7.15 -12.93
CA GLY C 313 -42.49 -8.31 -13.00
C GLY C 313 -41.82 -9.59 -13.43
N PHE C 314 -42.64 -10.52 -13.91
CA PHE C 314 -42.16 -11.82 -14.31
C PHE C 314 -43.04 -12.41 -15.39
N SER C 315 -42.41 -12.85 -16.47
CA SER C 315 -43.14 -13.46 -17.56
C SER C 315 -43.00 -14.97 -17.50
N ASN C 316 -44.06 -15.66 -17.12
CA ASN C 316 -44.01 -17.12 -17.05
C ASN C 316 -43.90 -17.71 -18.43
N ALA C 317 -44.60 -17.10 -19.37
CA ALA C 317 -44.54 -17.48 -20.76
C ALA C 317 -43.10 -17.51 -21.27
N THR C 318 -42.42 -16.37 -21.18
CA THR C 318 -41.04 -16.27 -21.59
C THR C 318 -40.18 -17.28 -20.85
N PHE C 319 -40.51 -17.52 -19.59
CA PHE C 319 -39.80 -18.49 -18.77
C PHE C 319 -39.91 -19.92 -19.33
N GLN C 320 -41.11 -20.31 -19.72
CA GLN C 320 -41.32 -21.65 -20.27
C GLN C 320 -40.58 -21.84 -21.59
N SER C 321 -40.74 -20.90 -22.51
CA SER C 321 -40.10 -21.00 -23.79
C SER C 321 -38.57 -20.92 -23.65
N GLU C 322 -38.10 -20.19 -22.64
CA GLU C 322 -36.67 -20.14 -22.34
C GLU C 322 -36.13 -21.51 -21.95
N ARG C 323 -36.87 -22.20 -21.10
CA ARG C 323 -36.38 -23.43 -20.48
C ARG C 323 -36.49 -24.63 -21.42
N GLU C 324 -37.31 -24.53 -22.46
CA GLU C 324 -37.38 -25.61 -23.40
C GLU C 324 -36.39 -25.39 -24.52
N SER C 325 -36.29 -24.16 -25.00
CA SER C 325 -35.32 -23.81 -26.02
C SER C 325 -33.94 -23.54 -25.42
N GLY C 326 -33.63 -24.17 -24.31
CA GLY C 326 -32.38 -23.87 -23.64
C GLY C 326 -31.22 -24.82 -23.85
N ASP C 327 -31.08 -25.39 -25.03
CA ASP C 327 -30.07 -26.42 -25.24
C ASP C 327 -28.65 -25.88 -25.07
N ARG C 328 -28.38 -24.66 -25.54
CA ARG C 328 -27.03 -24.15 -25.41
C ARG C 328 -26.69 -23.79 -23.97
N ASN C 329 -27.70 -23.43 -23.17
CA ASN C 329 -27.46 -23.13 -21.78
C ASN C 329 -27.20 -24.39 -20.99
N PHE C 330 -27.93 -25.45 -21.33
CA PHE C 330 -27.64 -26.76 -20.76
C PHE C 330 -26.26 -27.26 -21.18
N ALA C 331 -25.88 -26.97 -22.41
CA ALA C 331 -24.54 -27.28 -22.90
C ALA C 331 -23.48 -26.55 -22.07
N ILE C 332 -23.69 -25.25 -21.87
CA ILE C 332 -22.80 -24.45 -21.03
C ILE C 332 -22.83 -24.98 -19.61
N GLY C 333 -24.03 -25.25 -19.10
CA GLY C 333 -24.20 -25.81 -17.78
C GLY C 333 -23.38 -27.05 -17.53
N TYR C 334 -23.49 -28.04 -18.39
CA TYR C 334 -22.69 -29.26 -18.23
C TYR C 334 -21.18 -29.00 -18.42
N TYR C 335 -20.83 -28.10 -19.33
CA TYR C 335 -19.43 -27.75 -19.50
C TYR C 335 -18.84 -27.09 -18.26
N LEU C 336 -19.62 -26.23 -17.59
CA LEU C 336 -19.16 -25.58 -16.36
C LEU C 336 -19.05 -26.58 -15.22
N LYS C 337 -20.06 -27.44 -15.11
CA LYS C 337 -20.06 -28.49 -14.10
C LYS C 337 -18.81 -29.37 -14.18
N GLU C 338 -18.58 -29.90 -15.38
CA GLU C 338 -17.43 -30.76 -15.63
C GLU C 338 -16.11 -30.06 -15.32
N LYS C 339 -15.99 -28.82 -15.77
CA LYS C 339 -14.80 -28.03 -15.51
C LYS C 339 -14.77 -27.43 -14.12
N LYS C 340 -15.76 -27.76 -13.29
CA LYS C 340 -15.76 -27.44 -11.86
C LYS C 340 -15.80 -25.93 -11.59
N CYS C 341 -16.68 -25.27 -12.32
CA CYS C 341 -16.74 -23.82 -12.35
C CYS C 341 -17.66 -23.22 -11.29
N PHE C 342 -18.51 -24.06 -10.71
CA PHE C 342 -19.52 -23.63 -9.76
C PHE C 342 -19.02 -23.71 -8.34
N PRO C 343 -19.67 -22.97 -7.43
CA PRO C 343 -19.40 -23.15 -6.01
C PRO C 343 -19.81 -24.54 -5.53
N GLU C 344 -18.99 -25.13 -4.67
CA GLU C 344 -19.23 -26.46 -4.13
C GLU C 344 -20.65 -26.56 -3.64
N GLY C 345 -21.28 -27.70 -3.90
CA GLY C 345 -22.66 -27.90 -3.49
C GLY C 345 -23.61 -27.13 -4.36
N THR C 346 -23.33 -27.11 -5.66
CA THR C 346 -24.18 -26.46 -6.63
C THR C 346 -25.04 -27.48 -7.34
N ASP C 347 -26.33 -27.23 -7.43
CA ASP C 347 -27.15 -28.00 -8.34
C ASP C 347 -27.23 -27.25 -9.66
N MET C 348 -26.46 -27.70 -10.64
CA MET C 348 -26.38 -27.01 -11.90
C MET C 348 -27.73 -26.91 -12.60
N VAL C 349 -28.44 -28.02 -12.70
CA VAL C 349 -29.73 -28.01 -13.38
C VAL C 349 -30.70 -26.99 -12.78
N GLY C 350 -30.67 -26.86 -11.45
CA GLY C 350 -31.51 -25.89 -10.76
C GLY C 350 -31.14 -24.45 -11.06
N ILE C 351 -29.84 -24.21 -11.09
CA ILE C 351 -29.26 -22.91 -11.40
C ILE C 351 -29.67 -22.45 -12.80
N LEU C 352 -29.74 -23.37 -13.73
CA LEU C 352 -30.19 -23.05 -15.07
C LEU C 352 -31.64 -22.60 -15.02
N ASP C 353 -32.42 -23.22 -14.17
CA ASP C 353 -33.82 -22.88 -14.03
C ASP C 353 -33.96 -21.51 -13.38
N PHE C 354 -33.18 -21.28 -12.33
CA PHE C 354 -33.08 -19.95 -11.73
C PHE C 354 -32.67 -18.94 -12.79
N TYR C 355 -31.63 -19.29 -13.56
CA TYR C 355 -31.13 -18.46 -14.64
C TYR C 355 -32.22 -18.11 -15.65
N PHE C 356 -32.98 -19.10 -16.10
CA PHE C 356 -34.10 -18.83 -17.01
C PHE C 356 -35.12 -17.85 -16.45
N GLN C 357 -35.31 -17.87 -15.12
CA GLN C 357 -36.29 -17.02 -14.49
C GLN C 357 -35.83 -15.57 -14.47
N LEU C 358 -34.56 -15.40 -14.12
CA LEU C 358 -33.95 -14.08 -14.07
C LEU C 358 -34.03 -13.38 -15.42
N CYS C 359 -33.84 -14.12 -16.51
CA CYS C 359 -33.93 -13.55 -17.86
C CYS C 359 -35.37 -13.18 -18.19
N SER C 360 -36.33 -13.75 -17.47
CA SER C 360 -37.73 -13.55 -17.81
C SER C 360 -38.38 -12.50 -16.93
N ILE C 361 -37.61 -11.93 -16.02
CA ILE C 361 -38.07 -10.84 -15.19
C ILE C 361 -38.45 -9.65 -16.07
N GLU C 362 -39.57 -9.02 -15.73
CA GLU C 362 -40.14 -7.96 -16.54
C GLU C 362 -39.89 -6.59 -15.94
N VAL C 363 -39.64 -5.62 -16.81
CA VAL C 363 -39.60 -4.20 -16.46
C VAL C 363 -40.39 -3.42 -17.51
N THR C 364 -40.51 -2.12 -17.27
CA THR C 364 -40.85 -1.20 -18.35
C THR C 364 -39.63 -0.35 -18.60
N CYS C 365 -39.70 0.47 -19.63
CA CYS C 365 -38.68 1.48 -19.88
C CYS C 365 -38.42 2.35 -18.67
N GLU C 366 -39.50 2.83 -18.07
CA GLU C 366 -39.43 3.73 -16.95
C GLU C 366 -38.78 3.11 -15.72
N SER C 367 -39.18 1.91 -15.34
CA SER C 367 -38.68 1.37 -14.10
C SER C 367 -37.23 0.96 -14.29
N ALA C 368 -36.90 0.48 -15.48
CA ALA C 368 -35.54 0.07 -15.79
C ALA C 368 -34.58 1.27 -15.81
N SER C 369 -35.06 2.41 -16.30
CA SER C 369 -34.25 3.63 -16.28
C SER C 369 -33.82 4.01 -14.87
N VAL C 370 -34.66 3.74 -13.88
CA VAL C 370 -34.34 4.02 -12.49
C VAL C 370 -33.21 3.09 -12.02
N MET C 371 -33.34 1.82 -12.38
CA MET C 371 -32.29 0.82 -12.13
C MET C 371 -30.95 1.27 -12.68
N ALA C 372 -30.97 1.69 -13.95
CA ALA C 372 -29.82 2.31 -14.62
C ALA C 372 -29.34 3.58 -13.91
N ALA C 373 -30.26 4.39 -13.40
CA ALA C 373 -29.88 5.60 -12.66
C ALA C 373 -29.27 5.30 -11.29
N THR C 374 -29.56 4.15 -10.69
CA THR C 374 -28.92 3.75 -9.43
C THR C 374 -27.44 3.41 -9.68
N LEU C 375 -27.18 2.82 -10.83
CA LEU C 375 -25.84 2.55 -11.28
C LEU C 375 -25.14 3.84 -11.67
N ALA C 376 -25.87 4.77 -12.28
CA ALA C 376 -25.31 6.09 -12.60
C ALA C 376 -24.97 6.89 -11.34
N ASN C 377 -25.64 6.56 -10.24
CA ASN C 377 -25.56 7.36 -9.04
C ASN C 377 -24.77 6.71 -7.91
N GLY C 378 -23.79 5.87 -8.23
CA GLY C 378 -22.96 5.22 -7.23
C GLY C 378 -23.68 4.24 -6.31
N GLY C 379 -24.79 3.67 -6.76
CA GLY C 379 -25.50 2.70 -5.98
C GLY C 379 -26.63 3.23 -5.12
N PHE C 380 -26.88 4.53 -5.18
CA PHE C 380 -28.03 5.10 -4.48
C PHE C 380 -29.17 5.23 -5.45
N CYS C 381 -30.33 4.75 -5.07
CA CYS C 381 -31.48 4.94 -5.92
C CYS C 381 -31.90 6.40 -5.85
N PRO C 382 -31.98 7.04 -7.02
CA PRO C 382 -32.24 8.47 -7.16
C PRO C 382 -33.61 8.93 -6.69
N ILE C 383 -34.67 8.15 -6.91
CA ILE C 383 -35.98 8.63 -6.54
C ILE C 383 -36.37 8.22 -5.12
N THR C 384 -35.46 7.59 -4.37
CA THR C 384 -35.75 7.26 -2.99
C THR C 384 -34.64 7.64 -2.02
N GLY C 385 -33.43 7.81 -2.50
CA GLY C 385 -32.29 8.11 -1.66
C GLY C 385 -31.66 6.91 -0.97
N GLU C 386 -32.19 5.72 -1.23
CA GLU C 386 -31.68 4.54 -0.55
C GLU C 386 -30.36 3.99 -1.14
N ARG C 387 -29.45 3.61 -0.25
CA ARG C 387 -28.24 2.92 -0.65
C ARG C 387 -28.60 1.50 -1.02
N VAL C 388 -28.63 1.25 -2.31
CA VAL C 388 -28.99 -0.06 -2.79
C VAL C 388 -27.78 -0.94 -3.08
N LEU C 389 -26.75 -0.37 -3.68
CA LEU C 389 -25.55 -1.14 -4.04
C LEU C 389 -24.29 -0.50 -3.51
N SER C 390 -23.34 -1.32 -3.10
CA SER C 390 -22.03 -0.81 -2.68
C SER C 390 -21.31 -0.19 -3.88
N PRO C 391 -20.40 0.76 -3.62
CA PRO C 391 -19.73 1.45 -4.72
C PRO C 391 -18.91 0.50 -5.59
N GLU C 392 -18.34 -0.51 -4.95
CA GLU C 392 -17.61 -1.59 -5.58
C GLU C 392 -18.44 -2.37 -6.59
N ALA C 393 -19.61 -2.81 -6.15
CA ALA C 393 -20.61 -3.41 -7.02
C ALA C 393 -20.86 -2.58 -8.28
N VAL C 394 -21.12 -1.30 -8.11
CA VAL C 394 -21.54 -0.42 -9.20
C VAL C 394 -20.39 -0.12 -10.14
N ARG C 395 -19.20 0.06 -9.58
CA ARG C 395 -18.03 0.35 -10.39
C ARG C 395 -17.63 -0.88 -11.22
N ASN C 396 -17.56 -2.03 -10.56
CA ASN C 396 -17.29 -3.30 -11.22
C ASN C 396 -18.25 -3.53 -12.35
N THR C 397 -19.50 -3.16 -12.11
CA THR C 397 -20.56 -3.39 -13.07
C THR C 397 -20.46 -2.44 -14.26
N LEU C 398 -20.22 -1.17 -13.97
CA LEU C 398 -20.04 -0.19 -15.03
C LEU C 398 -18.81 -0.50 -15.89
N SER C 399 -17.72 -0.96 -15.26
CA SER C 399 -16.49 -1.29 -16.00
C SER C 399 -16.72 -2.40 -17.03
N LEU C 400 -17.49 -3.41 -16.63
CA LEU C 400 -17.72 -4.58 -17.46
C LEU C 400 -18.81 -4.37 -18.48
N MET C 401 -19.76 -3.45 -18.20
CA MET C 401 -20.71 -3.05 -19.23
C MET C 401 -20.00 -2.26 -20.34
N HIS C 402 -18.95 -1.55 -19.97
CA HIS C 402 -18.16 -0.80 -20.92
C HIS C 402 -17.57 -1.70 -22.01
N SER C 403 -16.87 -2.74 -21.59
CA SER C 403 -16.15 -3.60 -22.53
C SER C 403 -16.93 -4.80 -23.06
N CYS C 404 -17.93 -5.25 -22.32
CA CYS C 404 -18.51 -6.57 -22.52
C CYS C 404 -20.01 -6.58 -22.72
N GLY C 405 -20.63 -5.40 -22.84
CA GLY C 405 -22.07 -5.27 -22.72
C GLY C 405 -22.94 -5.39 -23.95
N MET C 406 -22.36 -5.33 -25.13
CA MET C 406 -23.16 -5.26 -26.35
C MET C 406 -22.80 -6.35 -27.36
N TYR C 407 -22.39 -7.50 -26.85
CA TYR C 407 -21.99 -8.67 -27.64
C TYR C 407 -20.80 -8.40 -28.52
N ASP C 408 -20.95 -8.75 -29.79
CA ASP C 408 -19.87 -8.54 -30.75
C ASP C 408 -19.71 -7.07 -31.10
N PHE C 409 -20.60 -6.23 -30.58
CA PHE C 409 -20.54 -4.81 -30.86
C PHE C 409 -19.94 -4.06 -29.69
N SER C 410 -19.66 -4.76 -28.61
CA SER C 410 -19.05 -4.17 -27.43
C SER C 410 -17.83 -3.29 -27.71
N GLY C 411 -16.95 -3.75 -28.59
CA GLY C 411 -15.76 -2.99 -28.93
C GLY C 411 -16.09 -1.72 -29.68
N GLN C 412 -16.95 -1.82 -30.69
CA GLN C 412 -17.33 -0.70 -31.54
C GLN C 412 -18.18 0.32 -30.78
N PHE C 413 -18.95 -0.18 -29.84
CA PHE C 413 -19.85 0.61 -29.05
C PHE C 413 -19.04 1.36 -28.03
N ALA C 414 -18.10 0.68 -27.40
CA ALA C 414 -17.21 1.34 -26.44
C ALA C 414 -16.43 2.48 -27.10
N PHE C 415 -15.94 2.22 -28.31
CA PHE C 415 -15.22 3.23 -29.02
C PHE C 415 -16.08 4.43 -29.37
N HIS C 416 -17.24 4.19 -29.97
CA HIS C 416 -17.99 5.26 -30.58
C HIS C 416 -18.98 5.94 -29.66
N VAL C 417 -19.52 5.19 -28.70
CA VAL C 417 -20.54 5.69 -27.80
C VAL C 417 -19.94 6.02 -26.43
N GLY C 418 -19.07 5.13 -25.98
CA GLY C 418 -18.28 5.36 -24.80
C GLY C 418 -19.15 5.45 -23.58
N LEU C 419 -20.19 4.64 -23.57
CA LEU C 419 -21.08 4.55 -22.40
C LEU C 419 -21.22 3.10 -22.00
N PRO C 420 -21.21 2.85 -20.68
CA PRO C 420 -21.54 1.50 -20.22
C PRO C 420 -23.02 1.18 -20.50
N ALA C 421 -23.28 0.04 -21.12
CA ALA C 421 -24.61 -0.30 -21.55
C ALA C 421 -24.79 -1.81 -21.61
N LYS C 422 -26.03 -2.28 -21.58
CA LYS C 422 -26.26 -3.71 -21.72
C LYS C 422 -27.51 -3.99 -22.52
N SER C 423 -27.37 -4.82 -23.55
CA SER C 423 -28.52 -5.13 -24.38
C SER C 423 -29.12 -6.48 -24.08
N GLY C 424 -30.33 -6.66 -24.57
CA GLY C 424 -31.08 -7.87 -24.34
C GLY C 424 -31.87 -8.19 -25.57
N VAL C 425 -32.12 -9.47 -25.77
CA VAL C 425 -32.75 -10.00 -26.97
C VAL C 425 -34.22 -9.55 -27.10
N ALA C 426 -34.80 -9.07 -26.01
CA ALA C 426 -36.14 -8.47 -26.06
C ALA C 426 -36.16 -7.08 -26.73
N GLY C 427 -35.00 -6.48 -26.93
CA GLY C 427 -34.88 -5.21 -27.60
C GLY C 427 -34.45 -4.09 -26.67
N GLY C 428 -34.12 -4.44 -25.43
CA GLY C 428 -33.79 -3.48 -24.43
C GLY C 428 -32.33 -3.11 -24.43
N ILE C 429 -32.05 -1.86 -24.10
CA ILE C 429 -30.70 -1.42 -23.82
C ILE C 429 -30.70 -0.57 -22.57
N LEU C 430 -30.25 -1.16 -21.48
CA LEU C 430 -29.98 -0.47 -20.24
C LEU C 430 -28.75 0.40 -20.40
N LEU C 431 -28.91 1.70 -20.20
CA LEU C 431 -27.83 2.65 -20.48
C LEU C 431 -27.46 3.53 -19.28
N VAL C 432 -26.20 3.54 -18.90
CA VAL C 432 -25.76 4.37 -17.80
C VAL C 432 -24.86 5.49 -18.30
N VAL C 433 -25.22 6.73 -17.96
CA VAL C 433 -24.28 7.84 -18.12
C VAL C 433 -23.81 8.24 -16.72
N PRO C 434 -22.64 7.74 -16.31
CA PRO C 434 -22.18 7.92 -14.94
C PRO C 434 -22.25 9.36 -14.47
N ASN C 435 -22.74 9.54 -13.24
CA ASN C 435 -22.88 10.85 -12.60
C ASN C 435 -23.94 11.75 -13.23
N VAL C 436 -24.62 11.27 -14.26
CA VAL C 436 -25.63 12.07 -14.93
C VAL C 436 -27.01 11.46 -14.95
N MET C 437 -27.14 10.25 -15.48
CA MET C 437 -28.45 9.66 -15.68
C MET C 437 -28.41 8.18 -16.06
N GLY C 438 -29.56 7.53 -15.91
CA GLY C 438 -29.75 6.15 -16.30
C GLY C 438 -30.80 6.20 -17.38
N MET C 439 -30.79 5.23 -18.29
CA MET C 439 -31.80 5.14 -19.34
C MET C 439 -32.17 3.69 -19.69
N MET C 440 -33.41 3.48 -20.09
CA MET C 440 -33.75 2.26 -20.78
C MET C 440 -34.32 2.62 -22.12
N CYS C 441 -33.76 2.01 -23.17
CA CYS C 441 -34.28 2.15 -24.52
C CYS C 441 -34.84 0.82 -24.89
N TRP C 442 -36.00 0.80 -25.52
CA TRP C 442 -36.51 -0.51 -25.86
C TRP C 442 -37.26 -0.57 -27.17
N SER C 443 -36.81 -1.47 -28.01
CA SER C 443 -37.38 -1.67 -29.35
C SER C 443 -36.98 -3.04 -29.85
N PRO C 444 -37.95 -3.96 -29.95
CA PRO C 444 -37.73 -5.39 -30.18
C PRO C 444 -36.86 -5.80 -31.40
N PRO C 445 -36.97 -5.13 -32.57
CA PRO C 445 -36.13 -5.60 -33.68
C PRO C 445 -34.65 -5.42 -33.41
N LEU C 446 -33.90 -6.52 -33.59
CA LEU C 446 -32.48 -6.53 -33.32
C LEU C 446 -31.69 -6.55 -34.62
N ASP C 447 -30.46 -6.04 -34.57
CA ASP C 447 -29.59 -6.11 -35.71
C ASP C 447 -28.98 -7.50 -35.70
N LYS C 448 -28.08 -7.78 -36.63
CA LYS C 448 -27.55 -9.13 -36.79
C LYS C 448 -26.59 -9.50 -35.67
N MET C 449 -26.25 -8.53 -34.83
CA MET C 449 -25.45 -8.79 -33.65
C MET C 449 -26.27 -9.04 -32.39
N GLY C 450 -27.58 -8.79 -32.48
CA GLY C 450 -28.49 -9.03 -31.38
C GLY C 450 -28.89 -7.80 -30.57
N ASN C 451 -28.43 -6.64 -31.01
CA ASN C 451 -28.75 -5.38 -30.36
C ASN C 451 -29.92 -4.67 -31.02
N SER C 452 -30.81 -4.09 -30.21
CA SER C 452 -31.91 -3.30 -30.74
C SER C 452 -31.39 -2.24 -31.67
N VAL C 453 -31.80 -2.35 -32.92
CA VAL C 453 -31.50 -1.41 -33.99
C VAL C 453 -31.72 0.04 -33.56
N LYS C 454 -32.97 0.38 -33.27
CA LYS C 454 -33.34 1.73 -32.79
C LYS C 454 -32.54 2.19 -31.57
N GLY C 455 -32.34 1.30 -30.61
CA GLY C 455 -31.59 1.64 -29.42
C GLY C 455 -30.18 2.06 -29.74
N ILE C 456 -29.54 1.32 -30.64
CA ILE C 456 -28.15 1.54 -31.03
C ILE C 456 -28.01 2.85 -31.78
N HIS C 457 -29.02 3.14 -32.60
CA HIS C 457 -29.04 4.38 -33.36
C HIS C 457 -29.16 5.59 -32.44
N PHE C 458 -30.10 5.51 -31.51
CA PHE C 458 -30.29 6.50 -30.47
C PHE C 458 -29.03 6.73 -29.61
N CYS C 459 -28.38 5.66 -29.16
CA CYS C 459 -27.17 5.77 -28.34
C CYS C 459 -26.05 6.48 -29.09
N HIS C 460 -25.93 6.22 -30.38
CA HIS C 460 -24.96 6.91 -31.21
C HIS C 460 -25.27 8.40 -31.29
N ASP C 461 -26.52 8.72 -31.60
CA ASP C 461 -26.98 10.10 -31.72
C ASP C 461 -26.85 10.86 -30.43
N LEU C 462 -27.08 10.18 -29.32
CA LEU C 462 -26.97 10.77 -28.00
C LEU C 462 -25.59 11.31 -27.75
N VAL C 463 -24.59 10.45 -27.95
CA VAL C 463 -23.22 10.86 -27.75
C VAL C 463 -22.71 11.79 -28.86
N SER C 464 -23.31 11.72 -30.05
CA SER C 464 -22.99 12.68 -31.08
C SER C 464 -23.41 14.07 -30.64
N LEU C 465 -24.55 14.14 -29.98
CA LEU C 465 -25.14 15.40 -29.56
C LEU C 465 -24.53 15.97 -28.29
N CYS C 466 -24.36 15.11 -27.29
CA CYS C 466 -23.91 15.55 -25.98
C CYS C 466 -22.58 14.98 -25.66
N ASN C 467 -21.88 15.63 -24.77
CA ASN C 467 -20.53 15.25 -24.41
C ASN C 467 -20.56 14.24 -23.29
N PHE C 468 -21.32 13.18 -23.50
CA PHE C 468 -21.49 12.14 -22.50
C PHE C 468 -20.52 10.96 -22.66
N HIS C 469 -19.86 10.86 -23.82
CA HIS C 469 -18.80 9.87 -24.05
C HIS C 469 -17.85 9.88 -22.87
N ASN C 470 -17.48 8.70 -22.40
CA ASN C 470 -16.59 8.60 -21.27
C ASN C 470 -15.27 9.36 -21.43
N TYR C 471 -14.86 9.55 -22.68
CA TYR C 471 -13.60 10.20 -22.96
C TYR C 471 -13.77 11.47 -23.79
N ASP C 472 -14.98 12.04 -23.71
CA ASP C 472 -15.19 13.43 -24.01
C ASP C 472 -14.57 14.24 -22.88
N ASN C 473 -14.12 15.44 -23.21
CA ASN C 473 -13.61 16.38 -22.24
C ASN C 473 -14.72 17.31 -21.77
N LEU C 474 -14.82 17.53 -20.46
CA LEU C 474 -15.89 18.35 -19.89
C LEU C 474 -15.72 19.84 -20.14
N ARG C 475 -14.49 20.24 -20.43
CA ARG C 475 -14.15 21.65 -20.58
C ARG C 475 -14.04 22.03 -22.05
N HIS C 476 -13.42 21.16 -22.85
CA HIS C 476 -13.24 21.41 -24.27
C HIS C 476 -13.90 20.33 -25.11
N PHE C 477 -15.08 20.62 -25.66
CA PHE C 477 -15.82 19.56 -26.33
C PHE C 477 -16.48 19.97 -27.63
N ALA C 478 -15.73 20.68 -28.46
CA ALA C 478 -16.15 21.04 -29.81
C ALA C 478 -17.51 21.66 -29.82
N LYS C 479 -18.34 21.28 -30.77
CA LYS C 479 -19.69 21.81 -30.87
C LYS C 479 -20.73 20.82 -30.33
N LYS C 480 -20.32 20.00 -29.37
CA LYS C 480 -21.28 19.19 -28.66
C LYS C 480 -21.98 20.05 -27.61
N LEU C 481 -23.18 19.61 -27.24
CA LEU C 481 -23.95 20.22 -26.18
C LEU C 481 -23.60 19.59 -24.85
N ASP C 482 -23.50 20.39 -23.79
CA ASP C 482 -23.37 19.85 -22.43
C ASP C 482 -24.61 20.18 -21.62
N PRO C 483 -25.46 19.18 -21.40
CA PRO C 483 -26.69 19.42 -20.62
C PRO C 483 -26.48 19.76 -19.14
N ARG C 484 -25.26 19.67 -18.62
CA ARG C 484 -24.98 19.91 -17.21
C ARG C 484 -24.78 21.39 -16.93
N ARG C 485 -24.76 22.15 -18.00
CA ARG C 485 -24.45 23.55 -17.92
C ARG C 485 -25.62 24.36 -18.44
N GLU C 486 -25.76 25.59 -17.97
CA GLU C 486 -26.91 26.40 -18.32
C GLU C 486 -26.68 27.19 -19.61
N GLY C 487 -26.90 28.50 -19.56
CA GLY C 487 -26.73 29.35 -20.75
C GLY C 487 -25.30 29.31 -21.27
N PRO D 78 -5.93 21.17 40.88
CA PRO D 78 -6.19 20.60 42.21
C PRO D 78 -5.60 19.20 42.35
N SER D 79 -6.39 18.20 41.96
CA SER D 79 -5.96 16.80 42.01
C SER D 79 -6.35 16.09 40.72
N LEU D 80 -5.87 14.86 40.56
CA LEU D 80 -5.95 14.13 39.30
C LEU D 80 -7.35 14.10 38.70
N GLU D 81 -8.34 13.76 39.51
CA GLU D 81 -9.70 13.59 39.02
C GLU D 81 -10.29 14.87 38.43
N ASP D 82 -10.05 15.99 39.10
CA ASP D 82 -10.56 17.30 38.66
C ASP D 82 -9.74 17.86 37.51
N LEU D 83 -8.42 17.71 37.64
CA LEU D 83 -7.51 17.98 36.55
C LEU D 83 -7.99 17.29 35.29
N LEU D 84 -8.26 15.99 35.44
CA LEU D 84 -8.76 15.21 34.33
C LEU D 84 -10.16 15.70 33.94
N PHE D 85 -10.97 16.04 34.93
CA PHE D 85 -12.36 16.42 34.69
C PHE D 85 -12.49 17.58 33.72
N TYR D 86 -11.75 18.66 33.96
CA TYR D 86 -11.86 19.85 33.11
C TYR D 86 -11.29 19.59 31.73
N THR D 87 -10.37 18.63 31.61
CA THR D 87 -9.84 18.29 30.30
C THR D 87 -10.97 17.84 29.40
N ILE D 88 -11.78 16.88 29.87
CA ILE D 88 -12.91 16.40 29.08
C ILE D 88 -14.05 17.42 29.10
N ALA D 89 -14.16 18.15 30.20
CA ALA D 89 -15.27 19.07 30.41
C ALA D 89 -15.27 20.23 29.40
N GLU D 90 -14.13 20.88 29.24
CA GLU D 90 -13.95 22.00 28.29
C GLU D 90 -14.75 23.23 28.68
N GLY D 91 -14.42 23.80 29.83
CA GLY D 91 -15.04 25.04 30.26
C GLY D 91 -16.45 24.92 30.80
N GLN D 92 -17.29 24.13 30.13
CA GLN D 92 -18.68 23.95 30.55
C GLN D 92 -18.73 23.23 31.89
N GLU D 93 -19.89 23.27 32.54
CA GLU D 93 -19.99 22.83 33.93
C GLU D 93 -20.09 21.32 34.07
N LYS D 94 -20.86 20.68 33.19
CA LYS D 94 -21.11 19.25 33.30
C LYS D 94 -20.64 18.48 32.07
N ILE D 95 -20.21 17.24 32.28
CA ILE D 95 -19.90 16.33 31.18
C ILE D 95 -21.04 15.36 30.97
N PRO D 96 -21.55 15.28 29.74
CA PRO D 96 -22.43 14.17 29.40
C PRO D 96 -21.66 12.85 29.53
N VAL D 97 -22.34 11.76 29.89
CA VAL D 97 -21.66 10.49 30.03
C VAL D 97 -21.15 10.01 28.67
N HIS D 98 -22.00 10.06 27.66
CA HIS D 98 -21.62 9.62 26.31
C HIS D 98 -20.38 10.35 25.82
N LYS D 99 -20.23 11.60 26.20
CA LYS D 99 -19.11 12.42 25.76
C LYS D 99 -17.83 11.99 26.47
N PHE D 100 -17.98 11.43 27.66
CA PHE D 100 -16.86 10.82 28.36
C PHE D 100 -16.53 9.45 27.78
N ILE D 101 -17.55 8.71 27.40
CA ILE D 101 -17.36 7.39 26.82
C ILE D 101 -16.71 7.51 25.45
N THR D 102 -17.20 8.44 24.64
CA THR D 102 -16.62 8.65 23.32
C THR D 102 -15.18 9.12 23.44
N ALA D 103 -14.90 9.93 24.46
CA ALA D 103 -13.56 10.43 24.70
C ALA D 103 -12.61 9.28 25.02
N LEU D 104 -13.11 8.29 25.74
CA LEU D 104 -12.32 7.20 26.24
C LEU D 104 -11.98 6.22 25.13
N LYS D 105 -12.98 5.94 24.30
CA LYS D 105 -12.83 5.03 23.18
C LYS D 105 -11.75 5.53 22.22
N SER D 106 -11.73 6.83 22.00
CA SER D 106 -10.78 7.46 21.10
C SER D 106 -9.34 7.27 21.58
N THR D 107 -9.17 6.96 22.85
CA THR D 107 -7.85 6.57 23.33
C THR D 107 -7.56 5.11 22.94
N GLY D 108 -8.60 4.38 22.54
CA GLY D 108 -8.45 3.01 22.11
C GLY D 108 -8.72 2.00 23.21
N LEU D 109 -8.95 2.47 24.42
CA LEU D 109 -9.38 1.57 25.45
C LEU D 109 -10.81 1.17 25.16
N ARG D 110 -11.14 -0.08 25.41
CA ARG D 110 -12.52 -0.52 25.27
C ARG D 110 -13.21 -0.31 26.59
N THR D 111 -14.50 -0.09 26.55
CA THR D 111 -15.25 0.23 27.74
C THR D 111 -15.36 -1.00 28.65
N SER D 112 -15.12 -2.17 28.07
CA SER D 112 -15.17 -3.43 28.81
C SER D 112 -13.81 -3.83 29.37
N ASP D 113 -12.85 -2.92 29.35
CA ASP D 113 -11.53 -3.17 29.88
C ASP D 113 -11.62 -3.58 31.35
N PRO D 114 -11.09 -4.76 31.71
CA PRO D 114 -11.09 -5.23 33.09
C PRO D 114 -10.51 -4.26 34.13
N ARG D 115 -9.53 -3.43 33.76
CA ARG D 115 -8.94 -2.46 34.70
C ARG D 115 -9.84 -1.26 34.91
N LEU D 116 -10.91 -1.17 34.13
CA LEU D 116 -11.83 -0.06 34.22
C LEU D 116 -13.16 -0.50 34.79
N LYS D 117 -13.20 -1.66 35.44
CA LYS D 117 -14.46 -2.23 35.94
C LYS D 117 -15.12 -1.35 37.00
N GLU D 118 -14.36 -1.00 38.03
CA GLU D 118 -14.85 -0.13 39.10
C GLU D 118 -15.51 1.12 38.54
N CYS D 119 -14.83 1.78 37.62
CA CYS D 119 -15.37 2.97 36.98
C CYS D 119 -16.66 2.70 36.23
N MET D 120 -16.70 1.62 35.46
CA MET D 120 -17.90 1.32 34.69
C MET D 120 -19.03 0.82 35.58
N ASP D 121 -18.69 0.10 36.67
CA ASP D 121 -19.66 -0.30 37.66
C ASP D 121 -20.31 0.92 38.27
N MET D 122 -19.49 1.95 38.51
CA MET D 122 -19.91 3.16 39.17
C MET D 122 -20.72 4.04 38.21
N LEU D 123 -20.46 3.89 36.93
CA LEU D 123 -21.22 4.58 35.91
C LEU D 123 -22.59 3.96 35.76
N ARG D 124 -22.67 2.64 35.81
CA ARG D 124 -23.95 1.96 35.69
C ARG D 124 -24.84 2.28 36.89
N LEU D 125 -24.25 2.31 38.08
CA LEU D 125 -24.98 2.71 39.28
C LEU D 125 -25.50 4.14 39.13
N THR D 126 -24.65 5.03 38.63
CA THR D 126 -25.01 6.43 38.47
C THR D 126 -26.03 6.61 37.34
N LEU D 127 -26.01 5.75 36.33
CA LEU D 127 -27.01 5.91 35.29
C LEU D 127 -28.34 5.31 35.75
N GLN D 128 -28.27 4.46 36.76
CA GLN D 128 -29.48 4.02 37.47
C GLN D 128 -29.99 5.14 38.39
N THR D 129 -29.07 5.90 38.97
CA THR D 129 -29.46 6.87 40.01
C THR D 129 -30.21 8.03 39.38
N THR D 130 -29.67 8.63 38.32
CA THR D 130 -30.39 9.68 37.63
C THR D 130 -30.74 9.32 36.20
N SER D 131 -31.87 8.62 36.04
CA SER D 131 -32.57 8.66 34.76
C SER D 131 -32.93 10.13 34.52
N ASP D 132 -32.95 10.87 35.64
CA ASP D 132 -33.02 12.32 35.73
C ASP D 132 -31.94 13.09 34.97
N GLY D 133 -30.81 12.43 34.70
CA GLY D 133 -29.61 13.11 34.23
C GLY D 133 -29.50 13.43 32.75
N VAL D 134 -28.48 12.88 32.08
CA VAL D 134 -27.53 11.96 32.70
C VAL D 134 -26.14 12.57 32.86
N MET D 135 -26.09 13.88 33.12
CA MET D 135 -24.82 14.59 33.21
C MET D 135 -23.97 14.14 34.40
N LEU D 136 -22.71 14.54 34.38
CA LEU D 136 -21.79 14.33 35.48
C LEU D 136 -21.17 15.64 35.87
N ASP D 137 -21.43 16.11 37.09
CA ASP D 137 -20.65 17.25 37.56
C ASP D 137 -19.37 16.66 38.16
N LYS D 138 -18.53 17.53 38.69
CA LYS D 138 -17.15 17.18 39.03
C LYS D 138 -17.03 16.13 40.12
N ASP D 139 -17.81 16.30 41.19
CA ASP D 139 -17.70 15.40 42.32
C ASP D 139 -18.29 14.04 41.96
N LEU D 140 -19.19 14.02 40.98
CA LEU D 140 -19.80 12.79 40.53
C LEU D 140 -18.89 12.05 39.56
N PHE D 141 -18.32 12.81 38.63
CA PHE D 141 -17.27 12.32 37.75
C PHE D 141 -16.18 11.65 38.55
N LYS D 142 -15.71 12.36 39.58
CA LYS D 142 -14.65 11.88 40.44
C LYS D 142 -15.06 10.59 41.14
N LYS D 143 -16.31 10.54 41.56
CA LYS D 143 -16.87 9.38 42.22
C LYS D 143 -16.75 8.15 41.33
N CYS D 144 -16.87 8.36 40.03
CA CYS D 144 -16.81 7.26 39.09
C CYS D 144 -15.38 6.87 38.78
N VAL D 145 -14.50 7.85 38.64
CA VAL D 145 -13.20 7.59 38.05
C VAL D 145 -12.05 7.46 39.03
N GLN D 146 -12.27 7.76 40.30
CA GLN D 146 -11.15 7.88 41.23
C GLN D 146 -10.44 6.54 41.44
N SER D 147 -11.18 5.47 41.27
CA SER D 147 -10.66 4.12 41.48
C SER D 147 -9.73 3.70 40.34
N ASN D 148 -9.99 4.22 39.15
CA ASN D 148 -9.18 3.89 37.99
C ASN D 148 -8.50 5.13 37.40
N ILE D 149 -8.14 6.08 38.26
CA ILE D 149 -7.70 7.40 37.80
C ILE D 149 -6.33 7.37 37.11
N VAL D 150 -5.41 6.54 37.58
CA VAL D 150 -4.08 6.48 36.98
C VAL D 150 -4.16 6.00 35.54
N LEU D 151 -4.93 4.95 35.28
CA LEU D 151 -5.11 4.45 33.92
C LEU D 151 -5.82 5.48 33.04
N LEU D 152 -6.85 6.13 33.57
CA LEU D 152 -7.64 7.06 32.79
C LEU D 152 -6.84 8.31 32.43
N THR D 153 -6.00 8.75 33.34
CA THR D 153 -5.15 9.89 33.09
C THR D 153 -4.13 9.57 32.01
N GLN D 154 -3.43 8.46 32.21
CA GLN D 154 -2.50 7.92 31.23
C GLN D 154 -3.14 7.88 29.84
N ALA D 155 -4.36 7.37 29.77
CA ALA D 155 -5.09 7.27 28.52
C ALA D 155 -5.39 8.63 27.90
N PHE D 156 -5.76 9.59 28.74
CA PHE D 156 -6.25 10.87 28.24
C PHE D 156 -5.15 11.88 28.00
N ARG D 157 -4.06 11.77 28.76
CA ARG D 157 -2.92 12.64 28.52
C ARG D 157 -1.93 12.05 27.48
N ARG D 158 -2.41 11.10 26.68
CA ARG D 158 -1.65 10.52 25.56
C ARG D 158 -0.32 9.91 25.98
N LYS D 159 -0.36 9.20 27.10
CA LYS D 159 0.82 8.52 27.59
C LYS D 159 0.94 7.11 27.05
N PHE D 160 -0.06 6.65 26.31
CA PHE D 160 -0.06 5.26 25.85
C PHE D 160 0.98 5.06 24.78
N VAL D 161 1.30 3.81 24.48
CA VAL D 161 2.41 3.47 23.64
C VAL D 161 2.17 4.01 22.22
N ILE D 162 0.91 4.03 21.79
CA ILE D 162 0.53 4.71 20.57
C ILE D 162 -0.40 5.86 20.91
N PRO D 163 0.15 7.07 21.04
CA PRO D 163 -0.55 8.29 21.43
C PRO D 163 -1.74 8.58 20.55
N ASP D 164 -1.52 8.61 19.24
CA ASP D 164 -2.59 8.84 18.28
C ASP D 164 -3.04 7.52 17.70
N PHE D 165 -3.77 6.76 18.50
CA PHE D 165 -4.24 5.43 18.16
C PHE D 165 -5.29 5.46 17.07
N MET D 166 -6.15 6.47 17.09
CA MET D 166 -7.19 6.63 16.07
C MET D 166 -6.60 6.82 14.67
N SER D 167 -5.43 7.43 14.62
CA SER D 167 -4.73 7.59 13.34
C SER D 167 -4.11 6.26 12.93
N PHE D 168 -3.58 5.55 13.92
CA PHE D 168 -2.97 4.24 13.72
C PHE D 168 -3.97 3.19 13.26
N THR D 169 -5.19 3.21 13.77
CA THR D 169 -6.15 2.20 13.35
C THR D 169 -6.57 2.45 11.89
N SER D 170 -6.56 3.70 11.47
CA SER D 170 -6.88 3.98 10.08
C SER D 170 -5.82 3.40 9.14
N HIS D 171 -4.56 3.39 9.58
CA HIS D 171 -3.49 2.73 8.86
C HIS D 171 -3.67 1.22 8.80
N ILE D 172 -4.00 0.63 9.95
CA ILE D 172 -4.33 -0.77 10.05
C ILE D 172 -5.48 -1.16 9.13
N ASP D 173 -6.44 -0.26 8.97
CA ASP D 173 -7.57 -0.50 8.09
C ASP D 173 -7.17 -0.47 6.64
N GLU D 174 -6.25 0.41 6.28
CA GLU D 174 -5.76 0.45 4.90
C GLU D 174 -4.95 -0.79 4.58
N LEU D 175 -4.06 -1.16 5.49
CA LEU D 175 -3.30 -2.40 5.43
C LEU D 175 -4.21 -3.58 5.27
N TYR D 176 -5.30 -3.56 6.01
CA TYR D 176 -6.29 -4.64 5.98
C TYR D 176 -6.93 -4.77 4.60
N GLU D 177 -7.36 -3.65 4.02
CA GLU D 177 -8.06 -3.67 2.74
C GLU D 177 -7.13 -4.05 1.59
N SER D 178 -5.84 -3.80 1.77
CA SER D 178 -4.88 -4.14 0.75
C SER D 178 -4.63 -5.65 0.73
N ALA D 179 -4.52 -6.26 1.90
CA ALA D 179 -4.36 -7.71 1.97
C ALA D 179 -5.66 -8.44 1.60
N LYS D 180 -6.79 -7.78 1.76
CA LYS D 180 -8.08 -8.36 1.39
C LYS D 180 -8.14 -8.65 -0.11
N LYS D 181 -7.41 -7.88 -0.89
CA LYS D 181 -7.36 -8.06 -2.33
C LYS D 181 -6.48 -9.22 -2.76
N GLN D 182 -5.76 -9.81 -1.80
CA GLN D 182 -4.94 -10.99 -2.06
C GLN D 182 -5.72 -12.27 -1.82
N SER D 183 -6.46 -12.70 -2.85
CA SER D 183 -7.41 -13.80 -2.70
C SER D 183 -6.85 -15.19 -2.99
N GLY D 184 -5.56 -15.26 -3.31
CA GLY D 184 -4.93 -16.54 -3.61
C GLY D 184 -4.76 -17.47 -2.43
N GLY D 185 -4.11 -18.61 -2.66
CA GLY D 185 -3.84 -19.56 -1.60
C GLY D 185 -4.91 -20.63 -1.46
N LYS D 186 -4.61 -21.63 -0.65
CA LYS D 186 -5.52 -22.76 -0.50
C LYS D 186 -5.79 -23.06 0.97
N VAL D 187 -7.08 -23.15 1.29
CA VAL D 187 -7.53 -23.59 2.59
C VAL D 187 -7.10 -25.03 2.85
N ALA D 188 -6.54 -25.27 4.02
CA ALA D 188 -6.14 -26.61 4.41
C ALA D 188 -7.37 -27.52 4.39
N ASP D 189 -7.21 -28.71 3.83
CA ASP D 189 -8.33 -29.63 3.74
C ASP D 189 -7.96 -31.05 4.13
N TYR D 190 -6.83 -31.21 4.81
CA TYR D 190 -6.40 -32.54 5.21
C TYR D 190 -7.31 -33.07 6.32
N ILE D 191 -8.04 -32.17 6.97
CA ILE D 191 -9.16 -32.57 7.83
C ILE D 191 -10.37 -31.70 7.49
N PRO D 192 -11.59 -32.27 7.62
CA PRO D 192 -12.80 -31.59 7.16
C PRO D 192 -13.17 -30.34 7.95
N GLN D 193 -12.70 -30.23 9.19
CA GLN D 193 -13.05 -29.09 10.04
C GLN D 193 -12.47 -27.77 9.54
N LEU D 194 -11.37 -27.88 8.78
CA LEU D 194 -10.76 -26.70 8.20
C LEU D 194 -11.22 -26.50 6.77
N ALA D 195 -11.62 -27.57 6.11
CA ALA D 195 -12.11 -27.50 4.75
C ALA D 195 -13.30 -26.57 4.65
N LYS D 196 -14.13 -26.59 5.69
CA LYS D 196 -15.39 -25.87 5.68
C LYS D 196 -15.23 -24.35 5.86
N PHE D 197 -14.10 -23.92 6.40
CA PHE D 197 -13.87 -22.50 6.62
C PHE D 197 -13.78 -21.77 5.30
N SER D 198 -14.49 -20.63 5.22
CA SER D 198 -14.50 -19.81 4.01
C SER D 198 -13.12 -19.23 3.67
N PRO D 199 -12.75 -19.27 2.38
CA PRO D 199 -11.50 -18.63 1.96
C PRO D 199 -11.60 -17.10 2.00
N ASP D 200 -12.75 -16.58 2.43
CA ASP D 200 -13.01 -15.15 2.37
C ASP D 200 -12.97 -14.50 3.73
N LEU D 201 -13.03 -15.31 4.78
CA LEU D 201 -12.85 -14.82 6.14
C LEU D 201 -11.47 -14.19 6.29
N TRP D 202 -11.42 -13.01 6.89
CA TRP D 202 -10.18 -12.28 7.05
C TRP D 202 -10.32 -11.23 8.14
N GLY D 203 -9.60 -11.44 9.24
CA GLY D 203 -9.61 -10.49 10.33
C GLY D 203 -8.27 -10.14 10.93
N VAL D 204 -8.15 -8.90 11.39
CA VAL D 204 -6.94 -8.48 12.08
C VAL D 204 -7.28 -7.77 13.36
N SER D 205 -6.62 -8.17 14.43
CA SER D 205 -6.86 -7.54 15.71
C SER D 205 -5.59 -7.09 16.36
N VAL D 206 -5.66 -5.90 16.95
CA VAL D 206 -4.54 -5.31 17.64
C VAL D 206 -4.84 -5.09 19.11
N CYS D 207 -3.90 -5.44 19.96
CA CYS D 207 -3.96 -5.05 21.36
C CYS D 207 -2.55 -4.59 21.77
N THR D 208 -2.43 -3.30 22.09
CA THR D 208 -1.14 -2.73 22.47
C THR D 208 -0.76 -3.13 23.89
N VAL D 209 0.45 -2.78 24.30
CA VAL D 209 0.93 -3.18 25.62
C VAL D 209 0.21 -2.38 26.71
N ASP D 210 -0.58 -1.41 26.28
CA ASP D 210 -1.37 -0.56 27.17
C ASP D 210 -2.85 -0.88 27.10
N GLY D 211 -3.21 -1.91 26.35
CA GLY D 211 -4.61 -2.30 26.28
C GLY D 211 -5.44 -1.60 25.23
N GLN D 212 -4.83 -0.82 24.37
CA GLN D 212 -5.57 -0.19 23.29
C GLN D 212 -5.98 -1.23 22.25
N ARG D 213 -7.23 -1.18 21.80
CA ARG D 213 -7.76 -2.28 21.00
C ARG D 213 -8.32 -1.82 19.66
N HIS D 214 -8.06 -2.62 18.66
CA HIS D 214 -8.64 -2.39 17.36
C HIS D 214 -8.81 -3.66 16.58
N SER D 215 -9.88 -3.69 15.81
CA SER D 215 -10.21 -4.84 15.00
C SER D 215 -10.85 -4.42 13.69
N THR D 216 -10.56 -5.19 12.65
CA THR D 216 -11.19 -5.00 11.37
C THR D 216 -11.37 -6.38 10.74
N GLY D 217 -12.54 -6.59 10.14
CA GLY D 217 -12.91 -7.88 9.59
C GLY D 217 -13.50 -8.88 10.58
N ASP D 218 -13.31 -10.16 10.26
CA ASP D 218 -13.90 -11.27 10.99
C ASP D 218 -13.15 -11.65 12.25
N THR D 219 -13.24 -10.80 13.26
CA THR D 219 -12.38 -10.94 14.40
C THR D 219 -13.00 -11.62 15.62
N LYS D 220 -14.30 -11.93 15.56
CA LYS D 220 -14.92 -12.67 16.65
C LYS D 220 -15.35 -14.08 16.22
N VAL D 221 -14.78 -14.57 15.13
CA VAL D 221 -15.05 -15.91 14.64
C VAL D 221 -14.04 -16.87 15.23
N PRO D 222 -14.50 -17.86 15.98
CA PRO D 222 -13.57 -18.83 16.56
C PRO D 222 -12.90 -19.71 15.50
N PHE D 223 -11.61 -19.94 15.67
CA PHE D 223 -10.84 -20.83 14.83
C PHE D 223 -9.75 -21.43 15.69
N CYS D 224 -9.23 -22.58 15.29
CA CYS D 224 -8.23 -23.27 16.08
C CYS D 224 -6.84 -22.65 15.94
N LEU D 225 -6.10 -22.65 17.03
CA LEU D 225 -4.75 -22.16 17.06
C LEU D 225 -3.84 -22.97 16.18
N GLN D 226 -4.03 -24.29 16.25
CA GLN D 226 -3.13 -25.23 15.64
C GLN D 226 -1.71 -24.92 16.09
N SER D 227 -0.81 -24.61 15.17
CA SER D 227 0.58 -24.39 15.56
C SER D 227 0.85 -23.06 16.27
N CYS D 228 -0.09 -22.12 16.22
CA CYS D 228 0.05 -20.87 16.95
C CYS D 228 0.12 -21.11 18.46
N VAL D 229 -0.30 -22.29 18.91
CA VAL D 229 -0.26 -22.65 20.31
C VAL D 229 1.13 -23.06 20.77
N LYS D 230 1.97 -23.42 19.82
CA LYS D 230 3.30 -23.92 20.14
C LYS D 230 4.15 -22.96 20.99
N PRO D 231 4.19 -21.67 20.62
CA PRO D 231 4.92 -20.75 21.50
C PRO D 231 4.25 -20.56 22.86
N LEU D 232 2.92 -20.57 22.88
CA LEU D 232 2.18 -20.44 24.15
C LEU D 232 2.52 -21.57 25.12
N LYS D 233 2.49 -22.82 24.66
CA LYS D 233 2.82 -23.93 25.56
C LYS D 233 4.31 -24.02 25.87
N TYR D 234 5.14 -23.59 24.93
CA TYR D 234 6.57 -23.50 25.23
C TYR D 234 6.81 -22.44 26.29
N ALA D 235 6.12 -21.32 26.20
CA ALA D 235 6.24 -20.27 27.22
C ALA D 235 5.80 -20.78 28.58
N ILE D 236 4.69 -21.50 28.64
CA ILE D 236 4.25 -22.12 29.88
C ILE D 236 5.31 -23.05 30.47
N ALA D 237 5.91 -23.89 29.65
CA ALA D 237 6.93 -24.84 30.11
C ALA D 237 8.15 -24.14 30.66
N VAL D 238 8.63 -23.10 29.97
CA VAL D 238 9.77 -22.35 30.47
C VAL D 238 9.42 -21.58 31.72
N ASN D 239 8.19 -21.08 31.77
CA ASN D 239 7.68 -20.43 32.96
C ASN D 239 7.64 -21.35 34.20
N ASP D 240 7.17 -22.60 34.05
CA ASP D 240 7.05 -23.51 35.17
C ASP D 240 8.35 -24.21 35.56
N LEU D 241 9.26 -24.38 34.61
CA LEU D 241 10.42 -25.24 34.82
C LEU D 241 11.75 -24.56 34.59
N GLY D 242 11.75 -23.49 33.82
CA GLY D 242 12.97 -22.78 33.51
C GLY D 242 13.54 -23.18 32.18
N THR D 243 14.31 -22.28 31.58
CA THR D 243 14.97 -22.48 30.27
C THR D 243 15.84 -23.72 30.19
N GLU D 244 16.59 -23.94 31.25
CA GLU D 244 17.69 -24.88 31.24
C GLU D 244 17.16 -26.30 31.22
N TYR D 245 16.18 -26.57 32.06
CA TYR D 245 15.54 -27.87 32.06
C TYR D 245 14.83 -28.14 30.73
N VAL D 246 14.02 -27.18 30.29
CA VAL D 246 13.26 -27.32 29.06
C VAL D 246 14.16 -27.64 27.87
N HIS D 247 15.31 -27.00 27.81
CA HIS D 247 16.16 -27.18 26.65
C HIS D 247 17.14 -28.34 26.81
N ARG D 248 16.87 -29.19 27.80
CA ARG D 248 17.47 -30.52 27.86
C ARG D 248 16.77 -31.44 26.90
N TYR D 249 15.57 -31.07 26.50
CA TYR D 249 14.72 -31.95 25.73
C TYR D 249 14.46 -31.41 24.33
N VAL D 250 14.85 -30.16 24.09
CA VAL D 250 14.51 -29.50 22.86
C VAL D 250 15.53 -28.39 22.59
N GLY D 251 15.84 -28.18 21.33
CA GLY D 251 16.92 -27.27 20.98
C GLY D 251 16.43 -25.84 20.88
N LYS D 252 17.32 -24.96 20.47
CA LYS D 252 16.99 -23.56 20.42
C LYS D 252 17.37 -22.88 19.14
N GLU D 253 17.39 -23.62 18.03
CA GLU D 253 17.79 -23.06 16.74
C GLU D 253 16.86 -23.46 15.62
N PRO D 254 16.79 -22.61 14.58
CA PRO D 254 16.11 -23.11 13.41
C PRO D 254 16.88 -24.25 12.86
N SER D 255 16.13 -25.21 12.36
CA SER D 255 16.73 -26.19 11.52
C SER D 255 17.24 -25.33 10.34
N GLY D 256 16.46 -24.28 9.97
CA GLY D 256 16.71 -23.40 8.81
C GLY D 256 15.64 -23.42 7.70
N LEU D 257 15.97 -23.75 6.44
CA LEU D 257 14.90 -24.10 5.48
C LEU D 257 15.25 -25.32 4.65
N ARG D 258 16.49 -25.77 4.70
CA ARG D 258 16.97 -26.89 3.90
C ARG D 258 16.35 -28.26 4.35
N PHE D 259 17.19 -29.27 4.61
CA PHE D 259 17.00 -30.33 5.64
C PHE D 259 15.61 -30.71 6.25
N ASN D 260 14.53 -29.95 5.99
CA ASN D 260 13.50 -29.73 7.01
C ASN D 260 12.50 -30.86 7.28
N LYS D 261 12.99 -32.09 7.09
CA LYS D 261 12.19 -33.27 7.35
C LYS D 261 12.65 -33.96 8.63
N LEU D 262 13.87 -33.68 9.06
CA LEU D 262 14.44 -34.40 10.19
C LEU D 262 13.76 -34.10 11.53
N PHE D 263 13.66 -35.13 12.37
CA PHE D 263 12.98 -34.97 13.63
C PHE D 263 13.92 -34.45 14.72
N LEU D 264 15.19 -34.81 14.64
CA LEU D 264 16.14 -34.45 15.67
C LEU D 264 17.38 -33.78 15.13
N ASN D 265 18.03 -33.00 15.98
CA ASN D 265 19.34 -32.48 15.65
C ASN D 265 20.38 -33.51 16.04
N GLU D 266 21.64 -33.10 16.08
CA GLU D 266 22.70 -34.06 16.29
C GLU D 266 22.81 -34.47 17.76
N ASP D 267 22.26 -33.65 18.64
CA ASP D 267 22.24 -33.99 20.06
C ASP D 267 21.02 -34.80 20.39
N ASP D 268 20.36 -35.30 19.36
CA ASP D 268 19.15 -36.10 19.49
C ASP D 268 18.00 -35.40 20.21
N LYS D 269 18.00 -34.08 20.15
CA LYS D 269 16.88 -33.28 20.61
C LYS D 269 16.14 -32.75 19.41
N PRO D 270 14.82 -32.55 19.54
CA PRO D 270 14.12 -31.81 18.50
C PRO D 270 14.74 -30.43 18.32
N HIS D 271 14.73 -29.92 17.10
CA HIS D 271 15.54 -28.77 16.76
C HIS D 271 15.18 -27.55 17.59
N ASN D 272 13.88 -27.36 17.78
CA ASN D 272 13.34 -26.22 18.50
C ASN D 272 11.87 -26.54 18.81
N PRO D 273 11.24 -25.74 19.69
CA PRO D 273 9.84 -25.89 20.10
C PRO D 273 8.81 -25.61 19.02
N MET D 274 9.16 -24.87 17.99
CA MET D 274 8.19 -24.46 16.99
C MET D 274 7.92 -25.50 15.91
N VAL D 275 8.69 -26.56 15.87
CA VAL D 275 8.39 -27.67 14.96
C VAL D 275 7.63 -28.74 15.74
N ASN D 276 6.90 -29.59 15.01
CA ASN D 276 6.03 -30.61 15.59
C ASN D 276 6.76 -31.50 16.58
N ALA D 277 7.93 -31.98 16.20
CA ALA D 277 8.71 -32.84 17.07
C ALA D 277 9.04 -32.14 18.37
N GLY D 278 9.30 -30.83 18.28
CA GLY D 278 9.67 -30.02 19.43
C GLY D 278 8.49 -29.72 20.30
N ALA D 279 7.39 -29.34 19.66
CA ALA D 279 6.14 -29.11 20.35
C ALA D 279 5.64 -30.33 21.10
N ILE D 280 5.78 -31.50 20.48
CA ILE D 280 5.37 -32.76 21.10
C ILE D 280 6.19 -33.00 22.36
N VAL D 281 7.47 -32.73 22.29
CA VAL D 281 8.32 -32.94 23.45
C VAL D 281 7.99 -31.93 24.54
N VAL D 282 7.80 -30.67 24.17
CA VAL D 282 7.42 -29.62 25.10
C VAL D 282 6.11 -29.98 25.79
N THR D 283 5.15 -30.47 25.01
CA THR D 283 3.89 -30.96 25.53
C THR D 283 4.08 -32.01 26.62
N SER D 284 5.20 -32.71 26.59
CA SER D 284 5.44 -33.77 27.56
C SER D 284 6.06 -33.26 28.86
N LEU D 285 6.52 -32.01 28.86
CA LEU D 285 7.18 -31.47 30.04
C LEU D 285 6.20 -30.76 30.97
N ILE D 286 5.07 -30.36 30.41
CA ILE D 286 4.08 -29.57 31.11
C ILE D 286 3.25 -30.40 32.10
N LYS D 287 3.28 -29.97 33.36
CA LYS D 287 2.42 -30.51 34.39
C LYS D 287 2.57 -32.03 34.48
N GLN D 288 3.82 -32.47 34.50
CA GLN D 288 4.12 -33.89 34.60
C GLN D 288 3.45 -34.48 35.86
N GLY D 289 3.01 -35.73 35.76
CA GLY D 289 2.45 -36.40 36.93
C GLY D 289 0.93 -36.46 37.00
N VAL D 290 0.27 -35.33 36.80
CA VAL D 290 -1.20 -35.32 36.78
C VAL D 290 -1.67 -35.80 35.42
N ASN D 291 -2.92 -36.22 35.35
CA ASN D 291 -3.44 -36.78 34.11
C ASN D 291 -3.72 -35.72 33.07
N ASN D 292 -4.05 -36.17 31.87
CA ASN D 292 -4.25 -35.30 30.73
C ASN D 292 -5.47 -34.39 30.86
N ALA D 293 -6.41 -34.76 31.70
CA ALA D 293 -7.60 -33.94 31.88
C ALA D 293 -7.25 -32.69 32.67
N GLU D 294 -6.40 -32.87 33.67
CA GLU D 294 -5.93 -31.78 34.50
C GLU D 294 -4.94 -30.91 33.75
N LYS D 295 -4.06 -31.55 32.99
CA LYS D 295 -3.10 -30.87 32.14
C LYS D 295 -3.79 -29.92 31.18
N PHE D 296 -4.82 -30.40 30.50
CA PHE D 296 -5.57 -29.55 29.59
C PHE D 296 -6.24 -28.36 30.33
N ASP D 297 -6.80 -28.64 31.51
CA ASP D 297 -7.40 -27.64 32.38
C ASP D 297 -6.39 -26.54 32.72
N TYR D 298 -5.22 -26.96 33.18
CA TYR D 298 -4.16 -26.07 33.58
C TYR D 298 -3.72 -25.15 32.44
N VAL D 299 -3.53 -25.71 31.26
CA VAL D 299 -3.21 -24.96 30.07
C VAL D 299 -4.33 -24.02 29.65
N MET D 300 -5.57 -24.47 29.75
CA MET D 300 -6.69 -23.56 29.49
C MET D 300 -6.71 -22.35 30.43
N GLN D 301 -6.51 -22.59 31.72
CA GLN D 301 -6.47 -21.51 32.69
C GLN D 301 -5.31 -20.56 32.38
N PHE D 302 -4.20 -21.14 31.95
CA PHE D 302 -3.05 -20.37 31.59
C PHE D 302 -3.36 -19.51 30.37
N LEU D 303 -4.05 -20.06 29.39
CA LEU D 303 -4.37 -19.33 28.18
C LEU D 303 -5.40 -18.24 28.47
N ASN D 304 -6.24 -18.51 29.46
CA ASN D 304 -7.19 -17.54 29.99
C ASN D 304 -6.51 -16.29 30.53
N LYS D 305 -5.56 -16.46 31.45
CA LYS D 305 -4.82 -15.33 31.95
C LYS D 305 -4.21 -14.56 30.79
N MET D 306 -3.57 -15.28 29.87
CA MET D 306 -2.92 -14.71 28.70
C MET D 306 -3.83 -13.86 27.84
N ALA D 307 -5.08 -14.27 27.70
CA ALA D 307 -6.04 -13.55 26.88
C ALA D 307 -6.84 -12.52 27.67
N GLY D 308 -6.45 -12.28 28.91
CA GLY D 308 -7.23 -11.45 29.81
C GLY D 308 -8.67 -11.90 29.91
N ASN D 309 -8.86 -13.22 30.01
CA ASN D 309 -10.16 -13.89 30.08
C ASN D 309 -11.07 -13.65 28.92
N GLU D 310 -10.53 -13.28 27.77
CA GLU D 310 -11.37 -13.26 26.58
C GLU D 310 -11.44 -14.68 26.02
N TYR D 311 -12.08 -14.83 24.86
CA TYR D 311 -12.51 -16.11 24.36
C TYR D 311 -11.44 -17.18 24.14
N VAL D 312 -11.48 -18.21 24.95
CA VAL D 312 -10.69 -19.38 24.66
C VAL D 312 -11.60 -20.62 24.70
N GLY D 313 -11.60 -21.39 23.63
CA GLY D 313 -12.41 -22.60 23.58
C GLY D 313 -11.71 -23.86 23.09
N PHE D 314 -12.50 -24.72 22.45
CA PHE D 314 -12.03 -26.05 22.08
C PHE D 314 -12.88 -26.63 20.98
N SER D 315 -12.24 -27.11 19.93
CA SER D 315 -12.97 -27.77 18.87
C SER D 315 -12.72 -29.24 18.98
N ASN D 316 -13.74 -29.99 19.41
CA ASN D 316 -13.63 -31.44 19.58
C ASN D 316 -13.67 -32.10 18.21
N ALA D 317 -14.38 -31.47 17.29
CA ALA D 317 -14.43 -31.93 15.92
C ALA D 317 -13.03 -31.93 15.30
N THR D 318 -12.32 -30.80 15.47
CA THR D 318 -10.95 -30.68 15.00
C THR D 318 -10.05 -31.66 15.74
N PHE D 319 -10.27 -31.83 17.02
CA PHE D 319 -9.48 -32.78 17.79
C PHE D 319 -9.63 -34.20 17.25
N GLN D 320 -10.86 -34.62 16.97
CA GLN D 320 -11.12 -35.96 16.44
C GLN D 320 -10.47 -36.16 15.07
N SER D 321 -10.65 -35.19 14.19
CA SER D 321 -10.03 -35.21 12.88
C SER D 321 -8.51 -35.27 12.96
N GLU D 322 -7.92 -34.44 13.81
CA GLU D 322 -6.49 -34.37 13.95
C GLU D 322 -5.88 -35.71 14.41
N ARG D 323 -6.58 -36.40 15.29
CA ARG D 323 -6.05 -37.62 15.90
C ARG D 323 -6.22 -38.87 15.04
N GLU D 324 -7.17 -38.85 14.12
CA GLU D 324 -7.37 -39.95 13.19
C GLU D 324 -6.74 -39.61 11.86
N SER D 325 -5.69 -38.81 11.92
CA SER D 325 -5.03 -38.32 10.73
C SER D 325 -3.66 -37.80 11.09
N GLY D 326 -3.16 -38.26 12.23
CA GLY D 326 -1.88 -37.81 12.71
C GLY D 326 -0.84 -38.90 12.59
N ASP D 327 -0.78 -39.51 11.40
CA ASP D 327 0.20 -40.55 11.12
C ASP D 327 1.58 -40.00 11.28
N ARG D 328 1.79 -38.78 10.77
CA ARG D 328 3.10 -38.20 10.88
C ARG D 328 3.38 -37.88 12.32
N ASN D 329 2.41 -37.53 13.17
CA ASN D 329 2.90 -37.17 14.50
C ASN D 329 3.03 -38.45 15.31
N PHE D 330 2.31 -39.50 14.94
CA PHE D 330 2.60 -40.80 15.56
C PHE D 330 3.98 -41.32 15.16
N ALA D 331 4.37 -41.08 13.92
CA ALA D 331 5.70 -41.44 13.44
C ALA D 331 6.74 -40.67 14.25
N ILE D 332 6.50 -39.38 14.43
CA ILE D 332 7.37 -38.58 15.28
C ILE D 332 7.38 -39.08 16.73
N GLY D 333 6.20 -39.36 17.28
CA GLY D 333 6.07 -39.87 18.63
C GLY D 333 6.85 -41.15 18.92
N TYR D 334 6.72 -42.13 18.05
CA TYR D 334 7.48 -43.35 18.19
C TYR D 334 8.98 -43.10 18.02
N TYR D 335 9.36 -42.33 17.01
CA TYR D 335 10.76 -41.94 16.85
C TYR D 335 11.38 -41.31 18.10
N LEU D 336 10.67 -40.34 18.68
CA LEU D 336 11.08 -39.66 19.91
C LEU D 336 11.19 -40.62 21.09
N LYS D 337 10.17 -41.45 21.24
CA LYS D 337 10.18 -42.50 22.26
C LYS D 337 11.39 -43.42 22.15
N GLU D 338 11.63 -43.96 20.96
CA GLU D 338 12.79 -44.83 20.75
C GLU D 338 14.09 -44.11 21.06
N LYS D 339 14.19 -42.84 20.69
CA LYS D 339 15.39 -42.06 20.96
C LYS D 339 15.45 -41.51 22.37
N LYS D 340 14.48 -41.91 23.20
CA LYS D 340 14.43 -41.50 24.59
C LYS D 340 14.40 -39.98 24.77
N CYS D 341 13.60 -39.31 23.95
CA CYS D 341 13.56 -37.87 23.95
C CYS D 341 12.67 -37.29 25.04
N PHE D 342 11.81 -38.13 25.60
CA PHE D 342 10.84 -37.75 26.59
C PHE D 342 11.35 -37.85 28.04
N PRO D 343 10.72 -37.10 28.95
CA PRO D 343 11.03 -37.28 30.37
C PRO D 343 10.63 -38.67 30.84
N GLU D 344 11.42 -39.22 31.75
CA GLU D 344 11.13 -40.52 32.34
C GLU D 344 9.67 -40.59 32.78
N GLY D 345 9.00 -41.69 32.46
CA GLY D 345 7.64 -41.88 32.91
C GLY D 345 6.61 -41.22 32.02
N THR D 346 7.00 -41.01 30.77
CA THR D 346 6.09 -40.44 29.81
C THR D 346 5.28 -41.53 29.15
N ASP D 347 3.98 -41.31 29.03
CA ASP D 347 3.18 -42.12 28.15
C ASP D 347 3.05 -41.38 26.85
N MET D 348 3.81 -41.84 25.87
CA MET D 348 3.94 -41.13 24.63
C MET D 348 2.59 -41.03 23.91
N VAL D 349 1.80 -42.08 23.95
CA VAL D 349 0.53 -42.07 23.24
C VAL D 349 -0.47 -41.10 23.88
N GLY D 350 -0.40 -40.92 25.20
CA GLY D 350 -1.22 -39.93 25.87
C GLY D 350 -0.83 -38.52 25.50
N ILE D 351 0.47 -38.26 25.51
CA ILE D 351 1.05 -37.01 25.07
C ILE D 351 0.62 -36.66 23.66
N LEU D 352 0.66 -37.61 22.75
CA LEU D 352 0.15 -37.31 21.43
C LEU D 352 -1.34 -37.02 21.49
N ASP D 353 -2.05 -37.41 22.55
CA ASP D 353 -3.48 -37.11 22.60
C ASP D 353 -3.69 -35.70 23.17
N PHE D 354 -2.82 -35.34 24.11
CA PHE D 354 -2.79 -34.03 24.72
C PHE D 354 -2.42 -32.92 23.70
N TYR D 355 -1.37 -33.17 22.93
CA TYR D 355 -0.90 -32.29 21.83
C TYR D 355 -1.98 -31.95 20.77
N PHE D 356 -2.69 -32.97 20.27
CA PHE D 356 -3.84 -32.80 19.37
C PHE D 356 -4.91 -31.96 20.02
N GLN D 357 -5.08 -32.10 21.32
CA GLN D 357 -6.04 -31.26 22.02
C GLN D 357 -5.61 -29.81 22.01
N LEU D 358 -4.36 -29.59 22.37
CA LEU D 358 -3.78 -28.26 22.39
C LEU D 358 -3.92 -27.57 21.05
N CYS D 359 -3.79 -28.33 19.96
CA CYS D 359 -3.89 -27.80 18.60
C CYS D 359 -5.33 -27.42 18.23
N SER D 360 -6.27 -27.97 18.97
CA SER D 360 -7.66 -27.82 18.63
C SER D 360 -8.32 -26.78 19.50
N ILE D 361 -7.53 -26.19 20.39
CA ILE D 361 -7.99 -25.06 21.19
C ILE D 361 -8.39 -23.90 20.28
N GLU D 362 -9.52 -23.28 20.60
CA GLU D 362 -10.05 -22.19 19.77
C GLU D 362 -9.84 -20.82 20.35
N VAL D 363 -9.73 -19.84 19.45
CA VAL D 363 -9.66 -18.43 19.80
C VAL D 363 -10.36 -17.59 18.75
N THR D 364 -10.47 -16.30 19.00
CA THR D 364 -10.77 -15.36 17.94
C THR D 364 -9.53 -14.50 17.71
N CYS D 365 -9.53 -13.70 16.65
CA CYS D 365 -8.52 -12.68 16.43
C CYS D 365 -8.35 -11.78 17.64
N GLU D 366 -9.46 -11.36 18.23
CA GLU D 366 -9.39 -10.45 19.37
C GLU D 366 -8.78 -11.06 20.61
N SER D 367 -9.16 -12.27 20.97
CA SER D 367 -8.66 -12.81 22.21
C SER D 367 -7.21 -13.25 22.03
N ALA D 368 -6.90 -13.80 20.85
CA ALA D 368 -5.53 -14.17 20.53
C ALA D 368 -4.58 -12.96 20.46
N SER D 369 -5.07 -11.82 19.95
CA SER D 369 -4.26 -10.60 19.92
C SER D 369 -3.84 -10.14 21.32
N VAL D 370 -4.64 -10.49 22.32
CA VAL D 370 -4.32 -10.18 23.72
C VAL D 370 -3.20 -11.08 24.22
N MET D 371 -3.26 -12.37 23.85
CA MET D 371 -2.21 -13.31 24.20
C MET D 371 -0.88 -12.83 23.63
N ALA D 372 -0.92 -12.39 22.39
CA ALA D 372 0.22 -11.82 21.71
C ALA D 372 0.70 -10.54 22.40
N ALA D 373 -0.23 -9.76 22.93
CA ALA D 373 0.13 -8.55 23.66
C ALA D 373 0.80 -8.85 25.00
N THR D 374 0.45 -9.95 25.63
CA THR D 374 1.10 -10.37 26.85
C THR D 374 2.56 -10.68 26.57
N LEU D 375 2.80 -11.32 25.44
CA LEU D 375 4.16 -11.60 24.97
C LEU D 375 4.87 -10.32 24.55
N ALA D 376 4.14 -9.37 23.96
CA ALA D 376 4.69 -8.06 23.64
C ALA D 376 5.05 -7.26 24.90
N ASN D 377 4.32 -7.52 25.99
CA ASN D 377 4.41 -6.76 27.21
C ASN D 377 5.24 -7.42 28.35
N GLY D 378 6.24 -8.24 28.00
CA GLY D 378 7.12 -8.87 28.99
C GLY D 378 6.46 -9.86 29.94
N GLY D 379 5.30 -10.40 29.58
CA GLY D 379 4.61 -11.37 30.40
C GLY D 379 3.38 -10.85 31.17
N PHE D 380 3.17 -9.55 31.15
CA PHE D 380 2.03 -8.96 31.80
C PHE D 380 0.88 -8.82 30.83
N CYS D 381 -0.28 -9.32 31.22
CA CYS D 381 -1.42 -9.17 30.35
C CYS D 381 -1.86 -7.71 30.37
N PRO D 382 -1.88 -7.08 29.21
CA PRO D 382 -2.14 -5.64 29.11
C PRO D 382 -3.52 -5.21 29.61
N ILE D 383 -4.54 -6.05 29.50
CA ILE D 383 -5.89 -5.60 29.87
C ILE D 383 -6.32 -6.03 31.28
N THR D 384 -5.42 -6.64 32.03
CA THR D 384 -5.72 -6.99 33.41
C THR D 384 -4.64 -6.53 34.36
N GLY D 385 -3.42 -6.37 33.85
CA GLY D 385 -2.27 -6.01 34.66
C GLY D 385 -1.59 -7.19 35.31
N GLU D 386 -2.10 -8.39 35.05
CA GLU D 386 -1.55 -9.56 35.70
C GLU D 386 -0.27 -10.08 35.07
N ARG D 387 0.68 -10.45 35.93
CA ARG D 387 1.85 -11.18 35.51
C ARG D 387 1.43 -12.59 35.15
N VAL D 388 1.57 -12.93 33.89
CA VAL D 388 1.19 -14.26 33.44
C VAL D 388 2.40 -15.14 33.20
N LEU D 389 3.43 -14.57 32.58
CA LEU D 389 4.64 -15.32 32.24
C LEU D 389 5.87 -14.66 32.81
N SER D 390 6.83 -15.44 33.23
CA SER D 390 8.13 -14.88 33.60
C SER D 390 8.79 -14.21 32.38
N PRO D 391 9.58 -13.15 32.59
CA PRO D 391 10.27 -12.48 31.47
C PRO D 391 11.18 -13.41 30.69
N GLU D 392 11.78 -14.37 31.38
CA GLU D 392 12.57 -15.43 30.78
C GLU D 392 11.74 -16.20 29.72
N ALA D 393 10.57 -16.66 30.12
CA ALA D 393 9.65 -17.36 29.24
C ALA D 393 9.33 -16.59 27.95
N VAL D 394 9.11 -15.29 28.08
CA VAL D 394 8.61 -14.46 27.00
C VAL D 394 9.73 -14.15 26.02
N ARG D 395 10.90 -13.85 26.55
CA ARG D 395 12.11 -13.67 25.76
C ARG D 395 12.44 -14.90 24.92
N ASN D 396 12.60 -16.05 25.59
CA ASN D 396 12.85 -17.31 24.92
C ASN D 396 11.87 -17.57 23.81
N THR D 397 10.60 -17.40 24.12
CA THR D 397 9.53 -17.60 23.15
C THR D 397 9.63 -16.64 21.99
N LEU D 398 9.86 -15.36 22.29
CA LEU D 398 9.99 -14.35 21.25
C LEU D 398 11.20 -14.62 20.37
N SER D 399 12.27 -15.12 20.98
CA SER D 399 13.47 -15.48 20.23
C SER D 399 13.20 -16.56 19.18
N LEU D 400 12.54 -17.63 19.60
CA LEU D 400 12.30 -18.77 18.73
C LEU D 400 11.16 -18.52 17.76
N MET D 401 10.29 -17.56 18.04
CA MET D 401 9.27 -17.18 17.08
C MET D 401 9.90 -16.35 15.96
N HIS D 402 10.94 -15.60 16.28
CA HIS D 402 11.70 -14.85 15.30
C HIS D 402 12.32 -15.78 14.24
N SER D 403 13.09 -16.76 14.69
CA SER D 403 13.82 -17.60 13.77
C SER D 403 13.05 -18.83 13.26
N CYS D 404 12.05 -19.29 14.00
CA CYS D 404 11.47 -20.62 13.71
C CYS D 404 9.97 -20.66 13.52
N GLY D 405 9.30 -19.51 13.46
CA GLY D 405 7.86 -19.49 13.63
C GLY D 405 6.97 -19.53 12.40
N MET D 406 7.57 -19.51 11.22
CA MET D 406 6.82 -19.37 9.98
C MET D 406 7.18 -20.47 8.99
N TYR D 407 7.59 -21.61 9.52
CA TYR D 407 8.01 -22.80 8.77
C TYR D 407 9.19 -22.48 7.86
N ASP D 408 9.11 -22.95 6.62
CA ASP D 408 10.20 -22.71 5.67
C ASP D 408 10.32 -21.25 5.30
N PHE D 409 9.40 -20.43 5.76
CA PHE D 409 9.43 -19.00 5.45
C PHE D 409 10.03 -18.22 6.59
N SER D 410 10.46 -18.93 7.62
CA SER D 410 11.01 -18.32 8.81
C SER D 410 12.17 -17.35 8.54
N GLY D 411 13.11 -17.75 7.69
CA GLY D 411 14.25 -16.93 7.38
C GLY D 411 13.92 -15.69 6.58
N GLN D 412 13.08 -15.86 5.55
CA GLN D 412 12.61 -14.74 4.74
C GLN D 412 11.82 -13.74 5.60
N PHE D 413 11.02 -14.28 6.49
CA PHE D 413 10.13 -13.49 7.30
C PHE D 413 10.94 -12.69 8.30
N ALA D 414 11.88 -13.36 8.95
CA ALA D 414 12.80 -12.72 9.86
C ALA D 414 13.56 -11.61 9.16
N PHE D 415 14.09 -11.90 7.98
CA PHE D 415 14.79 -10.90 7.22
C PHE D 415 13.90 -9.73 6.86
N HIS D 416 12.70 -10.00 6.37
CA HIS D 416 11.91 -8.94 5.80
C HIS D 416 10.97 -8.25 6.80
N VAL D 417 10.38 -9.00 7.72
CA VAL D 417 9.38 -8.44 8.60
C VAL D 417 10.02 -8.11 9.93
N GLY D 418 10.92 -8.98 10.35
CA GLY D 418 11.70 -8.75 11.53
C GLY D 418 10.82 -8.66 12.74
N LEU D 419 9.82 -9.54 12.79
CA LEU D 419 8.91 -9.58 13.91
C LEU D 419 8.76 -11.03 14.32
N PRO D 420 8.72 -11.30 15.63
CA PRO D 420 8.41 -12.65 16.12
C PRO D 420 6.97 -13.03 15.79
N ALA D 421 6.78 -14.17 15.15
CA ALA D 421 5.47 -14.54 14.70
C ALA D 421 5.30 -16.05 14.66
N LYS D 422 4.05 -16.50 14.72
CA LYS D 422 3.76 -17.91 14.60
C LYS D 422 2.52 -18.15 13.78
N SER D 423 2.64 -19.00 12.77
CA SER D 423 1.50 -19.33 11.94
C SER D 423 0.97 -20.72 12.28
N GLY D 424 -0.26 -20.96 11.85
CA GLY D 424 -0.92 -22.22 12.06
C GLY D 424 -1.78 -22.50 10.86
N VAL D 425 -2.13 -23.77 10.68
CA VAL D 425 -2.73 -24.27 9.46
C VAL D 425 -4.19 -23.80 9.29
N ALA D 426 -4.77 -23.28 10.36
CA ALA D 426 -6.10 -22.67 10.27
C ALA D 426 -6.07 -21.30 9.59
N GLY D 427 -4.88 -20.71 9.49
CA GLY D 427 -4.74 -19.41 8.84
C GLY D 427 -4.40 -18.32 9.82
N GLY D 428 -4.13 -18.69 11.06
CA GLY D 428 -3.78 -17.74 12.08
C GLY D 428 -2.33 -17.34 12.00
N ILE D 429 -2.06 -16.07 12.25
CA ILE D 429 -0.70 -15.65 12.51
C ILE D 429 -0.69 -14.80 13.76
N LEU D 430 -0.12 -15.38 14.80
CA LEU D 430 0.14 -14.68 16.03
C LEU D 430 1.34 -13.75 15.86
N LEU D 431 1.16 -12.46 16.04
CA LEU D 431 2.24 -11.53 15.75
C LEU D 431 2.63 -10.65 16.94
N VAL D 432 3.91 -10.55 17.22
CA VAL D 432 4.31 -9.72 18.36
C VAL D 432 5.20 -8.57 17.90
N VAL D 433 4.81 -7.35 18.24
CA VAL D 433 5.70 -6.20 18.09
C VAL D 433 6.13 -5.80 19.48
N PRO D 434 7.30 -6.28 19.91
CA PRO D 434 7.74 -6.13 21.28
C PRO D 434 7.70 -4.69 21.76
N ASN D 435 7.23 -4.51 23.00
CA ASN D 435 7.09 -3.19 23.62
C ASN D 435 6.03 -2.31 22.99
N VAL D 436 5.28 -2.83 22.03
CA VAL D 436 4.30 -2.01 21.33
C VAL D 436 2.93 -2.65 21.30
N MET D 437 2.81 -3.79 20.64
CA MET D 437 1.50 -4.42 20.49
C MET D 437 1.60 -5.86 20.15
N GLY D 438 0.49 -6.57 20.33
CA GLY D 438 0.35 -7.92 19.87
C GLY D 438 -0.74 -7.89 18.83
N MET D 439 -0.72 -8.85 17.92
CA MET D 439 -1.77 -8.99 16.93
C MET D 439 -2.07 -10.43 16.64
N MET D 440 -3.28 -10.66 16.16
CA MET D 440 -3.63 -11.90 15.51
C MET D 440 -4.22 -11.57 14.16
N CYS D 441 -3.70 -12.21 13.14
CA CYS D 441 -4.28 -12.12 11.81
C CYS D 441 -4.84 -13.47 11.46
N TRP D 442 -5.97 -13.51 10.80
CA TRP D 442 -6.55 -14.78 10.44
C TRP D 442 -7.28 -14.74 9.09
N SER D 443 -6.84 -15.61 8.20
CA SER D 443 -7.42 -15.81 6.89
C SER D 443 -7.03 -17.22 6.45
N PRO D 444 -8.01 -18.13 6.33
CA PRO D 444 -7.77 -19.56 6.10
C PRO D 444 -6.95 -19.96 4.87
N PRO D 445 -7.01 -19.22 3.74
CA PRO D 445 -6.14 -19.71 2.65
C PRO D 445 -4.64 -19.57 2.94
N LEU D 446 -3.94 -20.68 2.79
CA LEU D 446 -2.50 -20.74 3.05
C LEU D 446 -1.70 -20.69 1.76
N ASP D 447 -0.47 -20.20 1.80
CA ASP D 447 0.43 -20.36 0.65
C ASP D 447 1.09 -21.74 0.69
N LYS D 448 1.99 -22.01 -0.23
CA LYS D 448 2.54 -23.35 -0.34
C LYS D 448 3.51 -23.68 0.78
N MET D 449 3.84 -22.69 1.60
CA MET D 449 4.64 -22.97 2.77
C MET D 449 3.79 -23.22 4.01
N GLY D 450 2.49 -22.96 3.91
CA GLY D 450 1.57 -23.21 5.01
C GLY D 450 1.17 -21.98 5.81
N ASN D 451 1.58 -20.81 5.34
CA ASN D 451 1.22 -19.55 5.99
C ASN D 451 0.04 -18.89 5.31
N SER D 452 -0.78 -18.19 6.09
CA SER D 452 -1.90 -17.46 5.55
C SER D 452 -1.41 -16.43 4.56
N VAL D 453 -2.06 -16.34 3.41
CA VAL D 453 -1.59 -15.50 2.35
C VAL D 453 -1.76 -14.04 2.74
N LYS D 454 -2.97 -13.69 3.15
CA LYS D 454 -3.30 -12.32 3.55
C LYS D 454 -2.51 -11.88 4.78
N GLY D 455 -2.34 -12.80 5.73
CA GLY D 455 -1.54 -12.55 6.91
C GLY D 455 -0.12 -12.16 6.53
N ILE D 456 0.47 -12.92 5.61
CA ILE D 456 1.83 -12.68 5.17
C ILE D 456 1.95 -11.34 4.45
N HIS D 457 0.94 -11.01 3.66
CA HIS D 457 0.93 -9.77 2.92
C HIS D 457 0.79 -8.56 3.83
N PHE D 458 -0.19 -8.64 4.74
CA PHE D 458 -0.38 -7.68 5.81
C PHE D 458 0.87 -7.45 6.65
N CYS D 459 1.51 -8.53 7.08
CA CYS D 459 2.72 -8.43 7.90
C CYS D 459 3.85 -7.70 7.20
N HIS D 460 4.05 -7.98 5.91
CA HIS D 460 5.08 -7.29 5.14
C HIS D 460 4.78 -5.80 5.08
N ASP D 461 3.55 -5.49 4.68
CA ASP D 461 3.08 -4.12 4.57
C ASP D 461 3.16 -3.36 5.87
N LEU D 462 2.78 -4.02 6.97
CA LEU D 462 2.84 -3.40 8.27
C LEU D 462 4.22 -2.82 8.53
N VAL D 463 5.25 -3.59 8.18
CA VAL D 463 6.62 -3.18 8.44
C VAL D 463 7.21 -2.29 7.32
N SER D 464 6.61 -2.33 6.13
CA SER D 464 6.93 -1.32 5.13
C SER D 464 6.47 0.06 5.60
N LEU D 465 5.38 0.09 6.36
CA LEU D 465 4.76 1.32 6.80
C LEU D 465 5.41 1.89 8.05
N CYS D 466 5.56 1.05 9.06
CA CYS D 466 6.00 1.49 10.37
C CYS D 466 7.34 0.91 10.74
N ASN D 467 8.09 1.63 11.54
CA ASN D 467 9.44 1.23 11.88
C ASN D 467 9.45 0.16 12.96
N PHE D 468 8.73 -0.93 12.69
CA PHE D 468 8.52 -1.98 13.66
C PHE D 468 9.48 -3.13 13.50
N HIS D 469 10.17 -3.18 12.36
CA HIS D 469 11.20 -4.18 12.13
C HIS D 469 12.15 -4.15 13.29
N ASN D 470 12.54 -5.33 13.75
CA ASN D 470 13.36 -5.45 14.95
C ASN D 470 14.70 -4.75 14.80
N TYR D 471 15.14 -4.58 13.57
CA TYR D 471 16.42 -3.93 13.34
C TYR D 471 16.22 -2.66 12.52
N ASP D 472 15.02 -2.12 12.61
CA ASP D 472 14.77 -0.72 12.35
C ASP D 472 15.42 0.11 13.46
N ASN D 473 15.80 1.33 13.11
CA ASN D 473 16.32 2.27 14.07
C ASN D 473 15.20 3.17 14.56
N LEU D 474 15.18 3.44 15.85
CA LEU D 474 14.09 4.22 16.45
C LEU D 474 14.20 5.69 16.16
N ARG D 475 15.39 6.12 15.79
CA ARG D 475 15.69 7.51 15.62
C ARG D 475 15.84 7.87 14.14
N HIS D 476 16.53 7.02 13.40
CA HIS D 476 16.74 7.25 11.97
C HIS D 476 16.06 6.15 11.17
N PHE D 477 14.87 6.41 10.64
CA PHE D 477 14.12 5.35 9.99
C PHE D 477 13.51 5.79 8.66
N ALA D 478 14.21 6.67 7.96
CA ALA D 478 13.83 7.09 6.62
C ALA D 478 12.42 7.62 6.62
N LYS D 479 11.62 7.19 5.65
CA LYS D 479 10.27 7.71 5.53
C LYS D 479 9.23 6.72 6.05
N LYS D 480 9.64 5.86 6.96
CA LYS D 480 8.70 5.03 7.66
C LYS D 480 7.95 5.86 8.70
N LEU D 481 6.72 5.46 8.96
CA LEU D 481 5.93 6.02 10.02
C LEU D 481 6.31 5.41 11.38
N ASP D 482 6.34 6.23 12.43
CA ASP D 482 6.52 5.69 13.78
C ASP D 482 5.31 6.04 14.62
N PRO D 483 4.43 5.05 14.86
CA PRO D 483 3.21 5.24 15.66
C PRO D 483 3.44 5.57 17.12
N ARG D 484 4.65 5.40 17.65
CA ARG D 484 4.95 5.72 19.04
C ARG D 484 5.18 7.21 19.31
N ARG D 485 5.19 8.00 18.25
CA ARG D 485 5.47 9.41 18.37
C ARG D 485 4.30 10.19 17.78
N GLU D 486 4.16 11.44 18.20
CA GLU D 486 3.06 12.27 17.74
C GLU D 486 3.40 12.93 16.41
N GLY D 487 4.45 12.42 15.76
CA GLY D 487 4.88 12.92 14.45
C GLY D 487 4.89 11.80 13.40
C10 5XX E . 32.36 -33.00 2.08
C13 5XX E . 32.22 -35.31 5.28
C15 5XX E . 32.23 -35.30 7.80
C17 5XX E . 34.05 -34.39 9.08
C22 5XX E . 28.05 -28.13 -2.10
C28 5XX E . 23.70 -28.73 -1.05
C01 5XX E . 31.83 -28.42 -1.65
C02 5XX E . 30.54 -27.58 -1.44
N03 5XX E . 29.38 -28.53 -1.76
C04 5XX E . 29.94 -29.66 -2.06
C05 5XX E . 31.43 -29.60 -1.41
N06 5XX E . 31.36 -29.72 0.01
C07 5XX E . 31.78 -30.97 0.61
N08 5XX E . 32.29 -32.03 -0.02
N09 5XX E . 32.60 -33.10 0.76
N11 5XX E . 32.60 -34.02 3.07
C12 5XX E . 31.91 -34.15 4.32
C14 5XX E . 32.87 -34.96 6.61
C16 5XX E . 32.82 -35.01 9.02
C18 5XX E . 34.71 -34.06 7.90
C19 5XX E . 34.12 -34.36 6.68
O20 5XX E . 31.07 -33.35 4.63
S21 5XX E . 31.70 -31.41 2.27
N23 5XX E . 27.48 -26.92 -1.94
N24 5XX E . 26.19 -26.82 -2.35
C25 5XX E . 25.64 -27.92 -2.88
N26 5XX E . 24.31 -28.04 -3.39
C27 5XX E . 23.28 -28.46 -2.50
C29 5XX E . 23.65 -30.14 -0.46
C30 5XX E . 22.51 -30.61 0.19
C31 5XX E . 22.49 -31.89 0.74
C32 5XX E . 23.64 -32.69 0.65
C33 5XX E . 24.78 -32.22 0.03
C34 5XX E . 24.79 -30.94 -0.53
O35 5XX E . 22.13 -28.55 -2.88
S36 5XX E . 26.86 -29.14 -2.82
C10 5XX F . 17.43 -37.59 12.36
C13 5XX F . 21.01 -36.53 13.51
C15 5XX F . 21.36 -34.45 12.14
C17 5XX F . 23.29 -34.19 10.73
C22 5XX F . 13.22 -38.53 6.56
C28 5XX F . 13.96 -37.77 0.32
C01 5XX F . 13.97 -40.42 9.81
C02 5XX F . 14.47 -39.83 8.47
N03 5XX F . 13.31 -38.97 7.92
C04 5XX F . 12.38 -39.08 8.83
C05 5XX F . 13.16 -39.51 10.19
N06 5XX F . 13.88 -38.35 10.67
C07 5XX F . 15.25 -38.24 11.17
N08 5XX F . 16.37 -38.91 10.83
N09 5XX F . 17.52 -38.58 11.45
N11 5XX F . 18.49 -37.01 13.16
C12 5XX F . 19.86 -37.15 12.73
C14 5XX F . 21.82 -35.70 12.53
C16 5XX F . 22.09 -33.69 11.23
C18 5XX F . 23.75 -35.44 11.12
C19 5XX F . 23.02 -36.19 12.02
O20 5XX F . 20.11 -37.78 11.74
S21 5XX F . 15.78 -37.12 12.36
N23 5XX F . 13.36 -37.28 6.08
N24 5XX F . 13.23 -37.11 4.75
C25 5XX F . 12.99 -38.20 4.01
N26 5XX F . 12.82 -38.29 2.59
C27 5XX F . 13.91 -37.75 1.84
C29 5XX F . 13.12 -36.67 -0.35
C30 5XX F . 13.72 -35.48 -0.68
C31 5XX F . 12.98 -34.48 -1.31
C32 5XX F . 11.63 -34.70 -1.60
C33 5XX F . 11.02 -35.90 -1.28
C34 5XX F . 11.77 -36.89 -0.65
O35 5XX F . 14.84 -37.27 2.43
S36 5XX F . 12.93 -39.48 5.15
#